data_3B07
#
_entry.id   3B07
#
_cell.length_a   206.454
_cell.length_b   206.141
_cell.length_c   190.299
_cell.angle_alpha   90.000
_cell.angle_beta   90.000
_cell.angle_gamma   90.000
#
_symmetry.space_group_name_H-M   'C 2 2 21'
#
loop_
_entity.id
_entity.type
_entity.pdbx_description
1 polymer 'Gamma-hemolysin component B'
2 polymer 'Gamma-hemolysin component A'
3 non-polymer (4S)-2-METHYL-2,4-PENTANEDIOL
4 water water
#
loop_
_entity_poly.entity_id
_entity_poly.type
_entity_poly.pdbx_seq_one_letter_code
_entity_poly.pdbx_strand_id
1 'polypeptide(L)'
;MGHHHHHHAMEGKITPVSVKKVDDKVTLYKTTATADSDKFKISQILTFNFIKDKSYDKDTLVLKATGNINSGFVKPNPND
YDFSKLYWGAKYNVSISSQSNDSVNVVDYAPKNQNEEFQVQNTLGYTFGGDISISNGLSGGLNGNTAFSETINYKQESYR
TTLSRNTNYKNVGWGVEAHKIMNNGWGPYGRDSFHPTYGNELFLAGRQSSAYAGQNFIAQHQMPLLSRSNFNPEFLSVLS
HRQDGAKKSKITVTYQREMDLYQICWNGFYWAGANYKNFKTRTFKSTYEIDWENHKVKLLDTKETENNK
;
A,C,E,G
2 'polypeptide(L)'
;MGHHHHHHAMENKIEDIGQGAEIIKRTQDITSKRLAITQNIQFDFVKDKKYNKDALVVKMQGFISSRTTYSDLKKYPYIK
RMIWPFQYNISLKTKDSNVDLINYLPKNKIDSADVSQKLGYNIGGNFQSAPSIGGSGSFNYSKTISYNQKNYVTEVESQN
SKGVKWGVKANSFVTPNGQVSAYDQYLFAQDPTGPAARDYFVPDNQLPPLIQSGFNPSFITTLSHERGKGDKSEFEITYG
RNMDATYAYVTRHRLAVDRKHDAFKNRNVTVKYEVNWKTHEVKIKSITPK
;
B,D,F,H
#
loop_
_chem_comp.id
_chem_comp.type
_chem_comp.name
_chem_comp.formula
MPD non-polymer (4S)-2-METHYL-2,4-PENTANEDIOL 'C6 H14 O2'
#
# COMPACT_ATOMS: atom_id res chain seq x y z
N VAL A 26 -16.16 13.60 -34.38
CA VAL A 26 -14.84 14.23 -34.04
C VAL A 26 -13.73 13.90 -35.04
N THR A 27 -13.13 14.96 -35.59
CA THR A 27 -11.96 14.84 -36.47
C THR A 27 -10.78 15.65 -35.95
N LEU A 28 -9.59 15.09 -36.10
CA LEU A 28 -8.37 15.66 -35.54
C LEU A 28 -7.29 15.91 -36.59
N TYR A 29 -6.72 17.11 -36.54
CA TYR A 29 -5.64 17.51 -37.46
C TYR A 29 -4.45 18.02 -36.67
N LYS A 30 -3.28 17.47 -36.96
CA LYS A 30 -2.08 17.82 -36.21
C LYS A 30 -1.04 18.55 -37.05
N THR A 31 -0.33 19.42 -36.38
CA THR A 31 0.87 20.03 -36.93
C THR A 31 1.78 20.49 -35.81
N THR A 32 2.94 21.00 -36.20
CA THR A 32 3.94 21.48 -35.27
C THR A 32 4.65 22.69 -35.84
N ALA A 33 5.12 23.53 -34.93
CA ALA A 33 5.96 24.67 -35.28
C ALA A 33 7.01 24.84 -34.20
N THR A 34 8.15 25.40 -34.61
CA THR A 34 9.26 25.65 -33.70
C THR A 34 9.91 27.00 -33.94
N ALA A 35 10.64 27.46 -32.93
CA ALA A 35 11.34 28.74 -32.99
C ALA A 35 12.49 28.80 -31.98
N ASP A 36 13.66 29.18 -32.47
CA ASP A 36 14.88 29.20 -31.66
C ASP A 36 15.45 30.59 -31.44
N SER A 37 15.85 30.83 -30.20
CA SER A 37 16.75 31.93 -29.85
C SER A 37 18.07 31.33 -29.41
N ASP A 38 18.94 31.10 -30.39
CA ASP A 38 20.24 30.52 -30.13
C ASP A 38 21.07 31.36 -29.15
N LYS A 39 20.88 32.68 -29.22
CA LYS A 39 21.63 33.61 -28.39
C LYS A 39 21.32 33.46 -26.91
N PHE A 40 20.03 33.36 -26.60
CA PHE A 40 19.55 33.19 -25.21
C PHE A 40 19.48 31.72 -24.74
N LYS A 41 19.71 30.80 -25.66
CA LYS A 41 19.54 29.35 -25.39
C LYS A 41 18.11 29.11 -24.88
N ILE A 42 17.18 29.71 -25.59
CA ILE A 42 15.75 29.51 -25.40
C ILE A 42 15.18 28.97 -26.70
N SER A 43 14.32 27.96 -26.58
CA SER A 43 13.74 27.28 -27.74
C SER A 43 12.30 26.86 -27.49
N GLN A 44 11.46 27.09 -28.50
CA GLN A 44 10.04 26.81 -28.41
C GLN A 44 9.65 25.69 -29.34
N ILE A 45 9.03 24.68 -28.75
CA ILE A 45 8.38 23.59 -29.48
C ILE A 45 6.90 23.70 -29.21
N LEU A 46 6.14 23.91 -30.26
CA LEU A 46 4.69 24.00 -30.17
C LEU A 46 4.07 22.89 -30.97
N THR A 47 3.18 22.17 -30.30
CA THR A 47 2.44 21.06 -30.90
C THR A 47 0.96 21.43 -30.92
N PHE A 48 0.34 21.27 -32.09
CA PHE A 48 -1.02 21.74 -32.35
C PHE A 48 -1.93 20.59 -32.72
N ASN A 49 -3.04 20.49 -32.00
CA ASN A 49 -4.13 19.59 -32.36
C ASN A 49 -5.39 20.38 -32.63
N PHE A 50 -5.74 20.48 -33.91
CA PHE A 50 -7.01 21.09 -34.34
C PHE A 50 -8.11 20.06 -34.27
N ILE A 51 -9.14 20.36 -33.49
CA ILE A 51 -10.28 19.46 -33.33
C ILE A 51 -11.57 20.02 -33.93
N LYS A 52 -12.03 19.34 -34.97
CA LYS A 52 -13.36 19.53 -35.53
C LYS A 52 -14.36 18.61 -34.82
N ASP A 53 -15.21 19.21 -34.02
CA ASP A 53 -16.20 18.48 -33.21
C ASP A 53 -17.61 18.87 -33.64
N LYS A 54 -18.32 17.91 -34.21
CA LYS A 54 -19.67 18.14 -34.79
C LYS A 54 -20.70 18.60 -33.75
N SER A 55 -20.49 18.23 -32.50
CA SER A 55 -21.37 18.63 -31.40
C SER A 55 -21.11 20.08 -30.89
N TYR A 56 -20.10 20.73 -31.48
CA TYR A 56 -19.60 22.02 -31.01
C TYR A 56 -19.64 23.03 -32.14
N ASP A 57 -20.10 24.25 -31.83
CA ASP A 57 -20.33 25.27 -32.87
C ASP A 57 -19.09 26.07 -33.24
N LYS A 58 -17.97 25.73 -32.60
CA LYS A 58 -16.71 26.42 -32.83
C LYS A 58 -15.56 25.47 -33.15
N ASP A 59 -14.47 26.05 -33.64
CA ASP A 59 -13.21 25.32 -33.83
C ASP A 59 -12.44 25.27 -32.52
N THR A 60 -11.84 24.12 -32.27
CA THR A 60 -11.04 23.88 -31.07
C THR A 60 -9.56 23.67 -31.43
N LEU A 61 -8.69 24.16 -30.57
CA LEU A 61 -7.26 24.00 -30.72
C LEU A 61 -6.62 23.65 -29.39
N VAL A 62 -6.10 22.43 -29.31
CA VAL A 62 -5.25 22.04 -28.20
C VAL A 62 -3.80 22.32 -28.59
N LEU A 63 -3.16 23.10 -27.74
CA LEU A 63 -1.82 23.59 -27.99
C LEU A 63 -0.89 23.27 -26.83
N LYS A 64 0.04 22.36 -27.09
CA LYS A 64 1.09 22.01 -26.14
C LYS A 64 2.38 22.82 -26.41
N ALA A 65 2.83 23.49 -25.37
CA ALA A 65 4.04 24.27 -25.41
C ALA A 65 5.13 23.56 -24.64
N THR A 66 6.16 23.17 -25.37
CA THR A 66 7.36 22.57 -24.78
C THR A 66 8.64 23.25 -25.27
N GLY A 67 9.78 22.60 -25.02
CA GLY A 67 11.07 23.08 -25.48
C GLY A 67 12.07 23.36 -24.37
N ASN A 68 12.79 24.46 -24.51
CA ASN A 68 13.94 24.77 -23.63
C ASN A 68 14.03 26.24 -23.24
N ILE A 69 14.25 26.48 -21.96
CA ILE A 69 14.67 27.78 -21.47
C ILE A 69 15.86 27.57 -20.55
N ASN A 70 17.04 27.97 -21.03
CA ASN A 70 18.26 27.90 -20.24
C ASN A 70 18.16 28.79 -19.01
N SER A 71 18.81 28.38 -17.93
CA SER A 71 18.79 29.13 -16.67
C SER A 71 19.58 30.43 -16.73
N GLY A 72 20.49 30.51 -17.68
CA GLY A 72 21.42 31.64 -17.80
C GLY A 72 22.47 31.66 -16.70
N PHE A 73 22.67 30.50 -16.07
CA PHE A 73 23.60 30.38 -14.96
C PHE A 73 25.02 30.81 -15.35
N VAL A 74 25.61 31.62 -14.48
CA VAL A 74 26.99 32.07 -14.60
C VAL A 74 27.78 31.74 -13.33
N LYS A 75 28.84 30.94 -13.50
CA LYS A 75 29.71 30.50 -12.38
C LYS A 75 30.40 31.73 -11.75
N PRO A 76 30.64 31.68 -10.43
CA PRO A 76 31.42 32.76 -9.83
C PRO A 76 32.89 32.65 -10.18
N ASN A 77 33.58 33.79 -10.15
CA ASN A 77 35.03 33.84 -10.36
C ASN A 77 35.76 33.30 -9.12
N PRO A 78 36.50 32.20 -9.25
CA PRO A 78 37.16 31.60 -8.09
C PRO A 78 38.25 32.48 -7.48
N ASN A 79 38.78 33.39 -8.29
CA ASN A 79 39.83 34.33 -7.86
C ASN A 79 39.33 35.46 -6.96
N ASP A 80 38.02 35.68 -6.94
CA ASP A 80 37.40 36.70 -6.08
C ASP A 80 37.70 36.40 -4.61
N TYR A 81 38.13 37.42 -3.87
CA TYR A 81 38.67 37.22 -2.52
C TYR A 81 37.73 37.56 -1.36
N ASP A 82 37.44 38.84 -1.18
CA ASP A 82 36.62 39.32 -0.06
C ASP A 82 35.14 39.42 -0.42
N PHE A 83 34.90 39.54 -1.73
CA PHE A 83 33.55 39.72 -2.26
C PHE A 83 33.42 38.93 -3.56
N SER A 84 32.24 38.34 -3.76
CA SER A 84 31.95 37.57 -4.98
C SER A 84 30.47 37.49 -5.34
N LYS A 85 30.22 37.13 -6.59
CA LYS A 85 28.86 37.06 -7.13
C LYS A 85 28.66 35.95 -8.17
N LEU A 86 27.44 35.42 -8.17
CA LEU A 86 26.98 34.50 -9.24
C LEU A 86 25.58 34.84 -9.71
N TYR A 87 25.28 34.44 -10.93
CA TYR A 87 23.93 34.57 -11.50
C TYR A 87 23.28 33.21 -11.67
N TRP A 88 22.00 33.15 -11.30
CA TRP A 88 21.21 31.92 -11.37
C TRP A 88 19.78 32.13 -11.85
N GLY A 89 19.27 31.12 -12.56
CA GLY A 89 17.89 31.13 -13.07
C GLY A 89 16.88 30.93 -11.95
N ALA A 90 16.24 32.01 -11.55
CA ALA A 90 15.40 32.02 -10.34
C ALA A 90 13.91 31.91 -10.62
N LYS A 91 13.54 32.26 -11.85
CA LYS A 91 12.15 32.20 -12.26
C LYS A 91 12.01 32.10 -13.77
N TYR A 92 11.04 31.30 -14.19
CA TYR A 92 10.71 31.10 -15.61
C TYR A 92 9.26 31.48 -15.83
N ASN A 93 9.05 32.27 -16.88
CA ASN A 93 7.73 32.72 -17.26
C ASN A 93 7.42 32.27 -18.67
N VAL A 94 6.26 31.65 -18.78
CA VAL A 94 5.69 31.23 -20.06
C VAL A 94 4.30 31.81 -20.19
N SER A 95 3.96 32.25 -21.40
CA SER A 95 2.63 32.77 -21.69
C SER A 95 2.20 32.51 -23.12
N ILE A 96 0.90 32.28 -23.27
CA ILE A 96 0.25 31.99 -24.54
C ILE A 96 -0.93 32.94 -24.70
N SER A 97 -0.99 33.64 -25.83
CA SER A 97 -1.96 34.71 -26.06
C SER A 97 -2.51 34.76 -27.48
N SER A 98 -3.76 35.19 -27.57
CA SER A 98 -4.38 35.57 -28.85
C SER A 98 -4.52 37.10 -28.86
N GLN A 99 -5.06 37.64 -29.95
CA GLN A 99 -5.16 39.10 -30.14
C GLN A 99 -6.53 39.61 -29.75
N SER A 100 -6.55 40.84 -29.25
CA SER A 100 -7.78 41.46 -28.72
C SER A 100 -8.88 41.61 -29.76
N ASN A 101 -8.46 41.80 -31.01
CA ASN A 101 -9.41 42.03 -32.10
C ASN A 101 -9.98 40.75 -32.73
N ASP A 102 -9.40 39.58 -32.40
CA ASP A 102 -9.83 38.32 -33.02
C ASP A 102 -10.85 37.54 -32.18
N SER A 103 -11.36 36.47 -32.78
CA SER A 103 -12.43 35.66 -32.19
C SER A 103 -11.89 34.46 -31.41
N VAL A 104 -10.59 34.50 -31.09
CA VAL A 104 -9.94 33.38 -30.45
C VAL A 104 -9.79 33.58 -28.94
N ASN A 105 -10.44 32.70 -28.19
CA ASN A 105 -10.39 32.69 -26.72
C ASN A 105 -9.60 31.50 -26.16
N VAL A 106 -9.00 31.72 -24.98
CA VAL A 106 -8.34 30.68 -24.21
C VAL A 106 -9.35 30.15 -23.18
N VAL A 107 -9.86 28.94 -23.46
CA VAL A 107 -11.02 28.36 -22.72
C VAL A 107 -10.60 27.41 -21.58
N ASP A 108 -9.37 26.93 -21.65
CA ASP A 108 -8.84 25.98 -20.66
C ASP A 108 -7.33 25.80 -20.80
N TYR A 109 -6.72 25.26 -19.75
CA TYR A 109 -5.25 25.11 -19.70
C TYR A 109 -4.81 24.23 -18.56
N ALA A 110 -3.52 23.89 -18.56
CA ALA A 110 -2.92 23.07 -17.51
C ALA A 110 -1.43 23.34 -17.44
N PRO A 111 -0.86 23.39 -16.21
CA PRO A 111 -1.52 23.15 -14.92
C PRO A 111 -2.22 24.36 -14.34
N LYS A 112 -3.18 24.09 -13.46
CA LYS A 112 -3.91 25.12 -12.73
C LYS A 112 -3.37 25.28 -11.32
N ASN A 113 -3.78 26.36 -10.67
CA ASN A 113 -3.31 26.65 -9.32
C ASN A 113 -3.76 25.58 -8.33
N GLN A 114 -2.83 25.18 -7.48
CA GLN A 114 -3.07 24.13 -6.54
C GLN A 114 -3.63 24.66 -5.24
N ASN A 115 -4.80 24.14 -4.87
CA ASN A 115 -5.32 24.23 -3.51
C ASN A 115 -4.63 23.13 -2.68
N GLU A 116 -3.50 23.49 -2.07
CA GLU A 116 -2.56 22.49 -1.47
C GLU A 116 -3.20 21.66 -0.38
N GLU A 117 -2.73 20.42 -0.30
CA GLU A 117 -3.20 19.46 0.70
C GLU A 117 -2.07 18.89 1.53
N PHE A 118 -2.33 18.75 2.81
CA PHE A 118 -1.35 18.14 3.72
C PHE A 118 -2.04 17.33 4.82
N GLN A 119 -1.28 16.41 5.38
CA GLN A 119 -1.79 15.47 6.36
C GLN A 119 -1.37 15.92 7.73
N VAL A 120 -2.30 15.80 8.68
CA VAL A 120 -2.05 16.22 10.04
C VAL A 120 -2.32 15.10 11.05
N GLN A 121 -1.41 14.98 12.00
CA GLN A 121 -1.54 14.03 13.10
C GLN A 121 -1.39 14.74 14.44
N ASN A 122 -2.49 14.80 15.19
CA ASN A 122 -2.48 15.33 16.55
C ASN A 122 -2.47 14.17 17.55
N THR A 123 -1.44 14.15 18.39
CA THR A 123 -1.29 13.15 19.44
C THR A 123 -1.26 13.76 20.84
N LEU A 124 -2.13 13.24 21.70
CA LEU A 124 -2.15 13.57 23.12
C LEU A 124 -1.81 12.33 23.92
N GLY A 125 -0.94 12.49 24.91
CA GLY A 125 -0.46 11.38 25.71
C GLY A 125 -0.34 11.68 27.20
N TYR A 126 -0.53 10.63 28.00
CA TYR A 126 -0.46 10.75 29.45
C TYR A 126 0.14 9.50 30.09
N THR A 127 1.11 9.73 30.97
CA THR A 127 1.72 8.65 31.76
C THR A 127 1.69 8.98 33.24
N PHE A 128 1.36 7.97 34.04
CA PHE A 128 1.39 8.08 35.50
C PHE A 128 1.90 6.79 36.12
N GLY A 129 2.76 6.96 37.11
CA GLY A 129 3.45 5.84 37.73
C GLY A 129 4.03 6.15 39.10
N GLY A 130 4.36 5.08 39.82
CA GLY A 130 4.95 5.20 41.14
C GLY A 130 6.00 4.14 41.40
N ASP A 131 6.99 4.49 42.22
CA ASP A 131 8.07 3.58 42.57
C ASP A 131 8.27 3.45 44.08
N ILE A 132 8.84 2.31 44.47
CA ILE A 132 9.09 1.96 45.87
C ILE A 132 10.40 1.21 46.03
N SER A 133 11.07 1.47 47.15
CA SER A 133 12.34 0.79 47.46
C SER A 133 12.58 0.56 48.95
N ILE A 134 13.27 -0.54 49.23
CA ILE A 134 13.43 -1.03 50.62
C ILE A 134 14.87 -1.09 51.08
N SER A 135 15.10 -0.52 52.26
CA SER A 135 16.42 -0.52 52.91
C SER A 135 16.24 -0.64 54.44
N ASN A 136 17.11 0.04 55.19
CA ASN A 136 16.86 0.27 56.61
C ASN A 136 15.55 1.03 56.73
N GLY A 137 15.48 2.13 55.99
CA GLY A 137 14.28 2.96 55.90
C GLY A 137 13.56 2.82 54.57
N LEU A 138 12.23 2.83 54.62
CA LEU A 138 11.42 2.75 53.41
C LEU A 138 11.39 4.07 52.67
N SER A 139 11.48 4.00 51.35
CA SER A 139 11.40 5.17 50.48
C SER A 139 10.42 4.94 49.33
N GLY A 140 10.11 6.04 48.66
CA GLY A 140 9.05 6.05 47.65
C GLY A 140 9.10 7.18 46.64
N GLY A 141 8.05 7.26 45.84
CA GLY A 141 7.94 8.27 44.78
C GLY A 141 6.77 8.11 43.83
N LEU A 142 6.46 9.21 43.14
CA LEU A 142 5.37 9.24 42.15
C LEU A 142 5.72 10.14 40.97
N ASN A 143 5.66 9.59 39.76
CA ASN A 143 5.94 10.34 38.52
C ASN A 143 4.73 10.44 37.59
N GLY A 144 4.47 11.64 37.09
CA GLY A 144 3.34 11.89 36.18
C GLY A 144 3.61 12.96 35.14
N ASN A 145 3.27 12.66 33.89
CA ASN A 145 3.47 13.64 32.82
C ASN A 145 2.50 13.58 31.64
N THR A 146 2.36 14.74 31.02
CA THR A 146 1.43 14.95 29.93
C THR A 146 2.16 15.42 28.68
N ALA A 147 2.15 14.57 27.67
CA ALA A 147 2.72 14.93 26.36
C ALA A 147 1.63 15.34 25.37
N PHE A 148 1.95 16.32 24.55
CA PHE A 148 1.15 16.57 23.34
C PHE A 148 2.01 17.05 22.19
N SER A 149 1.56 16.73 20.99
CA SER A 149 2.30 17.06 19.78
C SER A 149 1.45 17.09 18.53
N GLU A 150 2.04 17.69 17.49
CA GLU A 150 1.44 17.76 16.18
C GLU A 150 2.48 17.50 15.12
N THR A 151 2.09 16.67 14.16
CA THR A 151 2.92 16.33 12.99
C THR A 151 2.19 16.71 11.73
N ILE A 152 2.88 17.38 10.83
CA ILE A 152 2.34 17.70 9.53
C ILE A 152 3.20 17.05 8.43
N ASN A 153 2.52 16.55 7.41
CA ASN A 153 3.16 15.86 6.29
C ASN A 153 2.76 16.51 4.97
N TYR A 154 3.78 16.85 4.17
CA TYR A 154 3.57 17.59 2.92
C TYR A 154 4.70 17.41 1.92
N LYS A 155 4.41 17.81 0.69
CA LYS A 155 5.39 17.72 -0.40
C LYS A 155 6.12 19.03 -0.56
N GLN A 156 7.42 18.92 -0.75
CA GLN A 156 8.30 20.08 -0.93
C GLN A 156 9.00 19.99 -2.27
N GLU A 157 8.90 21.09 -3.01
CA GLU A 157 9.48 21.18 -4.37
C GLU A 157 10.43 22.37 -4.46
N SER A 158 11.52 22.18 -5.20
CA SER A 158 12.55 23.22 -5.35
C SER A 158 11.98 24.45 -6.03
N TYR A 159 11.21 24.21 -7.09
CA TYR A 159 10.53 25.27 -7.84
C TYR A 159 9.02 25.08 -7.89
N ARG A 160 8.28 26.18 -7.80
CA ARG A 160 6.83 26.13 -7.79
C ARG A 160 6.17 26.83 -9.00
N THR A 161 5.13 26.18 -9.53
CA THR A 161 4.38 26.69 -10.68
C THR A 161 3.00 27.20 -10.28
N THR A 162 2.78 28.48 -10.53
CA THR A 162 1.48 29.13 -10.32
C THR A 162 1.16 30.04 -11.49
N LEU A 163 -0.13 30.33 -11.64
CA LEU A 163 -0.61 31.09 -12.80
C LEU A 163 -0.24 32.58 -12.70
N SER A 164 -0.03 33.17 -13.87
CA SER A 164 0.23 34.60 -13.96
C SER A 164 -1.06 35.36 -13.68
N ARG A 165 -0.91 36.40 -12.85
CA ARG A 165 -2.02 37.26 -12.48
C ARG A 165 -2.66 37.97 -13.68
N ASN A 166 -1.91 38.04 -14.77
CA ASN A 166 -2.38 38.68 -16.01
C ASN A 166 -3.21 37.74 -16.87
N THR A 167 -3.41 36.53 -16.37
CA THR A 167 -4.23 35.55 -17.10
C THR A 167 -5.64 36.11 -17.31
N ASN A 168 -6.16 35.87 -18.51
CA ASN A 168 -7.48 36.35 -18.89
C ASN A 168 -8.08 35.52 -20.04
N TYR A 169 -9.16 36.00 -20.63
CA TYR A 169 -9.93 35.21 -21.61
C TYR A 169 -9.22 35.01 -22.94
N LYS A 170 -8.14 35.77 -23.14
CA LYS A 170 -7.32 35.70 -24.36
C LYS A 170 -5.84 35.43 -24.08
N ASN A 171 -5.55 35.18 -22.81
CA ASN A 171 -4.17 34.98 -22.36
C ASN A 171 -4.08 34.06 -21.15
N VAL A 172 -3.20 33.09 -21.23
CA VAL A 172 -2.77 32.34 -20.07
C VAL A 172 -1.25 32.40 -19.95
N GLY A 173 -0.79 32.60 -18.72
CA GLY A 173 0.63 32.56 -18.40
C GLY A 173 0.94 31.88 -17.07
N TRP A 174 2.17 31.35 -16.97
CA TRP A 174 2.67 30.67 -15.78
C TRP A 174 4.02 31.20 -15.31
N GLY A 175 4.18 31.25 -13.99
CA GLY A 175 5.45 31.52 -13.34
C GLY A 175 6.00 30.28 -12.62
N VAL A 176 7.09 29.74 -13.14
CA VAL A 176 7.80 28.65 -12.50
C VAL A 176 8.94 29.22 -11.65
N GLU A 177 8.65 29.45 -10.37
CA GLU A 177 9.55 30.21 -9.48
C GLU A 177 10.26 29.40 -8.41
N ALA A 178 11.51 29.75 -8.18
CA ALA A 178 12.31 29.17 -7.10
C ALA A 178 11.53 29.22 -5.80
N HIS A 179 11.45 28.09 -5.11
CA HIS A 179 10.50 27.95 -3.99
C HIS A 179 11.16 27.54 -2.68
N LYS A 180 11.59 26.29 -2.60
CA LYS A 180 12.20 25.75 -1.39
C LYS A 180 13.51 25.09 -1.72
N ILE A 181 14.59 25.81 -1.46
CA ILE A 181 15.93 25.37 -1.85
C ILE A 181 16.77 25.05 -0.64
N MET A 182 17.24 23.80 -0.58
CA MET A 182 18.02 23.30 0.55
C MET A 182 19.50 23.37 0.24
N ASN A 183 20.22 24.09 1.08
CA ASN A 183 21.67 24.25 0.95
C ASN A 183 22.34 22.88 1.11
N ASN A 184 22.27 22.36 2.32
CA ASN A 184 22.69 20.98 2.63
C ASN A 184 21.65 20.35 3.56
N GLY A 185 21.86 20.43 4.87
CA GLY A 185 20.81 20.20 5.85
C GLY A 185 20.12 21.52 6.17
N TRP A 186 20.69 22.60 5.64
CA TRP A 186 20.20 23.96 5.87
C TRP A 186 19.13 24.36 4.85
N GLY A 187 18.32 25.31 5.27
CA GLY A 187 17.16 25.75 4.49
C GLY A 187 15.85 25.24 5.08
N PRO A 188 14.76 25.30 4.29
CA PRO A 188 14.78 25.74 2.90
C PRO A 188 14.91 27.25 2.75
N TYR A 189 15.63 27.64 1.70
CA TYR A 189 15.83 29.06 1.36
C TYR A 189 15.09 29.43 0.08
N GLY A 190 14.90 30.73 -0.07
CA GLY A 190 14.25 31.30 -1.25
C GLY A 190 14.90 32.59 -1.70
N ARG A 191 14.23 33.27 -2.63
CA ARG A 191 14.76 34.48 -3.24
C ARG A 191 14.88 35.65 -2.26
N ASP A 192 14.05 35.62 -1.21
CA ASP A 192 13.97 36.70 -0.22
C ASP A 192 14.39 36.29 1.20
N SER A 193 14.98 35.11 1.36
CA SER A 193 15.41 34.65 2.69
C SER A 193 16.30 35.68 3.37
N PHE A 194 16.00 35.95 4.63
CA PHE A 194 16.72 36.99 5.38
C PHE A 194 17.00 36.60 6.82
N HIS A 195 18.28 36.34 7.09
CA HIS A 195 18.81 36.25 8.45
C HIS A 195 19.36 37.63 8.88
N PRO A 196 19.02 38.10 10.10
CA PRO A 196 19.37 39.47 10.52
C PRO A 196 20.87 39.79 10.42
N THR A 197 21.68 38.75 10.56
CA THR A 197 23.14 38.89 10.50
C THR A 197 23.76 38.43 9.19
N TYR A 198 23.43 37.19 8.81
CA TYR A 198 24.08 36.53 7.65
C TYR A 198 23.36 36.80 6.33
N GLY A 199 22.29 37.59 6.39
CA GLY A 199 21.47 37.92 5.23
C GLY A 199 20.80 36.72 4.57
N ASN A 200 20.91 36.66 3.25
CA ASN A 200 20.41 35.52 2.46
C ASN A 200 21.51 34.48 2.22
N GLU A 201 21.34 33.34 2.88
CA GLU A 201 22.35 32.25 2.91
C GLU A 201 22.14 31.20 1.81
N LEU A 202 21.21 31.52 0.89
CA LEU A 202 20.78 30.62 -0.19
C LEU A 202 21.88 29.69 -0.72
N PHE A 203 22.95 30.29 -1.24
CA PHE A 203 24.09 29.54 -1.81
C PHE A 203 25.41 29.76 -1.08
N LEU A 204 25.33 30.37 0.09
CA LEU A 204 26.50 30.55 0.97
C LEU A 204 26.98 29.20 1.52
N ALA A 205 28.25 28.89 1.30
CA ALA A 205 28.83 27.59 1.73
C ALA A 205 29.15 27.56 3.21
N GLY A 206 29.84 28.60 3.67
CA GLY A 206 30.34 28.65 5.06
C GLY A 206 30.28 30.04 5.67
N ARG A 207 29.73 30.12 6.87
CA ARG A 207 29.53 31.40 7.56
C ARG A 207 30.86 32.00 8.02
N GLN A 208 31.80 31.12 8.36
CA GLN A 208 33.10 31.52 8.90
C GLN A 208 34.26 30.90 8.12
N SER A 209 34.01 30.60 6.85
CA SER A 209 34.99 29.92 6.00
C SER A 209 36.25 30.72 5.77
N SER A 210 37.38 30.06 6.00
CA SER A 210 38.70 30.63 5.75
C SER A 210 39.11 30.37 4.30
N ALA A 211 38.34 30.94 3.38
CA ALA A 211 38.55 30.72 1.94
C ALA A 211 38.21 31.95 1.09
N TYR A 212 38.55 31.86 -0.19
CA TYR A 212 38.19 32.89 -1.18
C TYR A 212 36.68 32.97 -1.34
N ALA A 213 36.17 34.19 -1.46
CA ALA A 213 34.74 34.47 -1.64
C ALA A 213 34.17 33.68 -2.82
N GLY A 214 34.92 33.66 -3.90
CA GLY A 214 34.52 32.95 -5.12
C GLY A 214 34.63 31.44 -5.00
N GLN A 215 35.13 30.98 -3.85
CA GLN A 215 35.20 29.55 -3.53
C GLN A 215 34.34 29.19 -2.31
N ASN A 216 33.63 30.18 -1.78
CA ASN A 216 32.77 29.99 -0.60
C ASN A 216 31.28 29.87 -0.95
N PHE A 217 30.99 29.64 -2.23
CA PHE A 217 29.64 29.25 -2.64
C PHE A 217 29.53 27.75 -2.56
N ILE A 218 28.32 27.24 -2.31
CA ILE A 218 28.10 25.79 -2.37
C ILE A 218 28.46 25.24 -3.75
N ALA A 219 28.72 23.94 -3.80
CA ALA A 219 29.11 23.29 -5.05
C ALA A 219 27.99 23.38 -6.08
N GLN A 220 28.38 23.63 -7.33
CA GLN A 220 27.42 23.77 -8.43
C GLN A 220 26.38 22.65 -8.41
N HIS A 221 26.88 21.41 -8.25
CA HIS A 221 26.04 20.21 -8.27
C HIS A 221 25.00 20.15 -7.14
N GLN A 222 25.29 20.83 -6.06
CA GLN A 222 24.37 20.95 -4.92
C GLN A 222 23.23 21.92 -5.21
N MET A 223 23.37 22.74 -6.25
CA MET A 223 22.33 23.71 -6.61
C MET A 223 21.18 23.00 -7.35
N PRO A 224 19.95 23.47 -7.17
CA PRO A 224 18.84 22.81 -7.85
C PRO A 224 19.01 22.84 -9.36
N LEU A 225 18.53 21.77 -10.01
CA LEU A 225 18.66 21.58 -11.47
C LEU A 225 18.24 22.84 -12.24
N LEU A 226 17.10 23.42 -11.88
CA LEU A 226 16.54 24.55 -12.63
C LEU A 226 17.29 25.88 -12.43
N SER A 227 18.09 25.98 -11.38
CA SER A 227 18.87 27.18 -11.13
C SER A 227 20.12 27.27 -12.02
N ARG A 228 20.67 26.12 -12.35
CA ARG A 228 21.98 26.01 -13.02
C ARG A 228 21.97 25.39 -14.41
N SER A 229 20.89 24.69 -14.75
CA SER A 229 20.80 23.90 -16.00
C SER A 229 19.72 24.47 -16.92
N ASN A 230 18.85 23.60 -17.43
CA ASN A 230 17.76 23.99 -18.33
C ASN A 230 16.39 23.59 -17.80
N PHE A 231 15.46 24.55 -17.88
CA PHE A 231 14.03 24.31 -17.69
C PHE A 231 13.43 23.80 -18.98
N ASN A 232 12.66 22.73 -18.87
CA ASN A 232 11.93 22.15 -20.01
C ASN A 232 10.44 22.30 -19.79
N PRO A 233 9.83 23.37 -20.32
CA PRO A 233 8.44 23.54 -20.02
C PRO A 233 7.55 22.52 -20.69
N GLU A 234 6.39 22.34 -20.08
CA GLU A 234 5.38 21.44 -20.59
C GLU A 234 4.05 21.98 -20.13
N PHE A 235 3.56 22.93 -20.89
CA PHE A 235 2.31 23.56 -20.62
C PHE A 235 1.31 23.25 -21.72
N LEU A 236 0.05 23.35 -21.35
CA LEU A 236 -1.04 23.06 -22.28
C LEU A 236 -2.13 24.10 -22.21
N SER A 237 -2.73 24.33 -23.36
CA SER A 237 -3.78 25.33 -23.50
C SER A 237 -4.78 24.85 -24.51
N VAL A 238 -6.01 25.28 -24.29
CA VAL A 238 -7.09 24.96 -25.18
C VAL A 238 -7.70 26.27 -25.63
N LEU A 239 -7.71 26.47 -26.94
CA LEU A 239 -8.24 27.69 -27.53
C LEU A 239 -9.43 27.43 -28.44
N SER A 240 -10.36 28.36 -28.43
CA SER A 240 -11.56 28.27 -29.26
C SER A 240 -11.58 29.39 -30.29
N HIS A 241 -12.16 29.08 -31.45
CA HIS A 241 -12.21 29.99 -32.58
C HIS A 241 -13.60 29.93 -33.26
N ARG A 242 -14.16 31.12 -33.49
CA ARG A 242 -15.47 31.27 -34.16
C ARG A 242 -15.35 30.89 -35.63
N GLN A 243 -16.33 30.16 -36.13
CA GLN A 243 -16.34 29.66 -37.52
C GLN A 243 -16.54 30.78 -38.53
N ASP A 244 -17.24 31.81 -38.10
CA ASP A 244 -17.45 33.03 -38.92
C ASP A 244 -16.30 34.03 -38.81
N GLY A 245 -15.31 33.70 -38.00
CA GLY A 245 -14.13 34.56 -37.83
C GLY A 245 -13.16 34.48 -38.99
N ALA A 246 -11.98 35.06 -38.80
CA ALA A 246 -10.95 35.06 -39.83
C ALA A 246 -10.44 33.64 -40.05
N LYS A 247 -10.12 33.32 -41.29
CA LYS A 247 -9.51 32.03 -41.62
C LYS A 247 -8.19 31.92 -40.89
N LYS A 248 -7.53 33.07 -40.78
CA LYS A 248 -6.22 33.14 -40.15
C LYS A 248 -6.18 34.08 -38.95
N SER A 249 -5.52 33.62 -37.89
CA SER A 249 -5.30 34.43 -36.69
C SER A 249 -3.89 34.25 -36.15
N LYS A 250 -3.57 35.03 -35.13
CA LYS A 250 -2.21 35.08 -34.58
C LYS A 250 -2.19 34.69 -33.13
N ILE A 251 -1.30 33.77 -32.80
CA ILE A 251 -1.03 33.42 -31.41
C ILE A 251 0.39 33.79 -31.04
N THR A 252 0.52 34.41 -29.87
CA THR A 252 1.80 34.88 -29.37
C THR A 252 2.24 34.03 -28.17
N VAL A 253 3.41 33.41 -28.32
CA VAL A 253 4.01 32.61 -27.25
C VAL A 253 5.36 33.18 -26.76
N THR A 254 5.42 33.43 -25.48
CA THR A 254 6.58 34.03 -24.84
C THR A 254 7.24 33.08 -23.84
N TYR A 255 8.53 32.84 -24.07
CA TYR A 255 9.40 32.14 -23.11
C TYR A 255 10.39 33.14 -22.53
N GLN A 256 10.52 33.11 -21.20
CA GLN A 256 11.32 34.11 -20.49
C GLN A 256 12.00 33.54 -19.23
N ARG A 257 13.21 34.03 -18.98
CA ARG A 257 13.92 33.74 -17.74
C ARG A 257 14.30 35.00 -16.96
N GLU A 258 14.06 34.94 -15.66
CA GLU A 258 14.52 35.97 -14.72
C GLU A 258 15.74 35.42 -14.01
N MET A 259 16.86 36.12 -14.17
CA MET A 259 18.12 35.73 -13.54
C MET A 259 18.40 36.63 -12.33
N ASP A 260 18.67 35.98 -11.19
CA ASP A 260 18.97 36.70 -9.96
C ASP A 260 20.46 36.80 -9.73
N LEU A 261 20.86 37.94 -9.16
CA LEU A 261 22.25 38.18 -8.76
C LEU A 261 22.41 37.77 -7.31
N TYR A 262 23.08 36.64 -7.10
CA TYR A 262 23.43 36.21 -5.75
C TYR A 262 24.87 36.55 -5.46
N GLN A 263 25.05 37.29 -4.37
CA GLN A 263 26.39 37.74 -3.97
C GLN A 263 26.67 37.57 -2.48
N ILE A 264 27.93 37.31 -2.18
CA ILE A 264 28.41 37.15 -0.80
C ILE A 264 29.62 38.06 -0.53
N CYS A 265 29.82 38.39 0.75
CA CYS A 265 30.96 39.23 1.15
C CYS A 265 31.45 39.00 2.57
N TRP A 266 32.76 39.23 2.74
CA TRP A 266 33.47 39.07 4.01
C TRP A 266 33.65 40.42 4.68
N ASN A 267 32.99 40.60 5.83
CA ASN A 267 33.02 41.88 6.56
C ASN A 267 34.19 41.99 7.56
N GLY A 268 34.97 40.92 7.65
CA GLY A 268 36.12 40.86 8.55
C GLY A 268 35.96 39.80 9.63
N PHE A 269 34.70 39.55 10.00
CA PHE A 269 34.37 38.59 11.08
C PHE A 269 33.62 37.36 10.55
N TYR A 270 32.61 37.61 9.74
CA TYR A 270 31.78 36.55 9.14
C TYR A 270 31.39 36.84 7.69
N TRP A 271 30.85 35.82 7.04
CA TRP A 271 30.30 35.95 5.69
C TRP A 271 28.81 36.27 5.74
N ALA A 272 28.39 37.14 4.84
CA ALA A 272 26.98 37.48 4.64
C ALA A 272 26.62 37.38 3.17
N GLY A 273 25.33 37.15 2.91
CA GLY A 273 24.82 37.02 1.54
C GLY A 273 23.64 37.91 1.21
N ALA A 274 23.45 38.14 -0.09
CA ALA A 274 22.30 38.91 -0.59
C ALA A 274 21.85 38.45 -1.98
N ASN A 275 20.53 38.36 -2.17
CA ASN A 275 19.95 38.00 -3.47
C ASN A 275 19.15 39.12 -4.09
N TYR A 276 19.59 39.54 -5.27
CA TYR A 276 18.92 40.61 -6.04
C TYR A 276 18.13 40.03 -7.20
N LYS A 277 16.82 40.21 -7.16
CA LYS A 277 15.91 39.51 -8.07
C LYS A 277 15.81 40.13 -9.43
N ASN A 278 15.71 39.25 -10.42
CA ASN A 278 15.53 39.67 -11.82
C ASN A 278 16.51 40.80 -12.18
N PHE A 279 17.76 40.64 -11.75
CA PHE A 279 18.82 41.59 -12.01
C PHE A 279 19.23 41.50 -13.47
N LYS A 280 18.94 40.35 -14.05
CA LYS A 280 19.01 40.14 -15.49
C LYS A 280 17.78 39.40 -15.99
N THR A 281 17.38 39.70 -17.21
CA THR A 281 16.20 39.12 -17.85
C THR A 281 16.47 38.84 -19.30
N ARG A 282 16.00 37.69 -19.74
CA ARG A 282 16.08 37.30 -21.14
C ARG A 282 14.71 36.77 -21.58
N THR A 283 14.19 37.35 -22.66
CA THR A 283 12.84 37.07 -23.12
C THR A 283 12.81 36.72 -24.60
N PHE A 284 12.09 35.64 -24.91
CA PHE A 284 11.90 35.18 -26.29
C PHE A 284 10.44 35.05 -26.64
N LYS A 285 9.98 36.04 -27.39
CA LYS A 285 8.60 36.15 -27.84
C LYS A 285 8.48 35.75 -29.31
N SER A 286 7.56 34.83 -29.59
CA SER A 286 7.28 34.40 -30.97
C SER A 286 5.80 34.44 -31.28
N THR A 287 5.50 35.00 -32.46
CA THR A 287 4.12 35.09 -32.97
C THR A 287 3.95 34.13 -34.13
N TYR A 288 2.87 33.34 -34.04
CA TYR A 288 2.59 32.31 -35.05
C TYR A 288 1.29 32.58 -35.76
N GLU A 289 1.34 32.43 -37.08
CA GLU A 289 0.15 32.50 -37.90
C GLU A 289 -0.57 31.18 -37.87
N ILE A 290 -1.80 31.21 -37.38
CA ILE A 290 -2.66 30.03 -37.31
C ILE A 290 -3.71 30.05 -38.42
N ASP A 291 -3.61 29.07 -39.32
CA ASP A 291 -4.59 28.88 -40.40
C ASP A 291 -5.65 27.85 -39.99
N TRP A 292 -6.76 28.35 -39.49
CA TRP A 292 -7.85 27.53 -38.95
C TRP A 292 -8.54 26.70 -40.01
N GLU A 293 -8.49 27.17 -41.25
CA GLU A 293 -9.18 26.50 -42.37
C GLU A 293 -8.41 25.26 -42.85
N ASN A 294 -7.12 25.45 -43.06
CA ASN A 294 -6.23 24.40 -43.60
C ASN A 294 -5.43 23.63 -42.54
N HIS A 295 -5.58 24.07 -41.31
CA HIS A 295 -4.95 23.43 -40.14
C HIS A 295 -3.43 23.45 -40.24
N LYS A 296 -2.92 24.56 -40.74
CA LYS A 296 -1.47 24.83 -40.81
C LYS A 296 -1.06 25.92 -39.84
N VAL A 297 0.22 25.89 -39.46
CA VAL A 297 0.78 26.92 -38.59
C VAL A 297 2.17 27.32 -39.05
N LYS A 298 2.44 28.61 -38.95
CA LYS A 298 3.65 29.20 -39.52
C LYS A 298 4.20 30.27 -38.61
N LEU A 299 5.50 30.19 -38.32
CA LEU A 299 6.16 31.21 -37.50
C LEU A 299 6.21 32.49 -38.31
N LEU A 300 5.76 33.57 -37.69
CA LEU A 300 5.61 34.84 -38.38
C LEU A 300 6.70 35.81 -37.91
N ASP A 301 6.62 36.18 -36.65
CA ASP A 301 7.53 37.16 -36.06
C ASP A 301 8.24 36.61 -34.83
N THR A 302 9.39 37.18 -34.53
CA THR A 302 10.09 36.89 -33.28
C THR A 302 10.64 38.15 -32.65
N LYS A 303 10.84 38.09 -31.34
CA LYS A 303 11.36 39.21 -30.55
C LYS A 303 12.25 38.70 -29.42
N GLU A 304 13.51 39.11 -29.46
CA GLU A 304 14.50 38.69 -28.45
C GLU A 304 14.89 39.92 -27.67
N THR A 305 14.46 39.98 -26.42
CA THR A 305 14.74 41.11 -25.54
C THR A 305 15.66 40.75 -24.40
N GLU A 306 16.76 41.50 -24.32
CA GLU A 306 17.76 41.35 -23.28
C GLU A 306 17.63 42.53 -22.35
N ASN A 307 17.21 42.29 -21.13
CA ASN A 307 17.23 43.32 -20.08
C ASN A 307 18.38 43.09 -19.12
N ASN A 308 19.01 44.19 -18.71
CA ASN A 308 20.05 44.18 -17.67
C ASN A 308 19.91 45.37 -16.77
N LYS A 309 20.08 45.14 -15.47
CA LYS A 309 20.02 46.20 -14.47
C LYS A 309 21.39 46.90 -14.39
N VAL B 26 2.87 -9.11 -39.48
CA VAL B 26 3.79 -9.84 -38.55
C VAL B 26 3.52 -11.36 -38.53
N THR B 27 4.58 -12.12 -38.82
CA THR B 27 4.54 -13.58 -38.74
C THR B 27 5.65 -14.12 -37.82
N LEU B 28 5.33 -15.14 -37.04
CA LEU B 28 6.24 -15.70 -36.03
C LEU B 28 6.50 -17.20 -36.22
N TYR B 29 7.78 -17.56 -36.17
CA TYR B 29 8.22 -18.96 -36.31
C TYR B 29 9.11 -19.34 -35.13
N LYS B 30 8.77 -20.45 -34.47
CA LYS B 30 9.50 -20.87 -33.28
C LYS B 30 10.25 -22.17 -33.48
N THR B 31 11.37 -22.26 -32.79
CA THR B 31 12.10 -23.51 -32.67
C THR B 31 12.98 -23.48 -31.44
N THR B 32 13.65 -24.60 -31.18
CA THR B 32 14.50 -24.74 -30.02
C THR B 32 15.69 -25.61 -30.36
N ALA B 33 16.77 -25.36 -29.66
CA ALA B 33 17.96 -26.19 -29.75
C ALA B 33 18.59 -26.29 -28.37
N THR B 34 19.31 -27.39 -28.15
CA THR B 34 19.97 -27.64 -26.87
C THR B 34 21.36 -28.22 -27.07
N ALA B 35 22.16 -28.12 -26.02
CA ALA B 35 23.53 -28.64 -26.00
C ALA B 35 24.01 -28.89 -24.58
N ASP B 36 24.54 -30.09 -24.34
CA ASP B 36 24.99 -30.51 -23.01
C ASP B 36 26.48 -30.72 -22.93
N SER B 37 27.04 -30.23 -21.84
CA SER B 37 28.35 -30.66 -21.33
C SER B 37 28.14 -31.43 -20.04
N ASP B 38 27.93 -32.74 -20.18
CA ASP B 38 27.70 -33.62 -19.03
C ASP B 38 28.89 -33.59 -18.05
N LYS B 39 30.08 -33.43 -18.59
CA LYS B 39 31.32 -33.42 -17.79
C LYS B 39 31.38 -32.25 -16.83
N PHE B 40 31.03 -31.07 -17.33
CA PHE B 40 31.06 -29.82 -16.55
C PHE B 40 29.76 -29.53 -15.82
N LYS B 41 28.74 -30.32 -16.10
CA LYS B 41 27.37 -30.08 -15.57
C LYS B 41 26.94 -28.68 -15.97
N ILE B 42 27.15 -28.41 -17.25
CA ILE B 42 26.67 -27.20 -17.91
C ILE B 42 25.76 -27.63 -19.06
N SER B 43 24.64 -26.94 -19.18
CA SER B 43 23.64 -27.24 -20.20
C SER B 43 22.98 -25.98 -20.76
N GLN B 44 22.82 -25.97 -22.08
CA GLN B 44 22.26 -24.84 -22.80
C GLN B 44 20.94 -25.19 -23.40
N ILE B 45 19.96 -24.38 -23.04
CA ILE B 45 18.66 -24.37 -23.69
C ILE B 45 18.51 -23.05 -24.42
N LEU B 46 18.35 -23.14 -25.72
CA LEU B 46 18.12 -21.96 -26.55
C LEU B 46 16.75 -22.04 -27.18
N THR B 47 16.01 -20.95 -27.02
CA THR B 47 14.68 -20.81 -27.59
C THR B 47 14.70 -19.69 -28.61
N PHE B 48 14.18 -19.97 -29.81
CA PHE B 48 14.26 -19.05 -30.94
C PHE B 48 12.89 -18.64 -31.43
N ASN B 49 12.70 -17.33 -31.54
CA ASN B 49 11.53 -16.75 -32.19
C ASN B 49 11.94 -15.92 -33.41
N PHE B 50 11.73 -16.48 -34.59
CA PHE B 50 11.98 -15.77 -35.85
C PHE B 50 10.76 -14.94 -36.19
N ILE B 51 10.99 -13.64 -36.34
CA ILE B 51 9.92 -12.70 -36.66
C ILE B 51 10.09 -12.09 -38.06
N LYS B 52 9.16 -12.44 -38.95
CA LYS B 52 8.93 -11.71 -40.24
C LYS B 52 7.98 -10.53 -39.99
N ASP B 53 8.54 -9.33 -40.05
CA ASP B 53 7.78 -8.09 -39.84
C ASP B 53 7.78 -7.27 -41.13
N LYS B 54 6.61 -7.13 -41.74
CA LYS B 54 6.49 -6.47 -43.06
C LYS B 54 6.90 -4.99 -43.05
N SER B 55 6.80 -4.36 -41.88
CA SER B 55 7.19 -2.96 -41.70
C SER B 55 8.71 -2.77 -41.54
N TYR B 56 9.44 -3.88 -41.55
CA TYR B 56 10.87 -3.91 -41.26
C TYR B 56 11.61 -4.57 -42.43
N ASP B 57 12.73 -3.99 -42.82
CA ASP B 57 13.44 -4.44 -44.03
C ASP B 57 14.40 -5.61 -43.77
N LYS B 58 14.45 -6.06 -42.53
CA LYS B 58 15.32 -7.16 -42.13
C LYS B 58 14.59 -8.29 -41.41
N ASP B 59 15.28 -9.41 -41.29
CA ASP B 59 14.83 -10.53 -40.46
C ASP B 59 15.19 -10.30 -39.00
N THR B 60 14.26 -10.64 -38.12
CA THR B 60 14.44 -10.50 -36.68
C THR B 60 14.49 -11.87 -35.99
N LEU B 61 15.30 -11.96 -34.96
CA LEU B 61 15.42 -13.18 -34.16
C LEU B 61 15.48 -12.84 -32.68
N VAL B 62 14.44 -13.21 -31.96
CA VAL B 62 14.46 -13.15 -30.50
C VAL B 62 14.93 -14.49 -29.97
N LEU B 63 16.00 -14.42 -29.19
CA LEU B 63 16.71 -15.60 -28.74
C LEU B 63 16.86 -15.58 -27.23
N LYS B 64 16.14 -16.50 -26.59
CA LYS B 64 16.21 -16.70 -25.15
C LYS B 64 17.20 -17.82 -24.81
N ALA B 65 18.15 -17.46 -23.96
CA ALA B 65 19.17 -18.39 -23.50
C ALA B 65 18.87 -18.78 -22.05
N THR B 66 18.58 -20.06 -21.85
CA THR B 66 18.36 -20.64 -20.51
C THR B 66 19.18 -21.91 -20.30
N GLY B 67 18.87 -22.64 -19.23
CA GLY B 67 19.52 -23.92 -18.93
C GLY B 67 20.22 -23.94 -17.58
N ASN B 68 21.39 -24.55 -17.55
CA ASN B 68 22.10 -24.85 -16.29
C ASN B 68 23.60 -24.61 -16.40
N ILE B 69 24.14 -23.95 -15.38
CA ILE B 69 25.58 -23.91 -15.14
C ILE B 69 25.83 -24.26 -13.68
N ASN B 70 26.36 -25.45 -13.45
CA ASN B 70 26.71 -25.89 -12.09
C ASN B 70 27.78 -25.00 -11.50
N SER B 71 27.72 -24.82 -10.19
CA SER B 71 28.69 -23.94 -9.47
C SER B 71 30.09 -24.52 -9.42
N GLY B 72 30.18 -25.83 -9.60
CA GLY B 72 31.43 -26.58 -9.45
C GLY B 72 31.87 -26.68 -8.01
N PHE B 73 30.94 -26.46 -7.08
CA PHE B 73 31.25 -26.46 -5.65
C PHE B 73 31.90 -27.78 -5.19
N VAL B 74 32.97 -27.63 -4.43
CA VAL B 74 33.69 -28.75 -3.83
C VAL B 74 33.81 -28.54 -2.32
N LYS B 75 33.25 -29.49 -1.57
CA LYS B 75 33.26 -29.44 -0.10
C LYS B 75 34.68 -29.50 0.42
N PRO B 76 34.94 -28.85 1.57
CA PRO B 76 36.25 -29.02 2.20
C PRO B 76 36.40 -30.39 2.85
N ASN B 77 37.63 -30.86 2.95
CA ASN B 77 37.96 -32.10 3.66
C ASN B 77 37.84 -31.88 5.18
N PRO B 78 36.92 -32.58 5.85
CA PRO B 78 36.72 -32.36 7.29
C PRO B 78 37.92 -32.77 8.15
N ASN B 79 38.75 -33.65 7.60
CA ASN B 79 39.96 -34.15 8.30
C ASN B 79 41.11 -33.14 8.33
N ASP B 80 41.03 -32.13 7.48
CA ASP B 80 42.04 -31.04 7.46
C ASP B 80 42.11 -30.35 8.83
N TYR B 81 43.32 -30.15 9.33
CA TYR B 81 43.52 -29.72 10.73
C TYR B 81 43.85 -28.24 10.92
N ASP B 82 45.06 -27.85 10.51
CA ASP B 82 45.55 -26.47 10.71
C ASP B 82 45.25 -25.57 9.51
N PHE B 83 45.07 -26.22 8.36
CA PHE B 83 44.85 -25.53 7.09
C PHE B 83 43.81 -26.29 6.27
N SER B 84 42.95 -25.54 5.58
CA SER B 84 41.91 -26.13 4.73
C SER B 84 41.44 -25.22 3.58
N LYS B 85 40.80 -25.86 2.61
CA LYS B 85 40.32 -25.16 1.42
C LYS B 85 39.01 -25.72 0.84
N LEU B 86 38.24 -24.82 0.25
CA LEU B 86 37.05 -25.19 -0.55
C LEU B 86 36.99 -24.40 -1.85
N TYR B 87 36.31 -24.98 -2.83
CA TYR B 87 36.01 -24.31 -4.11
C TYR B 87 34.54 -23.97 -4.23
N TRP B 88 34.27 -22.76 -4.72
CA TRP B 88 32.91 -22.25 -4.88
C TRP B 88 32.71 -21.47 -6.17
N GLY B 89 31.50 -21.58 -6.72
CA GLY B 89 31.11 -20.85 -7.94
C GLY B 89 30.92 -19.36 -7.66
N ALA B 90 31.89 -18.56 -8.06
CA ALA B 90 31.97 -17.14 -7.66
C ALA B 90 31.48 -16.19 -8.75
N LYS B 91 31.48 -16.67 -9.98
CA LYS B 91 31.04 -15.88 -11.11
C LYS B 91 30.64 -16.75 -12.29
N TYR B 92 29.58 -16.31 -12.96
CA TYR B 92 29.06 -16.96 -14.15
C TYR B 92 29.07 -15.98 -15.32
N ASN B 93 29.58 -16.46 -16.44
CA ASN B 93 29.64 -15.68 -17.65
C ASN B 93 28.86 -16.35 -18.75
N VAL B 94 27.98 -15.57 -19.34
CA VAL B 94 27.23 -15.96 -20.53
C VAL B 94 27.52 -14.94 -21.64
N SER B 95 27.62 -15.44 -22.87
CA SER B 95 27.73 -14.59 -24.04
C SER B 95 27.09 -15.19 -25.29
N ILE B 96 26.58 -14.29 -26.12
CA ILE B 96 25.90 -14.63 -27.37
C ILE B 96 26.55 -13.79 -28.49
N SER B 97 26.99 -14.45 -29.55
CA SER B 97 27.72 -13.79 -30.66
C SER B 97 27.35 -14.29 -32.04
N SER B 98 27.48 -13.37 -33.00
CA SER B 98 27.48 -13.68 -34.42
C SER B 98 28.90 -13.51 -34.94
N GLN B 99 29.08 -13.80 -36.23
CA GLN B 99 30.42 -13.80 -36.83
C GLN B 99 30.70 -12.48 -37.53
N SER B 100 31.97 -12.09 -37.52
CA SER B 100 32.42 -10.79 -38.06
C SER B 100 32.11 -10.62 -39.55
N ASN B 101 32.13 -11.74 -40.26
CA ASN B 101 31.93 -11.73 -41.72
C ASN B 101 30.49 -11.78 -42.17
N ASP B 102 29.56 -12.03 -41.24
CA ASP B 102 28.13 -12.12 -41.59
C ASP B 102 27.34 -10.83 -41.37
N SER B 103 26.08 -10.87 -41.81
CA SER B 103 25.19 -9.69 -41.78
C SER B 103 24.33 -9.64 -40.53
N VAL B 104 24.70 -10.42 -39.53
CA VAL B 104 23.89 -10.55 -38.33
C VAL B 104 24.41 -9.71 -37.19
N ASN B 105 23.57 -8.77 -36.76
CA ASN B 105 23.86 -7.88 -35.62
C ASN B 105 23.01 -8.20 -34.37
N VAL B 106 23.57 -7.87 -33.20
CA VAL B 106 22.85 -7.89 -31.93
C VAL B 106 22.33 -6.49 -31.64
N VAL B 107 21.01 -6.32 -31.80
CA VAL B 107 20.34 -4.98 -31.74
C VAL B 107 19.75 -4.64 -30.38
N ASP B 108 19.53 -5.65 -29.55
CA ASP B 108 18.90 -5.46 -28.24
C ASP B 108 19.05 -6.70 -27.37
N TYR B 109 18.87 -6.52 -26.08
CA TYR B 109 19.07 -7.60 -25.11
C TYR B 109 18.51 -7.26 -23.73
N ALA B 110 18.46 -8.26 -22.87
CA ALA B 110 18.02 -8.07 -21.47
C ALA B 110 18.64 -9.17 -20.59
N PRO B 111 19.05 -8.82 -19.36
CA PRO B 111 18.93 -7.51 -18.73
C PRO B 111 20.05 -6.53 -19.08
N LYS B 112 19.73 -5.25 -18.92
CA LYS B 112 20.68 -4.16 -19.11
C LYS B 112 21.23 -3.66 -17.78
N ASN B 113 22.31 -2.89 -17.84
CA ASN B 113 22.96 -2.40 -16.63
C ASN B 113 22.06 -1.41 -15.90
N GLN B 114 22.00 -1.57 -14.58
CA GLN B 114 21.09 -0.80 -13.77
C GLN B 114 21.75 0.42 -13.21
N ASN B 115 21.15 1.57 -13.51
CA ASN B 115 21.44 2.81 -12.82
C ASN B 115 20.64 2.79 -11.52
N GLU B 116 21.31 2.30 -10.48
CA GLU B 116 20.65 1.90 -9.23
C GLU B 116 20.03 3.06 -8.47
N GLU B 117 18.91 2.79 -7.82
CA GLU B 117 18.18 3.82 -7.06
C GLU B 117 18.01 3.43 -5.62
N PHE B 118 18.11 4.41 -4.73
CA PHE B 118 17.88 4.18 -3.32
C PHE B 118 17.16 5.35 -2.68
N GLN B 119 16.54 5.06 -1.54
CA GLN B 119 15.71 6.03 -0.84
C GLN B 119 16.46 6.58 0.36
N VAL B 120 16.34 7.89 0.54
CA VAL B 120 17.09 8.59 1.59
C VAL B 120 16.19 9.37 2.50
N GLN B 121 16.48 9.29 3.79
CA GLN B 121 15.77 10.04 4.82
C GLN B 121 16.76 10.81 5.69
N ASN B 122 16.73 12.13 5.55
CA ASN B 122 17.53 13.02 6.40
C ASN B 122 16.63 13.63 7.47
N THR B 123 16.99 13.39 8.71
CA THR B 123 16.27 13.91 9.87
C THR B 123 17.14 14.80 10.77
N LEU B 124 16.62 15.99 11.04
CA LEU B 124 17.19 16.91 12.03
C LEU B 124 16.19 17.10 13.17
N GLY B 125 16.71 17.03 14.39
CA GLY B 125 15.87 17.10 15.59
C GLY B 125 16.45 17.93 16.72
N TYR B 126 15.55 18.53 17.49
CA TYR B 126 15.94 19.38 18.61
C TYR B 126 14.98 19.27 19.77
N THR B 127 15.54 19.08 20.96
CA THR B 127 14.77 19.08 22.21
C THR B 127 15.37 20.04 23.23
N PHE B 128 14.49 20.75 23.92
CA PHE B 128 14.89 21.66 24.99
C PHE B 128 13.87 21.65 26.12
N GLY B 129 14.41 21.66 27.34
CA GLY B 129 13.58 21.56 28.54
C GLY B 129 14.27 22.02 29.81
N GLY B 130 13.45 22.23 30.84
CA GLY B 130 13.94 22.65 32.14
C GLY B 130 13.17 22.01 33.27
N ASP B 131 13.88 21.77 34.38
CA ASP B 131 13.29 21.12 35.56
C ASP B 131 13.51 21.90 36.85
N ILE B 132 12.62 21.65 37.80
CA ILE B 132 12.61 22.32 39.10
C ILE B 132 12.25 21.34 40.22
N SER B 133 12.87 21.55 41.38
CA SER B 133 12.62 20.74 42.58
C SER B 133 12.54 21.61 43.82
N ILE B 134 11.49 21.42 44.61
CA ILE B 134 11.24 22.23 45.81
C ILE B 134 11.31 21.42 47.10
N SER B 135 12.06 21.95 48.05
CA SER B 135 12.16 21.39 49.41
C SER B 135 12.31 22.54 50.41
N ASN B 136 13.08 22.33 51.46
CA ASN B 136 13.56 23.44 52.27
C ASN B 136 14.36 24.36 51.38
N GLY B 137 15.33 23.77 50.69
CA GLY B 137 16.19 24.48 49.74
C GLY B 137 15.80 24.18 48.30
N LEU B 138 15.89 25.22 47.45
CA LEU B 138 15.49 25.12 46.05
C LEU B 138 16.57 24.52 45.14
N SER B 139 16.12 23.83 44.11
CA SER B 139 17.00 23.26 43.07
C SER B 139 16.43 23.46 41.67
N GLY B 140 17.30 23.39 40.65
CA GLY B 140 16.89 23.61 39.26
C GLY B 140 17.78 22.98 38.21
N GLY B 141 17.47 23.29 36.95
CA GLY B 141 18.22 22.76 35.81
C GLY B 141 17.64 23.06 34.44
N LEU B 142 18.49 22.88 33.43
CA LEU B 142 18.12 23.08 32.02
C LEU B 142 18.82 22.08 31.11
N ASN B 143 18.03 21.33 30.33
CA ASN B 143 18.56 20.31 29.40
C ASN B 143 18.22 20.56 27.94
N GLY B 144 19.22 20.43 27.07
CA GLY B 144 19.06 20.68 25.64
C GLY B 144 19.90 19.76 24.75
N ASN B 145 19.28 19.21 23.71
CA ASN B 145 19.96 18.28 22.76
C ASN B 145 19.61 18.49 21.29
N THR B 146 20.61 18.32 20.43
CA THR B 146 20.44 18.39 18.97
C THR B 146 20.81 17.07 18.34
N ALA B 147 19.82 16.42 17.77
CA ALA B 147 20.03 15.17 17.03
C ALA B 147 20.03 15.43 15.52
N PHE B 148 20.89 14.72 14.81
CA PHE B 148 20.77 14.61 13.36
C PHE B 148 21.20 13.24 12.85
N SER B 149 20.58 12.83 11.75
CA SER B 149 20.81 11.50 11.19
C SER B 149 20.45 11.36 9.73
N GLU B 150 20.93 10.27 9.15
CA GLU B 150 20.60 9.88 7.79
C GLU B 150 20.37 8.38 7.71
N THR B 151 19.30 8.03 7.00
CA THR B 151 18.93 6.64 6.71
C THR B 151 18.88 6.42 5.20
N ILE B 152 19.48 5.32 4.76
CA ILE B 152 19.42 4.94 3.36
C ILE B 152 18.79 3.56 3.23
N ASN B 153 17.94 3.42 2.20
CA ASN B 153 17.19 2.19 1.94
C ASN B 153 17.45 1.69 0.54
N TYR B 154 17.82 0.42 0.44
CA TYR B 154 18.23 -0.17 -0.84
C TYR B 154 18.07 -1.68 -0.90
N LYS B 155 18.19 -2.21 -2.12
CA LYS B 155 18.11 -3.65 -2.36
C LYS B 155 19.49 -4.26 -2.31
N GLN B 156 19.58 -5.41 -1.64
CA GLN B 156 20.82 -6.17 -1.55
C GLN B 156 20.64 -7.57 -2.11
N GLU B 157 21.52 -7.94 -3.03
CA GLU B 157 21.46 -9.24 -3.70
C GLU B 157 22.78 -9.97 -3.54
N SER B 158 22.69 -11.30 -3.39
CA SER B 158 23.88 -12.12 -3.17
C SER B 158 24.79 -12.06 -4.38
N TYR B 159 24.19 -12.18 -5.56
CA TYR B 159 24.92 -12.10 -6.84
C TYR B 159 24.40 -11.00 -7.74
N ARG B 160 25.32 -10.31 -8.42
CA ARG B 160 24.96 -9.20 -9.29
C ARG B 160 25.24 -9.45 -10.77
N THR B 161 24.29 -9.02 -11.59
CA THR B 161 24.39 -9.16 -13.06
C THR B 161 24.65 -7.82 -13.73
N THR B 162 25.79 -7.75 -14.42
CA THR B 162 26.18 -6.60 -15.24
C THR B 162 26.75 -7.06 -16.57
N LEU B 163 26.71 -6.16 -17.53
CA LEU B 163 27.14 -6.46 -18.90
C LEU B 163 28.65 -6.64 -19.04
N SER B 164 29.04 -7.53 -19.95
CA SER B 164 30.45 -7.69 -20.28
C SER B 164 30.95 -6.49 -21.08
N ARG B 165 32.11 -6.01 -20.68
CA ARG B 165 32.78 -4.89 -21.34
C ARG B 165 33.09 -5.16 -22.82
N ASN B 166 33.14 -6.43 -23.19
CA ASN B 166 33.40 -6.86 -24.57
C ASN B 166 32.14 -6.79 -25.42
N THR B 167 31.02 -6.37 -24.83
CA THR B 167 29.77 -6.25 -25.59
C THR B 167 29.95 -5.29 -26.75
N ASN B 168 29.37 -5.66 -27.89
CA ASN B 168 29.48 -4.88 -29.13
C ASN B 168 28.34 -5.20 -30.10
N TYR B 169 28.46 -4.74 -31.35
CA TYR B 169 27.35 -4.81 -32.32
C TYR B 169 27.05 -6.23 -32.80
N LYS B 170 27.97 -7.14 -32.51
CA LYS B 170 27.83 -8.55 -32.90
C LYS B 170 27.96 -9.51 -31.71
N ASN B 171 28.02 -8.93 -30.51
CA ASN B 171 28.21 -9.70 -29.29
C ASN B 171 27.59 -9.03 -28.08
N VAL B 172 26.82 -9.81 -27.33
CA VAL B 172 26.40 -9.42 -25.98
C VAL B 172 26.80 -10.51 -24.98
N GLY B 173 27.32 -10.07 -23.84
CA GLY B 173 27.71 -10.95 -22.75
C GLY B 173 27.40 -10.39 -21.38
N TRP B 174 27.19 -11.29 -20.42
CA TRP B 174 26.88 -10.91 -19.02
C TRP B 174 27.76 -11.62 -18.02
N GLY B 175 28.10 -10.91 -16.95
CA GLY B 175 28.76 -11.47 -15.77
C GLY B 175 27.84 -11.48 -14.56
N VAL B 176 27.46 -12.68 -14.12
CA VAL B 176 26.67 -12.85 -12.90
C VAL B 176 27.61 -13.16 -11.72
N GLU B 177 28.00 -12.11 -11.02
CA GLU B 177 29.10 -12.18 -10.05
C GLU B 177 28.70 -12.08 -8.58
N ALA B 178 29.36 -12.87 -7.76
CA ALA B 178 29.17 -12.83 -6.30
C ALA B 178 29.31 -11.39 -5.84
N HIS B 179 28.34 -10.92 -5.07
CA HIS B 179 28.22 -9.49 -4.76
C HIS B 179 28.22 -9.17 -3.27
N LYS B 180 27.14 -9.49 -2.60
CA LYS B 180 27.00 -9.21 -1.17
C LYS B 180 26.58 -10.47 -0.43
N ILE B 181 27.55 -11.10 0.22
CA ILE B 181 27.35 -12.41 0.85
C ILE B 181 27.47 -12.31 2.37
N MET B 182 26.38 -12.66 3.05
CA MET B 182 26.31 -12.55 4.50
C MET B 182 26.64 -13.88 5.16
N ASN B 183 27.64 -13.85 6.04
CA ASN B 183 28.08 -15.03 6.78
C ASN B 183 26.93 -15.50 7.69
N ASN B 184 26.64 -14.69 8.70
CA ASN B 184 25.43 -14.84 9.53
C ASN B 184 24.80 -13.45 9.79
N GLY B 185 25.21 -12.81 10.87
CA GLY B 185 24.97 -11.38 11.06
C GLY B 185 26.13 -10.60 10.48
N TRP B 186 27.18 -11.33 10.12
CA TRP B 186 28.43 -10.76 9.59
C TRP B 186 28.39 -10.59 8.07
N GLY B 187 29.21 -9.66 7.60
CA GLY B 187 29.22 -9.26 6.21
C GLY B 187 28.58 -7.90 5.98
N PRO B 188 28.27 -7.56 4.72
CA PRO B 188 28.40 -8.46 3.58
C PRO B 188 29.83 -8.59 3.11
N TYR B 189 30.16 -9.79 2.66
CA TYR B 189 31.48 -10.11 2.13
C TYR B 189 31.42 -10.34 0.64
N GLY B 190 32.60 -10.24 0.03
CA GLY B 190 32.78 -10.47 -1.39
C GLY B 190 34.06 -11.21 -1.71
N ARG B 191 34.39 -11.25 -3.00
CA ARG B 191 35.54 -12.00 -3.48
C ARG B 191 36.86 -11.41 -3.01
N ASP B 192 36.86 -10.11 -2.72
CA ASP B 192 38.08 -9.36 -2.35
C ASP B 192 38.07 -8.79 -0.92
N SER B 193 37.10 -9.19 -0.11
CA SER B 193 36.99 -8.67 1.27
C SER B 193 38.30 -8.87 2.01
N PHE B 194 38.74 -7.83 2.69
CA PHE B 194 40.04 -7.85 3.38
C PHE B 194 40.02 -7.16 4.73
N HIS B 195 40.11 -7.98 5.78
CA HIS B 195 40.40 -7.51 7.14
C HIS B 195 41.92 -7.60 7.38
N PRO B 196 42.55 -6.53 7.93
CA PRO B 196 44.00 -6.49 8.08
C PRO B 196 44.62 -7.68 8.83
N THR B 197 43.84 -8.26 9.73
CA THR B 197 44.29 -9.40 10.55
C THR B 197 43.70 -10.74 10.08
N TYR B 198 42.37 -10.79 9.95
CA TYR B 198 41.66 -12.05 9.64
C TYR B 198 41.49 -12.33 8.15
N GLY B 199 42.03 -11.44 7.32
CA GLY B 199 41.94 -11.55 5.86
C GLY B 199 40.52 -11.50 5.32
N ASN B 200 40.22 -12.44 4.42
CA ASN B 200 38.88 -12.61 3.86
C ASN B 200 38.07 -13.65 4.65
N GLU B 201 37.07 -13.14 5.36
CA GLU B 201 36.26 -13.94 6.31
C GLU B 201 34.99 -14.53 5.67
N LEU B 202 34.92 -14.42 4.35
CA LEU B 202 33.75 -14.83 3.54
C LEU B 202 33.00 -16.03 4.09
N PHE B 203 33.70 -17.16 4.17
CA PHE B 203 33.11 -18.42 4.64
C PHE B 203 33.77 -18.96 5.92
N LEU B 204 34.56 -18.12 6.57
CA LEU B 204 35.15 -18.45 7.89
C LEU B 204 34.07 -18.53 8.96
N ALA B 205 34.02 -19.66 9.66
CA ALA B 205 32.99 -19.89 10.69
C ALA B 205 33.31 -19.19 12.00
N GLY B 206 34.56 -19.37 12.46
CA GLY B 206 34.98 -18.84 13.76
C GLY B 206 36.42 -18.35 13.79
N ARG B 207 36.61 -17.15 14.32
CA ARG B 207 37.92 -16.50 14.35
C ARG B 207 38.86 -17.20 15.32
N GLN B 208 38.29 -17.74 16.39
CA GLN B 208 39.07 -18.37 17.48
C GLN B 208 38.58 -19.79 17.77
N SER B 209 37.99 -20.43 16.76
CA SER B 209 37.39 -21.75 16.92
C SER B 209 38.40 -22.83 17.28
N SER B 210 38.06 -23.58 18.32
CA SER B 210 38.85 -24.73 18.77
C SER B 210 38.41 -25.98 18.02
N ALA B 211 38.59 -25.96 16.70
CA ALA B 211 38.15 -27.05 15.83
C ALA B 211 39.08 -27.29 14.64
N TYR B 212 38.82 -28.37 13.92
CA TYR B 212 39.53 -28.69 12.68
C TYR B 212 39.23 -27.62 11.61
N ALA B 213 40.28 -27.27 10.86
CA ALA B 213 40.19 -26.27 9.78
C ALA B 213 39.09 -26.60 8.80
N GLY B 214 39.01 -27.88 8.45
CA GLY B 214 38.01 -28.39 7.51
C GLY B 214 36.62 -28.46 8.10
N GLN B 215 36.51 -28.12 9.38
CA GLN B 215 35.22 -28.02 10.07
C GLN B 215 34.93 -26.60 10.57
N ASN B 216 35.83 -25.68 10.25
CA ASN B 216 35.69 -24.27 10.67
C ASN B 216 35.20 -23.36 9.53
N PHE B 217 34.65 -23.97 8.48
CA PHE B 217 33.90 -23.22 7.47
C PHE B 217 32.44 -23.15 7.90
N ILE B 218 31.75 -22.09 7.49
CA ILE B 218 30.30 -22.03 7.75
C ILE B 218 29.59 -23.21 7.10
N ALA B 219 28.39 -23.49 7.57
CA ALA B 219 27.60 -24.61 7.06
C ALA B 219 27.28 -24.42 5.59
N GLN B 220 27.36 -25.50 4.84
CA GLN B 220 27.05 -25.47 3.40
C GLN B 220 25.74 -24.71 3.13
N HIS B 221 24.71 -25.05 3.90
CA HIS B 221 23.36 -24.47 3.73
C HIS B 221 23.29 -22.96 3.96
N GLN B 222 24.23 -22.47 4.75
CA GLN B 222 24.37 -21.02 5.01
C GLN B 222 24.98 -20.28 3.81
N MET B 223 25.60 -21.02 2.89
CA MET B 223 26.22 -20.40 1.70
C MET B 223 25.13 -20.02 0.68
N PRO B 224 25.34 -18.92 -0.07
CA PRO B 224 24.36 -18.56 -1.09
C PRO B 224 24.13 -19.66 -2.11
N LEU B 225 22.89 -19.75 -2.57
CA LEU B 225 22.46 -20.78 -3.51
C LEU B 225 23.39 -20.92 -4.70
N LEU B 226 23.78 -19.79 -5.29
CA LEU B 226 24.60 -19.81 -6.51
C LEU B 226 26.06 -20.22 -6.30
N SER B 227 26.53 -20.14 -5.06
CA SER B 227 27.91 -20.53 -4.74
C SER B 227 28.10 -22.04 -4.66
N ARG B 228 27.04 -22.71 -4.24
CA ARG B 228 27.08 -24.16 -3.91
C ARG B 228 26.22 -25.07 -4.78
N SER B 229 25.26 -24.49 -5.49
CA SER B 229 24.25 -25.25 -6.25
C SER B 229 24.40 -25.00 -7.74
N ASN B 230 23.28 -24.69 -8.40
CA ASN B 230 23.25 -24.41 -9.85
C ASN B 230 22.67 -23.04 -10.17
N PHE B 231 23.37 -22.36 -11.08
CA PHE B 231 22.88 -21.15 -11.73
C PHE B 231 21.99 -21.54 -12.90
N ASN B 232 20.82 -20.92 -12.98
CA ASN B 232 19.90 -21.11 -14.09
C ASN B 232 19.77 -19.82 -14.88
N PRO B 233 20.56 -19.65 -15.96
CA PRO B 233 20.48 -18.38 -16.63
C PRO B 233 19.16 -18.18 -17.35
N GLU B 234 18.85 -16.90 -17.52
CA GLU B 234 17.67 -16.49 -18.26
C GLU B 234 17.98 -15.15 -18.88
N PHE B 235 18.65 -15.22 -20.01
CA PHE B 235 19.05 -14.05 -20.77
C PHE B 235 18.33 -13.99 -22.08
N LEU B 236 18.24 -12.78 -22.61
CA LEU B 236 17.54 -12.53 -23.85
C LEU B 236 18.37 -11.66 -24.77
N SER B 237 18.24 -11.94 -26.06
CA SER B 237 18.91 -11.18 -27.08
C SER B 237 18.03 -11.08 -28.32
N VAL B 238 18.20 -9.96 -29.02
CA VAL B 238 17.45 -9.71 -30.24
C VAL B 238 18.48 -9.46 -31.33
N LEU B 239 18.43 -10.30 -32.35
CA LEU B 239 19.39 -10.25 -33.45
C LEU B 239 18.70 -9.91 -34.77
N SER B 240 19.42 -9.18 -35.61
CA SER B 240 18.90 -8.80 -36.93
C SER B 240 19.75 -9.42 -38.02
N HIS B 241 19.08 -9.74 -39.13
CA HIS B 241 19.72 -10.37 -40.28
C HIS B 241 19.24 -9.74 -41.61
N ARG B 242 20.21 -9.41 -42.46
CA ARG B 242 19.91 -8.82 -43.78
C ARG B 242 19.29 -9.87 -44.69
N GLN B 243 18.27 -9.45 -45.43
CA GLN B 243 17.52 -10.37 -46.32
C GLN B 243 18.35 -10.81 -47.52
N ASP B 244 19.28 -9.95 -47.92
CA ASP B 244 20.23 -10.27 -49.02
C ASP B 244 21.46 -11.04 -48.54
N GLY B 245 21.51 -11.31 -47.24
CA GLY B 245 22.63 -12.05 -46.66
C GLY B 245 22.56 -13.55 -46.92
N ALA B 246 23.41 -14.30 -46.24
CA ALA B 246 23.40 -15.76 -46.37
C ALA B 246 22.11 -16.35 -45.80
N LYS B 247 21.61 -17.39 -46.44
CA LYS B 247 20.43 -18.12 -45.94
C LYS B 247 20.76 -18.69 -44.57
N LYS B 248 22.01 -19.09 -44.42
CA LYS B 248 22.50 -19.67 -43.18
C LYS B 248 23.66 -18.89 -42.54
N SER B 249 23.57 -18.72 -41.23
CA SER B 249 24.64 -18.09 -40.44
C SER B 249 24.89 -18.83 -39.14
N LYS B 250 25.92 -18.40 -38.42
CA LYS B 250 26.36 -19.08 -37.19
C LYS B 250 26.27 -18.17 -35.98
N ILE B 251 25.62 -18.67 -34.95
CA ILE B 251 25.61 -18.00 -33.65
C ILE B 251 26.35 -18.85 -32.62
N THR B 252 27.21 -18.17 -31.86
CA THR B 252 28.04 -18.81 -30.84
C THR B 252 27.56 -18.43 -29.45
N VAL B 253 27.20 -19.45 -28.68
CA VAL B 253 26.74 -19.26 -27.29
C VAL B 253 27.67 -19.95 -26.27
N THR B 254 28.17 -19.15 -25.35
CA THR B 254 29.15 -19.59 -24.35
C THR B 254 28.60 -19.50 -22.93
N TYR B 255 28.61 -20.64 -22.25
CA TYR B 255 28.30 -20.72 -20.82
C TYR B 255 29.58 -21.07 -20.07
N GLN B 256 29.83 -20.31 -19.00
CA GLN B 256 31.10 -20.42 -18.28
C GLN B 256 30.96 -20.16 -16.78
N ARG B 257 31.74 -20.91 -16.00
CA ARG B 257 31.85 -20.67 -14.57
C ARG B 257 33.29 -20.42 -14.12
N GLU B 258 33.43 -19.40 -13.29
CA GLU B 258 34.69 -19.12 -12.60
C GLU B 258 34.57 -19.61 -11.17
N MET B 259 35.44 -20.55 -10.81
CA MET B 259 35.47 -21.12 -9.48
C MET B 259 36.61 -20.51 -8.67
N ASP B 260 36.28 -20.03 -7.48
CA ASP B 260 37.27 -19.44 -6.57
C ASP B 260 37.74 -20.43 -5.52
N LEU B 261 39.02 -20.32 -5.20
CA LEU B 261 39.64 -21.12 -4.13
C LEU B 261 39.57 -20.32 -2.82
N TYR B 262 38.66 -20.74 -1.95
CA TYR B 262 38.59 -20.16 -0.61
C TYR B 262 39.30 -21.05 0.39
N GLN B 263 40.26 -20.47 1.09
CA GLN B 263 41.05 -21.22 2.06
C GLN B 263 41.24 -20.48 3.38
N ILE B 264 41.34 -21.26 4.44
CA ILE B 264 41.56 -20.76 5.80
C ILE B 264 42.73 -21.47 6.47
N CYS B 265 43.35 -20.79 7.45
CA CYS B 265 44.47 -21.38 8.20
C CYS B 265 44.63 -20.86 9.62
N TRP B 266 45.17 -21.73 10.47
CA TRP B 266 45.41 -21.46 11.90
C TRP B 266 46.88 -21.11 12.10
N ASN B 267 47.13 -19.87 12.51
CA ASN B 267 48.50 -19.35 12.69
C ASN B 267 49.06 -19.58 14.10
N GLY B 268 48.24 -20.17 14.96
CA GLY B 268 48.59 -20.48 16.34
C GLY B 268 47.77 -19.72 17.35
N PHE B 269 47.31 -18.53 16.94
CA PHE B 269 46.53 -17.63 17.81
C PHE B 269 45.09 -17.45 17.33
N TYR B 270 44.95 -17.19 16.04
CA TYR B 270 43.64 -16.99 15.40
C TYR B 270 43.55 -17.61 14.01
N TRP B 271 42.32 -17.64 13.49
CA TRP B 271 42.08 -18.08 12.11
C TRP B 271 42.09 -16.89 11.16
N ALA B 272 42.66 -17.12 9.99
CA ALA B 272 42.62 -16.15 8.89
C ALA B 272 42.16 -16.83 7.60
N GLY B 273 41.59 -16.03 6.71
CA GLY B 273 41.08 -16.51 5.42
C GLY B 273 41.62 -15.79 4.21
N ALA B 274 41.54 -16.46 3.06
CA ALA B 274 41.92 -15.87 1.77
C ALA B 274 41.10 -16.42 0.60
N ASN B 275 40.69 -15.53 -0.30
CA ASN B 275 39.97 -15.95 -1.52
C ASN B 275 40.76 -15.68 -2.80
N TYR B 276 41.05 -16.77 -3.52
CA TYR B 276 41.77 -16.68 -4.80
C TYR B 276 40.80 -16.86 -5.96
N LYS B 277 40.69 -15.81 -6.77
CA LYS B 277 39.66 -15.73 -7.81
C LYS B 277 39.97 -16.51 -9.06
N ASN B 278 38.92 -17.11 -9.61
CA ASN B 278 39.01 -17.84 -10.88
C ASN B 278 40.23 -18.76 -10.88
N PHE B 279 40.43 -19.45 -9.76
CA PHE B 279 41.53 -20.40 -9.60
C PHE B 279 41.25 -21.65 -10.42
N LYS B 280 39.97 -21.83 -10.69
CA LYS B 280 39.51 -22.83 -11.65
C LYS B 280 38.44 -22.23 -12.56
N THR B 281 38.41 -22.71 -13.79
CA THR B 281 37.46 -22.23 -14.81
C THR B 281 36.96 -23.39 -15.65
N ARG B 282 35.66 -23.38 -15.91
CA ARG B 282 35.04 -24.36 -16.80
C ARG B 282 34.15 -23.63 -17.80
N THR B 283 34.37 -23.90 -19.08
CA THR B 283 33.73 -23.17 -20.16
C THR B 283 33.10 -24.10 -21.17
N PHE B 284 31.86 -23.80 -21.53
CA PHE B 284 31.13 -24.55 -22.54
C PHE B 284 30.62 -23.63 -23.67
N LYS B 285 31.32 -23.72 -24.79
CA LYS B 285 31.03 -22.98 -26.03
C LYS B 285 30.32 -23.85 -27.04
N SER B 286 29.20 -23.36 -27.53
CA SER B 286 28.45 -24.06 -28.59
C SER B 286 28.10 -23.12 -29.73
N THR B 287 28.33 -23.62 -30.93
CA THR B 287 28.01 -22.90 -32.16
C THR B 287 26.82 -23.54 -32.85
N TYR B 288 25.84 -22.70 -33.19
CA TYR B 288 24.60 -23.16 -33.83
C TYR B 288 24.45 -22.61 -35.23
N GLU B 289 24.07 -23.50 -36.14
CA GLU B 289 23.72 -23.10 -37.49
C GLU B 289 22.30 -22.58 -37.50
N ILE B 290 22.16 -21.31 -37.88
CA ILE B 290 20.85 -20.65 -37.99
C ILE B 290 20.42 -20.58 -39.47
N ASP B 291 19.32 -21.25 -39.79
CA ASP B 291 18.73 -21.21 -41.14
C ASP B 291 17.60 -20.20 -41.18
N TRP B 292 17.94 -19.01 -41.64
CA TRP B 292 17.03 -17.85 -41.64
C TRP B 292 15.88 -18.02 -42.61
N GLU B 293 16.09 -18.83 -43.65
CA GLU B 293 15.07 -19.06 -44.68
C GLU B 293 13.96 -20.01 -44.21
N ASN B 294 14.38 -21.13 -43.65
CA ASN B 294 13.46 -22.20 -43.21
C ASN B 294 13.11 -22.15 -41.72
N HIS B 295 13.73 -21.22 -41.01
CA HIS B 295 13.49 -20.99 -39.58
C HIS B 295 13.81 -22.23 -38.74
N LYS B 296 14.89 -22.91 -39.13
CA LYS B 296 15.43 -24.04 -38.38
C LYS B 296 16.76 -23.69 -37.72
N VAL B 297 17.08 -24.42 -36.65
CA VAL B 297 18.35 -24.25 -35.95
C VAL B 297 18.94 -25.60 -35.58
N LYS B 298 20.26 -25.70 -35.72
CA LYS B 298 20.96 -26.97 -35.59
C LYS B 298 22.31 -26.77 -34.92
N LEU B 299 22.58 -27.58 -33.90
CA LEU B 299 23.85 -27.51 -33.19
C LEU B 299 24.91 -28.00 -34.15
N LEU B 300 25.97 -27.22 -34.26
CA LEU B 300 27.02 -27.48 -35.24
C LEU B 300 28.27 -27.99 -34.53
N ASP B 301 28.86 -27.11 -33.73
CA ASP B 301 30.11 -27.39 -33.02
C ASP B 301 30.00 -27.16 -31.53
N THR B 302 30.88 -27.81 -30.77
CA THR B 302 30.98 -27.55 -29.33
C THR B 302 32.44 -27.51 -28.90
N LYS B 303 32.67 -26.82 -27.79
CA LYS B 303 34.00 -26.62 -27.21
C LYS B 303 33.94 -26.65 -25.68
N GLU B 304 34.60 -27.63 -25.07
CA GLU B 304 34.61 -27.77 -23.60
C GLU B 304 36.01 -27.53 -23.12
N THR B 305 36.21 -26.40 -22.44
CA THR B 305 37.53 -25.99 -21.99
C THR B 305 37.64 -25.96 -20.47
N GLU B 306 38.60 -26.72 -19.98
CA GLU B 306 38.87 -26.83 -18.56
C GLU B 306 40.17 -26.08 -18.29
N ASN B 307 40.07 -24.99 -17.56
CA ASN B 307 41.28 -24.29 -17.07
C ASN B 307 41.50 -24.57 -15.59
N ASN B 308 42.76 -24.73 -15.22
CA ASN B 308 43.17 -24.85 -13.82
C ASN B 308 44.47 -24.11 -13.56
N LYS B 309 44.53 -23.42 -12.43
CA LYS B 309 45.76 -22.73 -11.98
C LYS B 309 46.71 -23.74 -11.33
N VAL C 26 -15.49 -27.41 -24.64
CA VAL C 26 -15.98 -27.73 -23.25
C VAL C 26 -17.48 -27.58 -23.07
N THR C 27 -18.10 -28.62 -22.53
CA THR C 27 -19.51 -28.60 -22.09
C THR C 27 -19.63 -28.94 -20.60
N LEU C 28 -20.52 -28.25 -19.92
CA LEU C 28 -20.68 -28.36 -18.47
C LEU C 28 -22.09 -28.75 -18.04
N TYR C 29 -22.16 -29.72 -17.13
CA TYR C 29 -23.42 -30.21 -16.58
C TYR C 29 -23.38 -30.16 -15.06
N LYS C 30 -24.37 -29.52 -14.46
CA LYS C 30 -24.40 -29.39 -13.00
C LYS C 30 -25.52 -30.21 -12.37
N THR C 31 -25.24 -30.63 -11.15
CA THR C 31 -26.24 -31.14 -10.26
C THR C 31 -25.78 -31.02 -8.81
N THR C 32 -26.65 -31.41 -7.90
CA THR C 32 -26.38 -31.33 -6.47
C THR C 32 -27.00 -32.52 -5.76
N ALA C 33 -26.37 -32.89 -4.66
CA ALA C 33 -26.86 -33.92 -3.75
C ALA C 33 -26.63 -33.47 -2.32
N THR C 34 -27.52 -33.88 -1.42
CA THR C 34 -27.40 -33.57 0.01
C THR C 34 -27.70 -34.79 0.88
N ALA C 35 -27.22 -34.74 2.12
CA ALA C 35 -27.43 -35.81 3.11
C ALA C 35 -27.26 -35.29 4.53
N ASP C 36 -28.25 -35.61 5.38
CA ASP C 36 -28.28 -35.13 6.76
C ASP C 36 -28.15 -36.22 7.79
N SER C 37 -27.35 -35.94 8.81
CA SER C 37 -27.38 -36.65 10.09
C SER C 37 -27.89 -35.69 11.14
N ASP C 38 -29.21 -35.66 11.28
CA ASP C 38 -29.87 -34.78 12.25
C ASP C 38 -29.40 -35.08 13.68
N LYS C 39 -29.11 -36.34 13.96
CA LYS C 39 -28.68 -36.77 15.30
C LYS C 39 -27.34 -36.18 15.72
N PHE C 40 -26.38 -36.20 14.79
CA PHE C 40 -25.02 -35.66 15.03
C PHE C 40 -24.89 -34.17 14.70
N LYS C 41 -25.93 -33.58 14.11
CA LYS C 41 -25.88 -32.21 13.61
C LYS C 41 -24.71 -32.06 12.62
N ILE C 42 -24.66 -33.03 11.72
CA ILE C 42 -23.72 -33.05 10.61
C ILE C 42 -24.53 -33.12 9.33
N SER C 43 -24.14 -32.30 8.35
CA SER C 43 -24.87 -32.19 7.08
C SER C 43 -23.92 -31.98 5.90
N GLN C 44 -24.21 -32.70 4.82
CA GLN C 44 -23.38 -32.68 3.63
C GLN C 44 -24.11 -32.05 2.48
N ILE C 45 -23.48 -31.03 1.92
CA ILE C 45 -23.90 -30.44 0.66
C ILE C 45 -22.81 -30.73 -0.34
N LEU C 46 -23.20 -31.41 -1.40
CA LEU C 46 -22.28 -31.70 -2.48
C LEU C 46 -22.77 -31.07 -3.77
N THR C 47 -21.87 -30.35 -4.40
CA THR C 47 -22.12 -29.69 -5.68
C THR C 47 -21.22 -30.30 -6.74
N PHE C 48 -21.84 -30.68 -7.86
CA PHE C 48 -21.18 -31.44 -8.92
C PHE C 48 -21.17 -30.68 -10.23
N ASN C 49 -19.98 -30.55 -10.79
CA ASN C 49 -19.81 -30.06 -12.15
C ASN C 49 -19.17 -31.11 -13.03
N PHE C 50 -19.97 -31.70 -13.90
CA PHE C 50 -19.49 -32.68 -14.90
C PHE C 50 -19.01 -31.93 -16.12
N ILE C 51 -17.75 -32.14 -16.46
CA ILE C 51 -17.14 -31.47 -17.60
C ILE C 51 -16.78 -32.45 -18.71
N LYS C 52 -17.49 -32.27 -19.82
CA LYS C 52 -17.12 -32.88 -21.09
C LYS C 52 -16.15 -31.97 -21.85
N ASP C 53 -14.90 -32.40 -21.92
CA ASP C 53 -13.82 -31.64 -22.54
C ASP C 53 -13.28 -32.39 -23.75
N LYS C 54 -13.50 -31.81 -24.93
CA LYS C 54 -13.12 -32.45 -26.20
C LYS C 54 -11.61 -32.71 -26.35
N SER C 55 -10.82 -31.91 -25.67
CA SER C 55 -9.35 -32.07 -25.69
C SER C 55 -8.84 -33.17 -24.75
N TYR C 56 -9.76 -33.79 -24.03
CA TYR C 56 -9.44 -34.75 -22.96
C TYR C 56 -10.14 -36.09 -23.22
N ASP C 57 -9.43 -37.19 -23.00
CA ASP C 57 -9.94 -38.54 -23.35
C ASP C 57 -10.78 -39.17 -22.25
N LYS C 58 -10.97 -38.43 -21.16
CA LYS C 58 -11.76 -38.91 -20.02
C LYS C 58 -12.85 -37.92 -19.61
N ASP C 59 -13.76 -38.41 -18.78
CA ASP C 59 -14.76 -37.58 -18.12
C ASP C 59 -14.18 -36.93 -16.88
N THR C 60 -14.53 -35.67 -16.68
CA THR C 60 -14.09 -34.89 -15.53
C THR C 60 -15.24 -34.52 -14.61
N LEU C 61 -14.95 -34.51 -13.31
CA LEU C 61 -15.94 -34.16 -12.29
C LEU C 61 -15.31 -33.26 -11.25
N VAL C 62 -15.75 -32.02 -11.24
CA VAL C 62 -15.40 -31.11 -10.17
C VAL C 62 -16.48 -31.20 -9.10
N LEU C 63 -16.03 -31.51 -7.90
CA LEU C 63 -16.91 -31.80 -6.79
C LEU C 63 -16.57 -30.93 -5.58
N LYS C 64 -17.48 -30.02 -5.28
CA LYS C 64 -17.36 -29.15 -4.11
C LYS C 64 -18.16 -29.71 -2.93
N ALA C 65 -17.44 -29.87 -1.83
CA ALA C 65 -18.02 -30.39 -0.60
C ALA C 65 -18.19 -29.28 0.40
N THR C 66 -19.44 -29.01 0.75
CA THR C 66 -19.77 -28.04 1.78
C THR C 66 -20.76 -28.59 2.80
N GLY C 67 -21.32 -27.70 3.62
CA GLY C 67 -22.34 -28.05 4.60
C GLY C 67 -21.96 -27.73 6.02
N ASN C 68 -22.29 -28.64 6.95
CA ASN C 68 -22.18 -28.40 8.39
C ASN C 68 -21.64 -29.59 9.15
N ILE C 69 -20.68 -29.32 10.03
CA ILE C 69 -20.28 -30.27 11.06
C ILE C 69 -20.27 -29.55 12.39
N ASN C 70 -21.25 -29.89 13.25
CA ASN C 70 -21.34 -29.30 14.59
C ASN C 70 -20.14 -29.72 15.43
N SER C 71 -19.72 -28.82 16.31
CA SER C 71 -18.53 -29.05 17.15
C SER C 71 -18.77 -30.10 18.22
N GLY C 72 -20.05 -30.33 18.51
CA GLY C 72 -20.46 -31.26 19.59
C GLY C 72 -20.18 -30.67 20.97
N PHE C 73 -19.99 -29.36 21.01
CA PHE C 73 -19.66 -28.67 22.26
C PHE C 73 -20.69 -28.94 23.36
N VAL C 74 -20.17 -29.27 24.53
CA VAL C 74 -20.97 -29.45 25.76
C VAL C 74 -20.44 -28.55 26.87
N LYS C 75 -21.32 -27.68 27.35
CA LYS C 75 -20.99 -26.76 28.45
C LYS C 75 -20.65 -27.52 29.72
N PRO C 76 -19.75 -26.95 30.54
CA PRO C 76 -19.51 -27.56 31.85
C PRO C 76 -20.65 -27.30 32.82
N ASN C 77 -20.82 -28.19 33.78
CA ASN C 77 -21.81 -28.03 34.85
C ASN C 77 -21.32 -26.97 35.85
N PRO C 78 -22.06 -25.85 35.98
CA PRO C 78 -21.61 -24.77 36.87
C PRO C 78 -21.58 -25.15 38.34
N ASN C 79 -22.36 -26.17 38.70
CA ASN C 79 -22.43 -26.67 40.08
C ASN C 79 -21.21 -27.49 40.52
N ASP C 80 -20.42 -27.94 39.55
CA ASP C 80 -19.19 -28.68 39.84
C ASP C 80 -18.24 -27.82 40.69
N TYR C 81 -17.69 -28.42 41.74
CA TYR C 81 -16.95 -27.65 42.77
C TYR C 81 -15.42 -27.74 42.70
N ASP C 82 -14.88 -28.91 43.00
CA ASP C 82 -13.42 -29.12 43.05
C ASP C 82 -12.86 -29.61 41.73
N PHE C 83 -13.74 -30.23 40.95
CA PHE C 83 -13.38 -30.85 39.68
C PHE C 83 -14.48 -30.61 38.66
N SER C 84 -14.08 -30.38 37.41
CA SER C 84 -15.04 -30.14 36.32
C SER C 84 -14.51 -30.47 34.92
N LYS C 85 -15.44 -30.63 33.99
CA LYS C 85 -15.10 -31.01 32.61
C LYS C 85 -16.03 -30.40 31.57
N LEU C 86 -15.45 -30.15 30.39
CA LEU C 86 -16.22 -29.78 29.19
C LEU C 86 -15.72 -30.54 27.97
N TYR C 87 -16.62 -30.66 26.99
CA TYR C 87 -16.28 -31.24 25.68
C TYR C 87 -16.30 -30.18 24.59
N TRP C 88 -15.29 -30.24 23.72
CA TRP C 88 -15.12 -29.26 22.62
C TRP C 88 -14.65 -29.90 21.32
N GLY C 89 -15.12 -29.32 20.22
CA GLY C 89 -14.76 -29.79 18.87
C GLY C 89 -13.33 -29.41 18.52
N ALA C 90 -12.42 -30.38 18.60
CA ALA C 90 -10.98 -30.13 18.53
C ALA C 90 -10.38 -30.41 17.17
N LYS C 91 -11.08 -31.23 16.39
CA LYS C 91 -10.64 -31.57 15.05
C LYS C 91 -11.79 -32.03 14.17
N TYR C 92 -11.73 -31.64 12.91
CA TYR C 92 -12.70 -32.02 11.90
C TYR C 92 -11.98 -32.73 10.76
N ASN C 93 -12.54 -33.86 10.38
CA ASN C 93 -12.02 -34.66 9.28
C ASN C 93 -13.05 -34.78 8.18
N VAL C 94 -12.60 -34.44 6.98
CA VAL C 94 -13.39 -34.61 5.76
C VAL C 94 -12.58 -35.47 4.80
N SER C 95 -13.28 -36.38 4.11
CA SER C 95 -12.66 -37.20 3.06
C SER C 95 -13.62 -37.53 1.92
N ILE C 96 -13.03 -37.63 0.73
CA ILE C 96 -13.75 -37.92 -0.51
C ILE C 96 -13.02 -39.08 -1.18
N SER C 97 -13.76 -40.13 -1.53
CA SER C 97 -13.19 -41.37 -2.11
C SER C 97 -14.02 -42.02 -3.21
N SER C 98 -13.30 -42.68 -4.09
CA SER C 98 -13.89 -43.60 -5.07
C SER C 98 -13.52 -45.02 -4.65
N GLN C 99 -14.00 -46.00 -5.41
CA GLN C 99 -13.83 -47.43 -5.06
C GLN C 99 -12.64 -48.01 -5.79
N SER C 100 -11.99 -48.97 -5.13
CA SER C 100 -10.75 -49.58 -5.63
C SER C 100 -10.94 -50.29 -6.96
N ASN C 101 -12.13 -50.82 -7.18
CA ASN C 101 -12.42 -51.60 -8.39
C ASN C 101 -12.86 -50.77 -9.58
N ASP C 102 -13.15 -49.49 -9.38
CA ASP C 102 -13.63 -48.62 -10.47
C ASP C 102 -12.53 -47.79 -11.15
N SER C 103 -12.92 -47.12 -12.23
CA SER C 103 -11.98 -46.37 -13.09
C SER C 103 -11.89 -44.89 -12.69
N VAL C 104 -12.35 -44.57 -11.49
CA VAL C 104 -12.43 -43.19 -11.04
C VAL C 104 -11.27 -42.83 -10.12
N ASN C 105 -10.47 -41.87 -10.59
CA ASN C 105 -9.33 -41.33 -9.83
C ASN C 105 -9.56 -39.90 -9.33
N VAL C 106 -8.92 -39.59 -8.20
CA VAL C 106 -8.83 -38.21 -7.69
C VAL C 106 -7.54 -37.57 -8.21
N VAL C 107 -7.70 -36.65 -9.16
CA VAL C 107 -6.55 -36.05 -9.92
C VAL C 107 -6.07 -34.72 -9.35
N ASP C 108 -6.91 -34.06 -8.57
CA ASP C 108 -6.59 -32.75 -8.00
C ASP C 108 -7.60 -32.38 -6.91
N TYR C 109 -7.21 -31.41 -6.09
CA TYR C 109 -8.04 -30.98 -4.95
C TYR C 109 -7.54 -29.67 -4.35
N ALA C 110 -8.34 -29.13 -3.45
CA ALA C 110 -7.98 -27.88 -2.75
C ALA C 110 -8.72 -27.82 -1.42
N PRO C 111 -8.04 -27.33 -0.35
CA PRO C 111 -6.68 -26.81 -0.35
C PRO C 111 -5.59 -27.84 -0.21
N LYS C 112 -4.39 -27.47 -0.65
CA LYS C 112 -3.20 -28.29 -0.53
C LYS C 112 -2.35 -27.83 0.63
N ASN C 113 -1.39 -28.68 1.02
CA ASN C 113 -0.52 -28.36 2.17
C ASN C 113 0.37 -27.16 1.84
N GLN C 114 0.43 -26.24 2.78
CA GLN C 114 1.08 -24.97 2.55
C GLN C 114 2.51 -25.00 3.08
N ASN C 115 3.44 -24.76 2.16
CA ASN C 115 4.83 -24.47 2.50
C ASN C 115 4.89 -23.02 3.04
N GLU C 116 4.80 -22.91 4.35
CA GLU C 116 4.53 -21.64 5.02
C GLU C 116 5.62 -20.59 4.83
N GLU C 117 5.20 -19.34 4.77
CA GLU C 117 6.11 -18.22 4.55
C GLU C 117 6.02 -17.19 5.65
N PHE C 118 7.17 -16.68 6.05
CA PHE C 118 7.21 -15.60 7.05
C PHE C 118 8.32 -14.62 6.75
N GLN C 119 8.16 -13.42 7.31
CA GLN C 119 9.03 -12.28 7.06
C GLN C 119 9.98 -12.13 8.25
N VAL C 120 11.27 -11.92 7.95
CA VAL C 120 12.30 -11.77 8.98
C VAL C 120 13.00 -10.42 8.87
N GLN C 121 13.22 -9.80 10.03
CA GLN C 121 13.99 -8.56 10.13
C GLN C 121 15.11 -8.71 11.14
N ASN C 122 16.34 -8.73 10.65
CA ASN C 122 17.52 -8.74 11.51
C ASN C 122 18.10 -7.34 11.60
N THR C 123 18.20 -6.84 12.82
CA THR C 123 18.78 -5.54 13.11
C THR C 123 20.00 -5.63 14.03
N LEU C 124 21.09 -5.01 13.56
CA LEU C 124 22.31 -4.82 14.35
C LEU C 124 22.50 -3.33 14.57
N GLY C 125 22.81 -2.98 15.81
CA GLY C 125 22.92 -1.58 16.21
C GLY C 125 24.08 -1.28 17.13
N TYR C 126 24.60 -0.06 17.03
CA TYR C 126 25.74 0.37 17.82
C TYR C 126 25.66 1.84 18.18
N THR C 127 25.87 2.12 19.46
CA THR C 127 25.94 3.49 19.95
C THR C 127 27.20 3.71 20.77
N PHE C 128 27.81 4.87 20.55
CA PHE C 128 28.97 5.30 21.33
C PHE C 128 28.90 6.80 21.61
N GLY C 129 29.23 7.15 22.84
CA GLY C 129 29.09 8.52 23.32
C GLY C 129 29.88 8.83 24.57
N GLY C 130 30.03 10.13 24.83
CA GLY C 130 30.78 10.60 25.98
C GLY C 130 30.17 11.85 26.59
N ASP C 131 30.35 11.99 27.90
CA ASP C 131 29.85 13.16 28.64
C ASP C 131 30.92 13.85 29.49
N ILE C 132 30.68 15.12 29.76
CA ILE C 132 31.58 15.98 30.53
C ILE C 132 30.79 16.89 31.46
N SER C 133 31.34 17.12 32.65
CA SER C 133 30.68 17.92 33.70
C SER C 133 31.68 18.81 34.43
N ILE C 134 31.32 20.08 34.60
CA ILE C 134 32.20 21.04 35.30
C ILE C 134 31.63 21.48 36.64
N SER C 135 32.47 21.42 37.66
CA SER C 135 32.13 21.84 39.02
C SER C 135 33.34 22.46 39.71
N ASN C 136 33.51 22.23 41.01
CA ASN C 136 34.77 22.49 41.68
C ASN C 136 35.83 21.64 41.00
N GLY C 137 35.53 20.35 40.90
CA GLY C 137 36.39 19.38 40.22
C GLY C 137 35.80 18.92 38.89
N LEU C 138 36.68 18.73 37.92
CA LEU C 138 36.26 18.25 36.60
C LEU C 138 35.98 16.76 36.61
N SER C 139 34.90 16.38 35.92
CA SER C 139 34.51 14.97 35.77
C SER C 139 34.16 14.63 34.33
N GLY C 140 34.05 13.34 34.10
CA GLY C 140 33.85 12.82 32.75
C GLY C 140 33.23 11.43 32.68
N GLY C 141 33.19 10.91 31.46
CA GLY C 141 32.63 9.59 31.20
C GLY C 141 32.51 9.20 29.74
N LEU C 142 32.36 7.90 29.52
CA LEU C 142 32.20 7.33 28.17
C LEU C 142 31.25 6.14 28.19
N ASN C 143 30.22 6.19 27.35
CA ASN C 143 29.23 5.09 27.23
C ASN C 143 29.23 4.45 25.83
N GLY C 144 29.23 3.13 25.79
CA GLY C 144 29.19 2.38 24.52
C GLY C 144 28.43 1.08 24.60
N ASN C 145 27.56 0.85 23.63
CA ASN C 145 26.80 -0.41 23.60
C ASN C 145 26.38 -0.95 22.24
N THR C 146 26.22 -2.26 22.21
CA THR C 146 25.92 -3.00 20.98
C THR C 146 24.60 -3.75 21.13
N ALA C 147 23.63 -3.35 20.34
CA ALA C 147 22.33 -4.01 20.29
C ALA C 147 22.25 -4.94 19.08
N PHE C 148 21.61 -6.08 19.27
CA PHE C 148 21.16 -6.90 18.14
C PHE C 148 19.85 -7.59 18.44
N SER C 149 19.08 -7.80 17.38
CA SER C 149 17.75 -8.36 17.50
C SER C 149 17.23 -8.98 16.22
N GLU C 150 16.18 -9.77 16.40
CA GLU C 150 15.48 -10.41 15.29
C GLU C 150 13.98 -10.34 15.52
N THR C 151 13.27 -9.98 14.47
CA THR C 151 11.80 -9.94 14.43
C THR C 151 11.30 -10.87 13.35
N ILE C 152 10.31 -11.69 13.70
CA ILE C 152 9.65 -12.54 12.72
C ILE C 152 8.18 -12.18 12.65
N ASN C 153 7.64 -12.20 11.43
CA ASN C 153 6.24 -11.84 11.17
C ASN C 153 5.54 -12.95 10.41
N TYR C 154 4.38 -13.35 10.93
CA TYR C 154 3.65 -14.49 10.41
C TYR C 154 2.14 -14.44 10.72
N LYS C 155 1.41 -15.31 10.04
CA LYS C 155 -0.04 -15.45 10.25
C LYS C 155 -0.32 -16.53 11.28
N GLN C 156 -1.25 -16.24 12.16
CA GLN C 156 -1.69 -17.19 13.19
C GLN C 156 -3.18 -17.46 13.07
N GLU C 157 -3.52 -18.75 13.01
CA GLU C 157 -4.91 -19.19 12.86
C GLU C 157 -5.31 -20.15 13.98
N SER C 158 -6.57 -20.03 14.43
CA SER C 158 -7.06 -20.84 15.56
C SER C 158 -7.05 -22.32 15.20
N TYR C 159 -7.52 -22.62 14.00
CA TYR C 159 -7.51 -23.99 13.45
C TYR C 159 -6.73 -24.11 12.15
N ARG C 160 -6.01 -25.22 11.99
CA ARG C 160 -5.18 -25.45 10.81
C ARG C 160 -5.63 -26.64 9.95
N THR C 161 -5.58 -26.43 8.64
CA THR C 161 -6.02 -27.40 7.65
C THR C 161 -4.83 -27.98 6.90
N THR C 162 -4.67 -29.29 7.04
CA THR C 162 -3.64 -30.04 6.34
C THR C 162 -4.21 -31.35 5.84
N LEU C 163 -3.55 -31.90 4.85
CA LEU C 163 -4.04 -33.12 4.19
C LEU C 163 -3.89 -34.36 5.09
N SER C 164 -4.81 -35.29 4.89
CA SER C 164 -4.74 -36.58 5.54
C SER C 164 -3.64 -37.41 4.91
N ARG C 165 -2.84 -38.01 5.77
CA ARG C 165 -1.74 -38.87 5.34
C ARG C 165 -2.19 -40.09 4.54
N ASN C 166 -3.47 -40.43 4.65
CA ASN C 166 -4.09 -41.54 3.92
C ASN C 166 -4.53 -41.16 2.52
N THR C 167 -4.27 -39.91 2.14
CA THR C 167 -4.59 -39.45 0.81
C THR C 167 -3.86 -40.33 -0.21
N ASN C 168 -4.57 -40.61 -1.30
CA ASN C 168 -4.02 -41.42 -2.40
C ASN C 168 -4.75 -41.15 -3.73
N TYR C 169 -4.51 -42.00 -4.72
CA TYR C 169 -5.01 -41.77 -6.09
C TYR C 169 -6.52 -41.91 -6.24
N LYS C 170 -7.15 -42.47 -5.21
CA LYS C 170 -8.61 -42.68 -5.18
C LYS C 170 -9.26 -42.05 -3.95
N ASN C 171 -8.46 -41.34 -3.17
CA ASN C 171 -8.92 -40.73 -1.92
C ASN C 171 -8.17 -39.46 -1.58
N VAL C 172 -8.92 -38.42 -1.26
CA VAL C 172 -8.37 -37.23 -0.62
C VAL C 172 -9.13 -36.95 0.67
N GLY C 173 -8.37 -36.61 1.70
CA GLY C 173 -8.93 -36.23 2.99
C GLY C 173 -8.17 -35.08 3.65
N TRP C 174 -8.90 -34.32 4.48
CA TRP C 174 -8.36 -33.18 5.23
C TRP C 174 -8.64 -33.29 6.72
N GLY C 175 -7.67 -32.84 7.51
CA GLY C 175 -7.83 -32.60 8.95
C GLY C 175 -7.80 -31.11 9.30
N VAL C 176 -8.94 -30.60 9.72
CA VAL C 176 -9.04 -29.22 10.20
C VAL C 176 -8.90 -29.22 11.73
N GLU C 177 -7.66 -29.04 12.20
CA GLU C 177 -7.31 -29.27 13.60
C GLU C 177 -6.99 -28.01 14.41
N ALA C 178 -7.46 -28.02 15.66
CA ALA C 178 -7.17 -26.95 16.62
C ALA C 178 -5.67 -26.69 16.63
N HIS C 179 -5.29 -25.43 16.48
CA HIS C 179 -3.88 -25.07 16.22
C HIS C 179 -3.29 -24.11 17.25
N LYS C 180 -3.73 -22.87 17.19
CA LYS C 180 -3.20 -21.82 18.09
C LYS C 180 -4.34 -21.08 18.75
N ILE C 181 -4.61 -21.46 20.00
CA ILE C 181 -5.78 -20.94 20.72
C ILE C 181 -5.36 -20.06 21.89
N MET C 182 -5.82 -18.80 21.84
CA MET C 182 -5.44 -17.81 22.87
C MET C 182 -6.53 -17.70 23.91
N ASN C 183 -6.10 -17.89 25.15
CA ASN C 183 -6.99 -17.80 26.32
C ASN C 183 -7.51 -16.37 26.45
N ASN C 184 -6.60 -15.45 26.80
CA ASN C 184 -6.85 -13.99 26.74
C ASN C 184 -5.62 -13.28 26.15
N GLY C 185 -4.71 -12.87 27.02
CA GLY C 185 -3.35 -12.51 26.61
C GLY C 185 -2.46 -13.74 26.63
N TRP C 186 -3.00 -14.82 27.20
CA TRP C 186 -2.28 -16.08 27.37
C TRP C 186 -2.41 -17.00 26.17
N GLY C 187 -1.44 -17.89 26.04
CA GLY C 187 -1.34 -18.78 24.90
C GLY C 187 -0.22 -18.36 23.95
N PRO C 188 -0.21 -18.90 22.73
CA PRO C 188 -1.25 -19.79 22.23
C PRO C 188 -1.16 -21.21 22.80
N TYR C 189 -2.33 -21.81 23.00
CA TYR C 189 -2.44 -23.18 23.49
C TYR C 189 -2.97 -24.11 22.41
N GLY C 190 -2.73 -25.39 22.64
CA GLY C 190 -3.19 -26.46 21.76
C GLY C 190 -3.67 -27.69 22.50
N ARG C 191 -3.89 -28.77 21.75
CA ARG C 191 -4.46 -29.99 22.31
C ARG C 191 -3.52 -30.69 23.29
N ASP C 192 -2.22 -30.44 23.13
CA ASP C 192 -1.17 -31.09 23.92
C ASP C 192 -0.35 -30.15 24.81
N SER C 193 -0.79 -28.90 24.94
CA SER C 193 -0.05 -27.93 25.76
C SER C 193 0.18 -28.47 27.16
N PHE C 194 1.41 -28.34 27.64
CA PHE C 194 1.80 -28.88 28.94
C PHE C 194 2.71 -27.96 29.73
N HIS C 195 2.16 -27.39 30.79
CA HIS C 195 2.93 -26.70 31.84
C HIS C 195 3.22 -27.71 32.97
N PRO C 196 4.48 -27.78 33.46
CA PRO C 196 4.88 -28.81 34.43
C PRO C 196 4.02 -28.85 35.68
N THR C 197 3.46 -27.69 36.04
CA THR C 197 2.62 -27.57 37.23
C THR C 197 1.12 -27.49 36.91
N TYR C 198 0.76 -26.56 36.04
CA TYR C 198 -0.65 -26.24 35.76
C TYR C 198 -1.24 -27.10 34.64
N GLY C 199 -0.43 -28.00 34.10
CA GLY C 199 -0.85 -28.87 33.00
C GLY C 199 -1.22 -28.13 31.71
N ASN C 200 -2.35 -28.52 31.14
CA ASN C 200 -2.91 -27.86 29.96
C ASN C 200 -3.92 -26.77 30.35
N GLU C 201 -3.52 -25.53 30.13
CA GLU C 201 -4.28 -24.33 30.57
C GLU C 201 -5.24 -23.81 29.50
N LEU C 202 -5.39 -24.60 28.44
CA LEU C 202 -6.20 -24.24 27.26
C LEU C 202 -7.40 -23.35 27.54
N PHE C 203 -8.30 -23.87 28.36
CA PHE C 203 -9.55 -23.16 28.71
C PHE C 203 -9.67 -22.86 30.22
N LEU C 204 -8.58 -23.03 30.94
CA LEU C 204 -8.51 -22.66 32.36
C LEU C 204 -8.60 -21.14 32.54
N ALA C 205 -9.55 -20.70 33.34
CA ALA C 205 -9.81 -19.25 33.57
C ALA C 205 -8.82 -18.64 34.54
N GLY C 206 -8.64 -19.29 35.69
CA GLY C 206 -7.79 -18.75 36.75
C GLY C 206 -6.99 -19.82 37.49
N ARG C 207 -5.70 -19.58 37.65
CA ARG C 207 -4.78 -20.54 38.29
C ARG C 207 -5.06 -20.66 39.77
N GLN C 208 -5.47 -19.56 40.39
CA GLN C 208 -5.70 -19.50 41.84
C GLN C 208 -7.09 -18.98 42.20
N SER C 209 -8.03 -19.17 41.27
CA SER C 209 -9.37 -18.59 41.43
C SER C 209 -10.16 -19.24 42.58
N SER C 210 -10.73 -18.37 43.41
CA SER C 210 -11.61 -18.79 44.54
C SER C 210 -13.03 -18.94 44.04
N ALA C 211 -13.23 -19.91 43.14
CA ALA C 211 -14.54 -20.16 42.54
C ALA C 211 -14.80 -21.65 42.27
N TYR C 212 -16.04 -21.95 41.90
CA TYR C 212 -16.43 -23.31 41.51
C TYR C 212 -15.68 -23.74 40.24
N ALA C 213 -15.27 -25.00 40.21
CA ALA C 213 -14.54 -25.59 39.08
C ALA C 213 -15.30 -25.39 37.77
N GLY C 214 -16.60 -25.61 37.83
CA GLY C 214 -17.47 -25.47 36.67
C GLY C 214 -17.74 -24.03 36.28
N GLN C 215 -17.19 -23.10 37.07
CA GLN C 215 -17.24 -21.66 36.77
C GLN C 215 -15.84 -21.07 36.55
N ASN C 216 -14.82 -21.93 36.60
CA ASN C 216 -13.43 -21.51 36.41
C ASN C 216 -12.88 -21.81 35.01
N PHE C 217 -13.79 -22.09 34.08
CA PHE C 217 -13.42 -22.14 32.66
C PHE C 217 -13.58 -20.74 32.09
N ILE C 218 -12.79 -20.43 31.07
CA ILE C 218 -12.99 -19.17 30.35
C ILE C 218 -14.40 -19.08 29.79
N ALA C 219 -14.83 -17.86 29.50
CA ALA C 219 -16.17 -17.62 28.98
C ALA C 219 -16.35 -18.32 27.63
N GLN C 220 -17.51 -18.92 27.44
CA GLN C 220 -17.83 -19.61 26.18
C GLN C 220 -17.45 -18.76 24.96
N HIS C 221 -17.84 -17.49 25.00
CA HIS C 221 -17.61 -16.54 23.89
C HIS C 221 -16.15 -16.30 23.58
N GLN C 222 -15.31 -16.49 24.58
CA GLN C 222 -13.87 -16.37 24.43
C GLN C 222 -13.24 -17.58 23.75
N MET C 223 -13.99 -18.65 23.63
CA MET C 223 -13.50 -19.88 22.95
C MET C 223 -13.57 -19.68 21.43
N PRO C 224 -12.65 -20.30 20.68
CA PRO C 224 -12.70 -20.17 19.24
C PRO C 224 -14.00 -20.69 18.65
N LEU C 225 -14.43 -20.02 17.58
CA LEU C 225 -15.71 -20.32 16.91
C LEU C 225 -15.86 -21.82 16.63
N LEU C 226 -14.81 -22.44 16.11
CA LEU C 226 -14.89 -23.85 15.69
C LEU C 226 -14.92 -24.84 16.86
N SER C 227 -14.50 -24.41 18.05
CA SER C 227 -14.51 -25.29 19.22
C SER C 227 -15.92 -25.44 19.82
N ARG C 228 -16.71 -24.39 19.69
CA ARG C 228 -18.01 -24.28 20.38
C ARG C 228 -19.24 -24.20 19.48
N SER C 229 -19.03 -23.88 18.20
CA SER C 229 -20.12 -23.63 17.24
C SER C 229 -20.13 -24.68 16.15
N ASN C 230 -20.23 -24.24 14.89
CA ASN C 230 -20.26 -25.11 13.72
C ASN C 230 -19.13 -24.81 12.74
N PHE C 231 -18.49 -25.89 12.29
CA PHE C 231 -17.56 -25.88 11.18
C PHE C 231 -18.36 -25.96 9.89
N ASN C 232 -18.02 -25.09 8.95
CA ASN C 232 -18.64 -25.11 7.62
C ASN C 232 -17.58 -25.44 6.57
N PRO C 233 -17.44 -26.73 6.21
CA PRO C 233 -16.38 -27.05 5.30
C PRO C 233 -16.61 -26.50 3.91
N GLU C 234 -15.50 -26.32 3.21
CA GLU C 234 -15.51 -25.88 1.84
C GLU C 234 -14.27 -26.45 1.19
N PHE C 235 -14.42 -27.69 0.76
CA PHE C 235 -13.35 -28.41 0.10
C PHE C 235 -13.70 -28.66 -1.35
N LEU C 236 -12.68 -28.92 -2.13
CA LEU C 236 -12.82 -29.19 -3.53
C LEU C 236 -11.98 -30.36 -3.98
N SER C 237 -12.54 -31.08 -4.94
CA SER C 237 -11.87 -32.22 -5.52
C SER C 237 -12.20 -32.31 -6.98
N VAL C 238 -11.24 -32.86 -7.73
CA VAL C 238 -11.41 -33.08 -9.15
C VAL C 238 -11.17 -34.55 -9.41
N LEU C 239 -12.19 -35.20 -9.96
CA LEU C 239 -12.14 -36.64 -10.23
C LEU C 239 -12.24 -36.94 -11.72
N SER C 240 -11.54 -37.98 -12.13
CA SER C 240 -11.53 -38.40 -13.52
C SER C 240 -12.13 -39.78 -13.66
N HIS C 241 -12.79 -40.00 -14.80
CA HIS C 241 -13.49 -41.26 -15.08
C HIS C 241 -13.25 -41.69 -16.53
N ARG C 242 -12.90 -42.98 -16.69
CA ARG C 242 -12.66 -43.58 -18.01
C ARG C 242 -13.97 -43.72 -18.75
N GLN C 243 -13.94 -43.41 -20.04
CA GLN C 243 -15.15 -43.44 -20.89
C GLN C 243 -15.63 -44.86 -21.16
N ASP C 244 -14.69 -45.80 -21.14
CA ASP C 244 -14.99 -47.23 -21.29
C ASP C 244 -15.38 -47.89 -19.97
N GLY C 245 -15.37 -47.12 -18.89
CA GLY C 245 -15.73 -47.64 -17.57
C GLY C 245 -17.23 -47.80 -17.39
N ALA C 246 -17.64 -48.03 -16.15
CA ALA C 246 -19.05 -48.18 -15.84
C ALA C 246 -19.78 -46.86 -16.05
N LYS C 247 -21.03 -46.93 -16.51
CA LYS C 247 -21.88 -45.74 -16.62
C LYS C 247 -22.10 -45.15 -15.24
N LYS C 248 -22.20 -46.03 -14.25
CA LYS C 248 -22.38 -45.63 -12.83
C LYS C 248 -21.24 -46.08 -11.94
N SER C 249 -20.85 -45.18 -11.06
CA SER C 249 -19.86 -45.47 -10.02
C SER C 249 -20.27 -44.86 -8.69
N LYS C 250 -19.49 -45.17 -7.65
CA LYS C 250 -19.81 -44.75 -6.28
C LYS C 250 -18.73 -43.87 -5.69
N ILE C 251 -19.14 -42.74 -5.16
CA ILE C 251 -18.25 -41.87 -4.39
C ILE C 251 -18.71 -41.81 -2.95
N THR C 252 -17.73 -41.95 -2.06
CA THR C 252 -17.95 -41.96 -0.62
C THR C 252 -17.42 -40.66 0.02
N VAL C 253 -18.32 -39.92 0.65
CA VAL C 253 -17.96 -38.70 1.38
C VAL C 253 -18.21 -38.82 2.88
N THR C 254 -17.17 -38.58 3.65
CA THR C 254 -17.21 -38.69 5.10
C THR C 254 -16.96 -37.35 5.78
N TYR C 255 -17.92 -36.97 6.64
CA TYR C 255 -17.76 -35.84 7.55
C TYR C 255 -17.68 -36.36 8.98
N GLN C 256 -16.70 -35.85 9.73
CA GLN C 256 -16.39 -36.37 11.05
C GLN C 256 -15.88 -35.30 12.01
N ARG C 257 -16.28 -35.43 13.28
CA ARG C 257 -15.74 -34.60 14.36
C ARG C 257 -15.09 -35.42 15.46
N GLU C 258 -13.91 -34.95 15.88
CA GLU C 258 -13.24 -35.46 17.07
C GLU C 258 -13.47 -34.47 18.21
N MET C 259 -14.11 -34.96 19.26
CA MET C 259 -14.39 -34.14 20.45
C MET C 259 -13.41 -34.48 21.57
N ASP C 260 -12.78 -33.44 22.10
CA ASP C 260 -11.82 -33.59 23.20
C ASP C 260 -12.46 -33.31 24.55
N LEU C 261 -12.02 -34.08 25.53
CA LEU C 261 -12.45 -33.90 26.93
C LEU C 261 -11.46 -32.98 27.61
N TYR C 262 -11.89 -31.75 27.86
CA TYR C 262 -11.08 -30.81 28.64
C TYR C 262 -11.59 -30.75 30.06
N GLN C 263 -10.68 -31.00 30.99
CA GLN C 263 -11.04 -31.01 32.41
C GLN C 263 -10.02 -30.28 33.30
N ILE C 264 -10.56 -29.70 34.36
CA ILE C 264 -9.76 -28.98 35.36
C ILE C 264 -10.05 -29.48 36.78
N CYS C 265 -9.08 -29.30 37.67
CA CYS C 265 -9.26 -29.70 39.08
C CYS C 265 -8.44 -28.89 40.09
N TRP C 266 -9.01 -28.80 41.29
CA TRP C 266 -8.42 -28.06 42.42
C TRP C 266 -7.72 -29.03 43.37
N ASN C 267 -6.40 -28.90 43.46
CA ASN C 267 -5.59 -29.83 44.29
C ASN C 267 -5.41 -29.34 45.73
N GLY C 268 -6.00 -28.19 46.03
CA GLY C 268 -5.94 -27.60 47.37
C GLY C 268 -5.19 -26.26 47.39
N PHE C 269 -4.23 -26.15 46.48
CA PHE C 269 -3.36 -24.96 46.39
C PHE C 269 -3.59 -24.16 45.11
N TYR C 270 -3.62 -24.87 43.98
CA TYR C 270 -3.83 -24.27 42.67
C TYR C 270 -4.72 -25.12 41.75
N TRP C 271 -5.11 -24.51 40.64
CA TRP C 271 -5.86 -25.23 39.59
C TRP C 271 -4.90 -25.78 38.55
N ALA C 272 -5.22 -26.99 38.08
CA ALA C 272 -4.53 -27.62 36.98
C ALA C 272 -5.52 -28.12 35.93
N GLY C 273 -5.04 -28.25 34.70
CA GLY C 273 -5.88 -28.71 33.58
C GLY C 273 -5.30 -29.89 32.80
N ALA C 274 -6.18 -30.59 32.09
CA ALA C 274 -5.78 -31.70 31.19
C ALA C 274 -6.73 -31.86 30.00
N ASN C 275 -6.14 -32.08 28.81
CA ASN C 275 -6.93 -32.31 27.59
C ASN C 275 -6.76 -33.71 27.03
N TYR C 276 -7.87 -34.43 26.97
CA TYR C 276 -7.89 -35.79 26.45
C TYR C 276 -8.49 -35.81 25.04
N LYS C 277 -7.67 -36.21 24.09
CA LYS C 277 -8.02 -36.07 22.68
C LYS C 277 -8.94 -37.15 22.15
N ASN C 278 -9.85 -36.72 21.28
CA ASN C 278 -10.77 -37.63 20.60
C ASN C 278 -11.40 -38.61 21.60
N PHE C 279 -11.79 -38.06 22.74
CA PHE C 279 -12.44 -38.84 23.81
C PHE C 279 -13.86 -39.20 23.39
N LYS C 280 -14.37 -38.40 22.47
CA LYS C 280 -15.60 -38.70 21.75
C LYS C 280 -15.44 -38.43 20.26
N THR C 281 -16.14 -39.22 19.47
CA THR C 281 -16.08 -39.14 18.00
C THR C 281 -17.44 -39.34 17.40
N ARG C 282 -17.75 -38.52 16.40
CA ARG C 282 -18.99 -38.64 15.65
C ARG C 282 -18.67 -38.57 14.17
N THR C 283 -19.13 -39.58 13.44
CA THR C 283 -18.79 -39.74 12.04
C THR C 283 -20.02 -39.95 11.16
N PHE C 284 -20.07 -39.20 10.05
CA PHE C 284 -21.16 -39.30 9.07
C PHE C 284 -20.62 -39.57 7.67
N LYS C 285 -20.74 -40.84 7.28
CA LYS C 285 -20.34 -41.37 5.97
C LYS C 285 -21.53 -41.48 5.04
N SER C 286 -21.40 -40.92 3.84
CA SER C 286 -22.44 -41.06 2.82
C SER C 286 -21.83 -41.48 1.49
N THR C 287 -22.49 -42.46 0.88
CA THR C 287 -22.11 -42.96 -0.45
C THR C 287 -23.12 -42.50 -1.48
N TYR C 288 -22.59 -41.94 -2.57
CA TYR C 288 -23.42 -41.41 -3.66
C TYR C 288 -23.21 -42.16 -4.95
N GLU C 289 -24.33 -42.49 -5.60
CA GLU C 289 -24.29 -43.08 -6.92
C GLU C 289 -24.09 -41.98 -7.94
N ILE C 290 -22.99 -42.08 -8.67
CA ILE C 290 -22.66 -41.13 -9.74
C ILE C 290 -22.97 -41.72 -11.12
N ASP C 291 -23.91 -41.10 -11.82
CA ASP C 291 -24.25 -41.49 -13.20
C ASP C 291 -23.53 -40.59 -14.21
N TRP C 292 -22.41 -41.11 -14.67
CA TRP C 292 -21.51 -40.37 -15.56
C TRP C 292 -22.12 -40.10 -16.93
N GLU C 293 -23.05 -40.95 -17.34
CA GLU C 293 -23.68 -40.85 -18.66
C GLU C 293 -24.73 -39.74 -18.71
N ASN C 294 -25.61 -39.76 -17.72
CA ASN C 294 -26.75 -38.81 -17.64
C ASN C 294 -26.49 -37.60 -16.75
N HIS C 295 -25.34 -37.59 -16.11
CA HIS C 295 -24.88 -36.47 -15.26
C HIS C 295 -25.82 -36.23 -14.09
N LYS C 296 -26.31 -37.33 -13.53
CA LYS C 296 -27.13 -37.32 -12.33
C LYS C 296 -26.37 -37.90 -11.14
N VAL C 297 -26.79 -37.51 -9.95
CA VAL C 297 -26.23 -38.04 -8.71
C VAL C 297 -27.32 -38.31 -7.68
N LYS C 298 -27.17 -39.41 -6.97
CA LYS C 298 -28.20 -39.92 -6.07
C LYS C 298 -27.59 -40.50 -4.81
N LEU C 299 -28.10 -40.08 -3.67
CA LEU C 299 -27.62 -40.60 -2.39
C LEU C 299 -28.05 -42.05 -2.30
N LEU C 300 -27.10 -42.90 -1.97
CA LEU C 300 -27.31 -44.35 -2.00
C LEU C 300 -27.39 -44.87 -0.56
N ASP C 301 -26.26 -44.79 0.14
CA ASP C 301 -26.12 -45.32 1.50
C ASP C 301 -25.65 -44.26 2.48
N THR C 302 -25.94 -44.48 3.75
CA THR C 302 -25.39 -43.64 4.81
C THR C 302 -24.96 -44.47 6.01
N LYS C 303 -24.03 -43.92 6.77
CA LYS C 303 -23.48 -44.58 7.97
C LYS C 303 -23.19 -43.54 9.06
N GLU C 304 -23.86 -43.71 10.19
CA GLU C 304 -23.69 -42.80 11.32
C GLU C 304 -23.05 -43.57 12.45
N THR C 305 -21.80 -43.25 12.73
CA THR C 305 -21.04 -43.94 13.78
C THR C 305 -20.72 -43.03 14.96
N GLU C 306 -21.14 -43.49 16.13
CA GLU C 306 -20.90 -42.80 17.38
C GLU C 306 -19.88 -43.58 18.16
N ASN C 307 -18.69 -42.99 18.33
CA ASN C 307 -17.68 -43.57 19.22
C ASN C 307 -17.62 -42.81 20.53
N ASN C 308 -17.43 -43.55 21.62
CA ASN C 308 -17.19 -42.97 22.96
C ASN C 308 -16.16 -43.78 23.72
N LYS C 309 -15.27 -43.08 24.40
CA LYS C 309 -14.23 -43.71 25.21
C LYS C 309 -14.80 -44.07 26.58
N VAL D 26 -34.87 -5.02 -19.93
CA VAL D 26 -34.84 -3.84 -19.01
C VAL D 26 -34.95 -2.50 -19.76
N THR D 27 -35.93 -1.71 -19.37
CA THR D 27 -36.12 -0.33 -19.88
C THR D 27 -36.15 0.68 -18.74
N LEU D 28 -35.52 1.83 -18.97
CA LEU D 28 -35.35 2.88 -17.95
C LEU D 28 -35.93 4.23 -18.36
N TYR D 29 -36.71 4.81 -17.46
CA TYR D 29 -37.35 6.11 -17.68
C TYR D 29 -36.99 7.05 -16.54
N LYS D 30 -36.48 8.23 -16.89
CA LYS D 30 -36.03 9.20 -15.88
C LYS D 30 -36.89 10.45 -15.83
N THR D 31 -36.99 10.99 -14.64
CA THR D 31 -37.54 12.32 -14.43
C THR D 31 -37.03 12.91 -13.12
N THR D 32 -37.43 14.15 -12.85
CA THR D 32 -37.02 14.85 -11.64
C THR D 32 -38.16 15.71 -11.13
N ALA D 33 -38.14 15.94 -9.83
CA ALA D 33 -39.05 16.89 -9.19
C ALA D 33 -38.32 17.60 -8.07
N THR D 34 -38.75 18.82 -7.79
CA THR D 34 -38.15 19.63 -6.74
C THR D 34 -39.20 20.36 -5.89
N ALA D 35 -38.77 20.79 -4.72
CA ALA D 35 -39.62 21.58 -3.83
C ALA D 35 -38.78 22.40 -2.84
N ASP D 36 -39.12 23.68 -2.73
CA ASP D 36 -38.39 24.62 -1.87
C ASP D 36 -39.22 25.13 -0.71
N SER D 37 -38.56 25.17 0.45
CA SER D 37 -38.98 25.99 1.59
C SER D 37 -37.97 27.12 1.77
N ASP D 38 -38.21 28.22 1.08
CA ASP D 38 -37.32 29.38 1.13
C ASP D 38 -37.18 29.92 2.56
N LYS D 39 -38.28 29.81 3.33
CA LYS D 39 -38.33 30.33 4.69
C LYS D 39 -37.38 29.60 5.62
N PHE D 40 -37.36 28.28 5.51
CA PHE D 40 -36.52 27.41 6.36
C PHE D 40 -35.14 27.16 5.77
N LYS D 41 -34.93 27.59 4.54
CA LYS D 41 -33.70 27.29 3.79
C LYS D 41 -33.51 25.76 3.74
N ILE D 42 -34.61 25.11 3.40
CA ILE D 42 -34.65 23.68 3.12
C ILE D 42 -35.13 23.50 1.70
N SER D 43 -34.46 22.62 0.97
CA SER D 43 -34.77 22.36 -0.43
C SER D 43 -34.61 20.88 -0.80
N GLN D 44 -35.57 20.37 -1.57
CA GLN D 44 -35.61 18.97 -1.96
C GLN D 44 -35.41 18.82 -3.43
N ILE D 45 -34.41 18.02 -3.77
CA ILE D 45 -34.18 17.55 -5.13
C ILE D 45 -34.40 16.06 -5.15
N LEU D 46 -35.38 15.65 -5.94
CA LEU D 46 -35.70 14.23 -6.10
C LEU D 46 -35.46 13.82 -7.53
N THR D 47 -34.71 12.74 -7.66
CA THR D 47 -34.37 12.14 -8.96
C THR D 47 -34.98 10.76 -9.05
N PHE D 48 -35.69 10.50 -10.14
CA PHE D 48 -36.47 9.28 -10.30
C PHE D 48 -36.01 8.47 -11.49
N ASN D 49 -35.72 7.19 -11.22
CA ASN D 49 -35.48 6.21 -12.27
C ASN D 49 -36.55 5.09 -12.23
N PHE D 50 -37.49 5.15 -13.17
CA PHE D 50 -38.51 4.09 -13.33
C PHE D 50 -37.93 2.96 -14.15
N ILE D 51 -37.92 1.77 -13.59
CA ILE D 51 -37.38 0.59 -14.25
C ILE D 51 -38.46 -0.44 -14.58
N LYS D 52 -38.69 -0.61 -15.88
CA LYS D 52 -39.47 -1.71 -16.42
C LYS D 52 -38.55 -2.90 -16.67
N ASP D 53 -38.70 -3.92 -15.83
CA ASP D 53 -37.88 -5.14 -15.89
C ASP D 53 -38.76 -6.34 -16.21
N LYS D 54 -38.56 -6.90 -17.40
CA LYS D 54 -39.42 -8.00 -17.90
C LYS D 54 -39.34 -9.28 -17.05
N SER D 55 -38.22 -9.45 -16.36
CA SER D 55 -38.02 -10.61 -15.44
C SER D 55 -38.71 -10.44 -14.08
N TYR D 56 -39.34 -9.28 -13.89
CA TYR D 56 -39.92 -8.89 -12.60
C TYR D 56 -41.40 -8.57 -12.79
N ASP D 57 -42.23 -9.03 -11.87
CA ASP D 57 -43.70 -8.94 -12.04
C ASP D 57 -44.27 -7.61 -11.56
N LYS D 58 -43.40 -6.72 -11.10
CA LYS D 58 -43.79 -5.40 -10.60
C LYS D 58 -43.02 -4.26 -11.25
N ASP D 59 -43.53 -3.05 -11.05
CA ASP D 59 -42.82 -1.81 -11.42
C ASP D 59 -41.81 -1.42 -10.33
N THR D 60 -40.64 -1.00 -10.79
CA THR D 60 -39.55 -0.57 -9.88
C THR D 60 -39.28 0.94 -10.01
N LEU D 61 -38.94 1.54 -8.88
CA LEU D 61 -38.62 2.96 -8.82
C LEU D 61 -37.40 3.16 -7.95
N VAL D 62 -36.31 3.57 -8.57
CA VAL D 62 -35.14 4.05 -7.83
C VAL D 62 -35.25 5.56 -7.66
N LEU D 63 -35.21 5.98 -6.42
CA LEU D 63 -35.47 7.36 -6.05
C LEU D 63 -34.33 7.91 -5.20
N LYS D 64 -33.58 8.83 -5.79
CA LYS D 64 -32.50 9.54 -5.10
C LYS D 64 -33.00 10.87 -4.54
N ALA D 65 -32.78 11.04 -3.25
CA ALA D 65 -33.15 12.25 -2.55
C ALA D 65 -31.89 13.06 -2.22
N THR D 66 -31.81 14.25 -2.82
CA THR D 66 -30.74 15.22 -2.54
C THR D 66 -31.30 16.60 -2.22
N GLY D 67 -30.41 17.58 -2.18
CA GLY D 67 -30.79 18.98 -1.96
C GLY D 67 -30.11 19.59 -0.75
N ASN D 68 -30.86 20.39 -0.01
CA ASN D 68 -30.30 21.25 1.05
C ASN D 68 -31.18 21.28 2.29
N ILE D 69 -30.55 21.12 3.44
CA ILE D 69 -31.17 21.43 4.72
C ILE D 69 -30.21 22.30 5.51
N ASN D 70 -30.56 23.57 5.63
CA ASN D 70 -29.75 24.51 6.42
C ASN D 70 -29.71 24.09 7.88
N SER D 71 -28.59 24.37 8.54
CA SER D 71 -28.41 24.03 9.96
C SER D 71 -29.26 24.84 10.90
N GLY D 72 -29.71 26.00 10.43
CA GLY D 72 -30.45 26.96 11.25
C GLY D 72 -29.56 27.63 12.30
N PHE D 73 -28.25 27.58 12.07
CA PHE D 73 -27.27 28.16 13.00
C PHE D 73 -27.53 29.65 13.26
N VAL D 74 -27.50 30.00 14.54
CA VAL D 74 -27.64 31.38 15.01
C VAL D 74 -26.45 31.75 15.90
N LYS D 75 -25.73 32.77 15.48
CA LYS D 75 -24.54 33.25 16.21
C LYS D 75 -24.94 33.78 17.59
N PRO D 76 -24.04 33.64 18.58
CA PRO D 76 -24.32 34.25 19.87
C PRO D 76 -24.14 35.77 19.83
N ASN D 77 -24.85 36.47 20.71
CA ASN D 77 -24.70 37.91 20.87
C ASN D 77 -23.39 38.22 21.60
N PRO D 78 -22.44 38.93 20.94
CA PRO D 78 -21.15 39.19 21.56
C PRO D 78 -21.22 40.10 22.79
N ASN D 79 -22.30 40.88 22.87
CA ASN D 79 -22.53 41.79 24.00
C ASN D 79 -22.96 41.09 25.30
N ASP D 80 -23.41 39.85 25.18
CA ASP D 80 -23.80 39.05 26.35
C ASP D 80 -22.61 38.90 27.31
N TYR D 81 -22.86 39.13 28.60
CA TYR D 81 -21.78 39.26 29.59
C TYR D 81 -21.53 38.04 30.48
N ASP D 82 -22.47 37.77 31.38
CA ASP D 82 -22.34 36.67 32.36
C ASP D 82 -22.95 35.37 31.85
N PHE D 83 -23.89 35.51 30.91
CA PHE D 83 -24.63 34.40 30.36
C PHE D 83 -24.85 34.60 28.86
N SER D 84 -24.77 33.52 28.11
CA SER D 84 -24.96 33.56 26.65
C SER D 84 -25.46 32.24 26.04
N LYS D 85 -25.99 32.35 24.83
CA LYS D 85 -26.55 31.20 24.11
C LYS D 85 -26.38 31.28 22.59
N LEU D 86 -26.23 30.10 22.00
CA LEU D 86 -26.28 29.94 20.54
C LEU D 86 -27.12 28.73 20.14
N TYR D 87 -27.62 28.78 18.90
CA TYR D 87 -28.35 27.66 18.29
C TYR D 87 -27.54 27.02 17.17
N TRP D 88 -27.55 25.69 17.15
CA TRP D 88 -26.81 24.90 16.16
C TRP D 88 -27.57 23.68 15.66
N GLY D 89 -27.35 23.37 14.38
CA GLY D 89 -27.96 22.21 13.73
C GLY D 89 -27.35 20.90 14.23
N ALA D 90 -28.08 20.21 15.10
CA ALA D 90 -27.54 19.07 15.85
C ALA D 90 -27.93 17.73 15.25
N LYS D 91 -29.02 17.74 14.49
CA LYS D 91 -29.53 16.53 13.87
C LYS D 91 -30.42 16.83 12.67
N TYR D 92 -30.27 15.98 11.66
CA TYR D 92 -31.05 16.07 10.43
C TYR D 92 -31.79 14.77 10.21
N ASN D 93 -33.07 14.91 9.91
CA ASN D 93 -33.94 13.76 9.66
C ASN D 93 -34.51 13.84 8.26
N VAL D 94 -34.31 12.74 7.54
CA VAL D 94 -34.92 12.55 6.23
C VAL D 94 -35.76 11.29 6.28
N SER D 95 -36.91 11.33 5.61
CA SER D 95 -37.75 10.17 5.43
C SER D 95 -38.50 10.15 4.10
N ILE D 96 -38.70 8.94 3.61
CA ILE D 96 -39.39 8.68 2.33
C ILE D 96 -40.49 7.65 2.62
N SER D 97 -41.71 7.96 2.22
CA SER D 97 -42.88 7.10 2.50
C SER D 97 -43.88 7.00 1.36
N SER D 98 -44.54 5.84 1.34
CA SER D 98 -45.73 5.64 0.53
C SER D 98 -46.93 5.56 1.47
N GLN D 99 -48.12 5.41 0.90
CA GLN D 99 -49.36 5.45 1.69
C GLN D 99 -49.83 4.04 2.05
N SER D 100 -50.47 3.93 3.21
CA SER D 100 -50.90 2.64 3.76
C SER D 100 -51.90 1.91 2.87
N ASN D 101 -52.69 2.68 2.13
CA ASN D 101 -53.75 2.11 1.28
C ASN D 101 -53.30 1.71 -0.12
N ASP D 102 -52.07 2.09 -0.50
CA ASP D 102 -51.56 1.79 -1.85
C ASP D 102 -50.69 0.53 -1.93
N SER D 103 -50.34 0.16 -3.16
CA SER D 103 -49.59 -1.07 -3.44
C SER D 103 -48.08 -0.84 -3.50
N VAL D 104 -47.64 0.30 -2.98
CA VAL D 104 -46.24 0.70 -3.13
C VAL D 104 -45.45 0.43 -1.86
N ASN D 105 -44.45 -0.42 -2.00
CA ASN D 105 -43.53 -0.79 -0.92
C ASN D 105 -42.12 -0.24 -1.09
N VAL D 106 -41.44 -0.01 0.04
CA VAL D 106 -40.00 0.31 0.06
C VAL D 106 -39.23 -1.00 0.26
N VAL D 107 -38.56 -1.44 -0.81
CA VAL D 107 -37.88 -2.76 -0.86
C VAL D 107 -36.38 -2.73 -0.58
N ASP D 108 -35.79 -1.54 -0.70
CA ASP D 108 -34.34 -1.37 -0.48
C ASP D 108 -33.97 0.12 -0.40
N TYR D 109 -32.79 0.39 0.13
CA TYR D 109 -32.34 1.77 0.38
C TYR D 109 -30.86 1.83 0.72
N ALA D 110 -30.33 3.05 0.75
CA ALA D 110 -28.93 3.29 1.14
C ALA D 110 -28.77 4.70 1.66
N PRO D 111 -27.96 4.89 2.72
CA PRO D 111 -27.13 3.89 3.40
C PRO D 111 -27.85 3.10 4.47
N LYS D 112 -27.31 1.93 4.75
CA LYS D 112 -27.81 1.04 5.81
C LYS D 112 -26.95 1.13 7.06
N ASN D 113 -27.47 0.61 8.16
CA ASN D 113 -26.77 0.72 9.44
C ASN D 113 -25.49 -0.09 9.42
N GLN D 114 -24.43 0.52 9.92
CA GLN D 114 -23.08 -0.06 9.84
C GLN D 114 -22.80 -0.91 11.09
N ASN D 115 -22.53 -2.19 10.84
CA ASN D 115 -21.91 -3.07 11.84
C ASN D 115 -20.42 -2.72 11.90
N GLU D 116 -20.10 -1.84 12.84
CA GLU D 116 -18.80 -1.15 12.85
C GLU D 116 -17.60 -2.08 13.01
N GLU D 117 -16.51 -1.70 12.34
CA GLU D 117 -15.27 -2.50 12.37
C GLU D 117 -14.09 -1.67 12.82
N PHE D 118 -13.25 -2.28 13.64
CA PHE D 118 -12.02 -1.64 14.09
C PHE D 118 -10.91 -2.64 14.24
N GLN D 119 -9.68 -2.13 14.23
CA GLN D 119 -8.48 -2.98 14.32
C GLN D 119 -7.91 -2.90 15.71
N VAL D 120 -7.50 -4.04 16.22
CA VAL D 120 -6.89 -4.14 17.54
C VAL D 120 -5.47 -4.69 17.46
N GLN D 121 -4.59 -4.07 18.23
CA GLN D 121 -3.20 -4.53 18.37
C GLN D 121 -2.88 -4.73 19.84
N ASN D 122 -2.69 -5.99 20.22
CA ASN D 122 -2.26 -6.33 21.58
C ASN D 122 -0.80 -6.71 21.60
N THR D 123 -0.06 -5.97 22.42
CA THR D 123 1.36 -6.23 22.63
C THR D 123 1.70 -6.57 24.08
N LEU D 124 2.40 -7.70 24.24
CA LEU D 124 3.00 -8.10 25.51
C LEU D 124 4.52 -8.07 25.36
N GLY D 125 5.18 -7.50 26.35
CA GLY D 125 6.63 -7.32 26.31
C GLY D 125 7.34 -7.58 27.63
N TYR D 126 8.58 -8.03 27.51
CA TYR D 126 9.41 -8.33 28.68
C TYR D 126 10.88 -7.99 28.44
N THR D 127 11.45 -7.27 29.39
CA THR D 127 12.89 -6.97 29.38
C THR D 127 13.55 -7.34 30.70
N PHE D 128 14.74 -7.93 30.60
CA PHE D 128 15.54 -8.28 31.78
C PHE D 128 17.02 -8.06 31.52
N GLY D 129 17.68 -7.49 32.51
CA GLY D 129 19.08 -7.08 32.38
C GLY D 129 19.79 -6.83 33.69
N GLY D 130 21.12 -6.80 33.61
CA GLY D 130 21.96 -6.59 34.78
C GLY D 130 23.15 -5.71 34.49
N ASP D 131 23.58 -4.98 35.51
CA ASP D 131 24.72 -4.06 35.39
C ASP D 131 25.79 -4.27 36.45
N ILE D 132 27.01 -3.85 36.10
CA ILE D 132 28.16 -3.97 36.99
C ILE D 132 29.11 -2.78 36.85
N SER D 133 29.77 -2.45 37.96
CA SER D 133 30.79 -1.40 37.96
C SER D 133 31.95 -1.68 38.92
N ILE D 134 33.12 -1.21 38.50
CA ILE D 134 34.38 -1.56 39.17
C ILE D 134 35.18 -0.33 39.61
N SER D 135 35.58 -0.37 40.87
CA SER D 135 36.45 0.66 41.46
C SER D 135 37.36 0.05 42.53
N ASN D 136 37.61 0.79 43.60
CA ASN D 136 38.19 0.21 44.81
C ASN D 136 37.25 -0.88 45.30
N GLY D 137 35.99 -0.49 45.46
CA GLY D 137 34.92 -1.40 45.87
C GLY D 137 34.01 -1.75 44.70
N LEU D 138 33.56 -3.01 44.68
CA LEU D 138 32.68 -3.50 43.61
C LEU D 138 31.22 -3.12 43.85
N SER D 139 30.52 -2.96 42.73
CA SER D 139 29.07 -2.68 42.75
C SER D 139 28.32 -3.47 41.67
N GLY D 140 27.02 -3.63 41.86
CA GLY D 140 26.18 -4.40 40.94
C GLY D 140 24.70 -4.06 40.93
N GLY D 141 23.95 -4.86 40.18
CA GLY D 141 22.50 -4.65 40.05
C GLY D 141 21.81 -5.48 38.99
N LEU D 142 20.48 -5.46 39.04
CA LEU D 142 19.68 -5.94 37.92
C LEU D 142 18.30 -5.28 37.81
N ASN D 143 17.91 -5.13 36.56
CA ASN D 143 16.62 -4.53 36.18
C ASN D 143 15.74 -5.46 35.38
N GLY D 144 14.45 -5.50 35.74
CA GLY D 144 13.46 -6.31 35.03
C GLY D 144 12.09 -5.64 34.93
N ASN D 145 11.51 -5.65 33.75
CA ASN D 145 10.18 -5.02 33.49
C ASN D 145 9.26 -5.81 32.57
N THR D 146 7.96 -5.77 32.89
CA THR D 146 6.93 -6.40 32.07
C THR D 146 5.95 -5.33 31.57
N ALA D 147 5.97 -5.13 30.26
CA ALA D 147 5.05 -4.21 29.60
C ALA D 147 3.89 -4.96 28.96
N PHE D 148 2.71 -4.36 29.04
CA PHE D 148 1.60 -4.78 28.18
C PHE D 148 0.74 -3.60 27.78
N SER D 149 0.16 -3.72 26.60
CA SER D 149 -0.64 -2.64 26.02
C SER D 149 -1.60 -3.09 24.95
N GLU D 150 -2.56 -2.22 24.68
CA GLU D 150 -3.54 -2.42 23.63
C GLU D 150 -3.79 -1.12 22.90
N THR D 151 -3.83 -1.25 21.57
CA THR D 151 -4.15 -0.16 20.66
C THR D 151 -5.35 -0.50 19.83
N ILE D 152 -6.28 0.45 19.72
CA ILE D 152 -7.44 0.29 18.85
C ILE D 152 -7.43 1.37 17.78
N ASN D 153 -7.79 0.98 16.56
CA ASN D 153 -7.78 1.87 15.40
C ASN D 153 -9.15 1.89 14.75
N TYR D 154 -9.68 3.09 14.55
CA TYR D 154 -11.04 3.29 14.07
C TYR D 154 -11.28 4.65 13.40
N LYS D 155 -12.42 4.74 12.71
CA LYS D 155 -12.83 5.94 12.03
C LYS D 155 -13.71 6.78 12.95
N GLN D 156 -13.45 8.08 12.97
CA GLN D 156 -14.24 9.04 13.75
C GLN D 156 -14.85 10.10 12.85
N GLU D 157 -16.15 10.28 12.99
CA GLU D 157 -16.91 11.21 12.16
C GLU D 157 -17.68 12.20 13.03
N SER D 158 -17.75 13.44 12.56
CA SER D 158 -18.39 14.51 13.33
C SER D 158 -19.87 14.21 13.49
N TYR D 159 -20.49 13.78 12.40
CA TYR D 159 -21.91 13.40 12.39
C TYR D 159 -22.12 11.97 11.92
N ARG D 160 -23.06 11.28 12.56
CA ARG D 160 -23.34 9.89 12.25
C ARG D 160 -24.73 9.64 11.67
N THR D 161 -24.77 8.77 10.67
CA THR D 161 -26.00 8.42 9.97
C THR D 161 -26.45 7.01 10.31
N THR D 162 -27.65 6.93 10.89
CA THR D 162 -28.28 5.67 11.21
C THR D 162 -29.77 5.72 10.88
N LEU D 163 -30.33 4.55 10.71
CA LEU D 163 -31.72 4.42 10.28
C LEU D 163 -32.71 4.83 11.35
N SER D 164 -33.83 5.39 10.92
CA SER D 164 -34.92 5.69 11.82
C SER D 164 -35.61 4.40 12.26
N ARG D 165 -35.84 4.32 13.56
CA ARG D 165 -36.52 3.17 14.15
C ARG D 165 -37.92 2.94 13.61
N ASN D 166 -38.49 3.99 13.02
CA ASN D 166 -39.84 3.94 12.43
C ASN D 166 -39.82 3.35 11.03
N THR D 167 -38.65 2.96 10.57
CA THR D 167 -38.53 2.35 9.24
C THR D 167 -39.39 1.09 9.16
N ASN D 168 -40.06 0.94 8.03
CA ASN D 168 -40.97 -0.18 7.79
C ASN D 168 -41.16 -0.46 6.29
N TYR D 169 -42.13 -1.28 5.94
CA TYR D 169 -42.29 -1.78 4.57
C TYR D 169 -42.78 -0.72 3.59
N LYS D 170 -43.26 0.39 4.14
CA LYS D 170 -43.75 1.52 3.36
C LYS D 170 -43.05 2.84 3.69
N ASN D 171 -42.02 2.75 4.52
CA ASN D 171 -41.29 3.93 5.00
C ASN D 171 -39.84 3.62 5.32
N VAL D 172 -38.95 4.47 4.80
CA VAL D 172 -37.57 4.50 5.24
C VAL D 172 -37.20 5.92 5.66
N GLY D 173 -36.48 6.00 6.77
CA GLY D 173 -36.01 7.28 7.31
C GLY D 173 -34.62 7.18 7.91
N TRP D 174 -33.90 8.30 7.88
CA TRP D 174 -32.53 8.41 8.44
C TRP D 174 -32.39 9.58 9.38
N GLY D 175 -31.57 9.36 10.42
CA GLY D 175 -31.12 10.42 11.32
C GLY D 175 -29.62 10.68 11.17
N VAL D 176 -29.28 11.86 10.65
CA VAL D 176 -27.88 12.30 10.55
C VAL D 176 -27.55 13.17 11.77
N GLU D 177 -27.02 12.52 12.80
CA GLU D 177 -26.89 13.14 14.13
C GLU D 177 -25.46 13.48 14.56
N ALA D 178 -25.32 14.63 15.20
CA ALA D 178 -24.05 15.06 15.80
C ALA D 178 -23.49 13.92 16.62
N HIS D 179 -22.22 13.59 16.39
CA HIS D 179 -21.65 12.37 16.96
C HIS D 179 -20.38 12.60 17.80
N LYS D 180 -19.29 12.92 17.14
CA LYS D 180 -18.01 13.14 17.82
C LYS D 180 -17.42 14.48 17.41
N ILE D 181 -17.57 15.47 18.28
CA ILE D 181 -17.20 16.85 17.97
C ILE D 181 -16.03 17.31 18.83
N MET D 182 -14.94 17.67 18.16
CA MET D 182 -13.71 18.07 18.85
C MET D 182 -13.63 19.59 18.95
N ASN D 183 -13.49 20.05 20.20
CA ASN D 183 -13.37 21.49 20.49
C ASN D 183 -12.08 22.01 19.85
N ASN D 184 -10.95 21.58 20.39
CA ASN D 184 -9.63 21.80 19.78
C ASN D 184 -8.80 20.50 19.87
N GLY D 185 -8.03 20.35 20.95
CA GLY D 185 -7.48 19.05 21.34
C GLY D 185 -8.45 18.35 22.28
N TRP D 186 -9.48 19.10 22.69
CA TRP D 186 -10.50 18.62 23.63
C TRP D 186 -11.66 17.93 22.93
N GLY D 187 -12.32 17.05 23.69
CA GLY D 187 -13.37 16.20 23.15
C GLY D 187 -12.92 14.76 23.00
N PRO D 188 -13.68 13.95 22.26
CA PRO D 188 -14.85 14.38 21.51
C PRO D 188 -16.07 14.62 22.38
N TYR D 189 -16.85 15.62 22.00
CA TYR D 189 -18.08 15.97 22.70
C TYR D 189 -19.30 15.65 21.85
N GLY D 190 -20.42 15.58 22.53
CA GLY D 190 -21.71 15.32 21.89
C GLY D 190 -22.84 16.12 22.51
N ARG D 191 -24.06 15.77 22.13
CA ARG D 191 -25.25 16.50 22.54
C ARG D 191 -25.50 16.39 24.04
N ASP D 192 -25.02 15.29 24.64
CA ASP D 192 -25.27 14.96 26.06
C ASP D 192 -24.03 14.94 26.95
N SER D 193 -22.90 15.40 26.42
CA SER D 193 -21.64 15.41 27.19
C SER D 193 -21.84 16.11 28.54
N PHE D 194 -21.35 15.47 29.59
CA PHE D 194 -21.54 15.98 30.94
C PHE D 194 -20.31 15.83 31.82
N HIS D 195 -19.68 16.95 32.11
CA HIS D 195 -18.65 17.06 33.16
C HIS D 195 -19.33 17.52 34.46
N PRO D 196 -19.03 16.86 35.60
CA PRO D 196 -19.74 17.14 36.87
C PRO D 196 -19.71 18.61 37.29
N THR D 197 -18.66 19.31 36.88
CA THR D 197 -18.48 20.73 37.22
C THR D 197 -18.80 21.67 36.07
N TYR D 198 -18.15 21.42 34.93
CA TYR D 198 -18.21 22.34 33.78
C TYR D 198 -19.37 22.04 32.82
N GLY D 199 -20.17 21.04 33.19
CA GLY D 199 -21.31 20.62 32.36
C GLY D 199 -20.93 20.12 30.98
N ASN D 200 -21.65 20.60 29.98
CA ASN D 200 -21.37 20.29 28.57
C ASN D 200 -20.48 21.36 27.94
N GLU D 201 -19.24 20.97 27.66
CA GLU D 201 -18.19 21.88 27.19
C GLU D 201 -18.08 21.95 25.65
N LEU D 202 -19.09 21.36 25.00
CA LEU D 202 -19.15 21.23 23.53
C LEU D 202 -18.52 22.38 22.76
N PHE D 203 -19.05 23.58 22.96
CA PHE D 203 -18.58 24.79 22.29
C PHE D 203 -18.02 25.87 23.24
N LEU D 204 -17.79 25.47 24.49
CA LEU D 204 -17.14 26.35 25.48
C LEU D 204 -15.69 26.60 25.11
N ALA D 205 -15.31 27.87 25.01
CA ALA D 205 -13.94 28.26 24.61
C ALA D 205 -12.95 28.14 25.75
N GLY D 206 -13.31 28.70 26.89
CA GLY D 206 -12.41 28.76 28.05
C GLY D 206 -13.12 28.60 29.38
N ARG D 207 -12.57 27.71 30.21
CA ARG D 207 -13.17 27.38 31.51
C ARG D 207 -13.07 28.53 32.49
N GLN D 208 -11.98 29.30 32.36
CA GLN D 208 -11.69 30.41 33.29
C GLN D 208 -11.44 31.73 32.54
N SER D 209 -12.03 31.84 31.36
CA SER D 209 -11.81 32.99 30.48
C SER D 209 -12.30 34.30 31.09
N SER D 210 -11.42 35.29 31.07
CA SER D 210 -11.74 36.64 31.53
C SER D 210 -12.32 37.45 30.37
N ALA D 211 -13.47 37.00 29.88
CA ALA D 211 -14.12 37.60 28.71
C ALA D 211 -15.65 37.57 28.80
N TYR D 212 -16.28 38.25 27.85
CA TYR D 212 -17.74 38.24 27.71
C TYR D 212 -18.21 36.84 27.35
N ALA D 213 -19.34 36.45 27.94
CA ALA D 213 -19.97 35.14 27.70
C ALA D 213 -20.21 34.89 26.20
N GLY D 214 -20.69 35.93 25.54
CA GLY D 214 -20.96 35.86 24.10
C GLY D 214 -19.71 35.88 23.24
N GLN D 215 -18.56 36.01 23.90
CA GLN D 215 -17.25 35.94 23.24
C GLN D 215 -16.42 34.75 23.73
N ASN D 216 -17.01 33.96 24.62
CA ASN D 216 -16.33 32.78 25.20
C ASN D 216 -16.76 31.44 24.57
N PHE D 217 -17.42 31.53 23.41
CA PHE D 217 -17.66 30.34 22.59
C PHE D 217 -16.47 30.15 21.67
N ILE D 218 -16.20 28.91 21.29
CA ILE D 218 -15.18 28.66 20.28
C ILE D 218 -15.52 29.38 18.97
N ALA D 219 -14.50 29.56 18.15
CA ALA D 219 -14.66 30.25 16.88
C ALA D 219 -15.63 29.50 15.98
N GLN D 220 -16.50 30.24 15.30
CA GLN D 220 -17.47 29.65 14.37
C GLN D 220 -16.80 28.62 13.45
N HIS D 221 -15.66 28.98 12.88
CA HIS D 221 -14.93 28.14 11.92
C HIS D 221 -14.43 26.82 12.50
N GLN D 222 -14.24 26.82 13.83
CA GLN D 222 -13.83 25.62 14.56
C GLN D 222 -15.00 24.65 14.75
N MET D 223 -16.21 25.11 14.52
CA MET D 223 -17.41 24.26 14.66
C MET D 223 -17.54 23.34 13.43
N PRO D 224 -18.06 22.12 13.62
CA PRO D 224 -18.23 21.24 12.46
C PRO D 224 -19.12 21.85 11.39
N LEU D 225 -18.80 21.54 10.14
CA LEU D 225 -19.51 22.06 8.97
C LEU D 225 -21.03 21.94 9.09
N LEU D 226 -21.49 20.76 9.49
CA LEU D 226 -22.94 20.51 9.57
C LEU D 226 -23.67 21.24 10.71
N SER D 227 -22.93 21.69 11.71
CA SER D 227 -23.54 22.42 12.84
C SER D 227 -23.87 23.87 12.49
N ARG D 228 -23.06 24.45 11.61
CA ARG D 228 -23.10 25.89 11.29
C ARG D 228 -23.47 26.26 9.86
N SER D 229 -23.36 25.30 8.95
CA SER D 229 -23.54 25.54 7.50
C SER D 229 -24.78 24.80 6.98
N ASN D 230 -24.62 24.10 5.86
CA ASN D 230 -25.70 23.32 5.24
C ASN D 230 -25.38 21.84 5.10
N PHE D 231 -26.36 21.03 5.47
CA PHE D 231 -26.37 19.59 5.18
C PHE D 231 -26.87 19.39 3.76
N ASN D 232 -26.15 18.58 3.00
CA ASN D 232 -26.56 18.20 1.66
C ASN D 232 -26.87 16.69 1.62
N PRO D 233 -28.15 16.31 1.79
CA PRO D 233 -28.40 14.88 1.86
C PRO D 233 -28.19 14.20 0.52
N GLU D 234 -27.90 12.91 0.61
CA GLU D 234 -27.77 12.06 -0.54
C GLU D 234 -28.19 10.67 -0.13
N PHE D 235 -29.49 10.46 -0.17
CA PHE D 235 -30.10 9.20 0.21
C PHE D 235 -30.73 8.55 -0.98
N LEU D 236 -30.87 7.24 -0.88
CA LEU D 236 -31.44 6.44 -1.94
C LEU D 236 -32.49 5.46 -1.41
N SER D 237 -33.49 5.25 -2.23
CA SER D 237 -34.55 4.30 -1.92
C SER D 237 -35.00 3.60 -3.18
N VAL D 238 -35.44 2.36 -3.01
CA VAL D 238 -35.96 1.56 -4.09
C VAL D 238 -37.37 1.15 -3.70
N LEU D 239 -38.32 1.56 -4.53
CA LEU D 239 -39.73 1.29 -4.28
C LEU D 239 -40.34 0.39 -5.35
N SER D 240 -41.27 -0.44 -4.92
CA SER D 240 -41.95 -1.36 -5.83
C SER D 240 -43.43 -1.05 -5.89
N HIS D 241 -44.01 -1.28 -7.06
CA HIS D 241 -45.42 -0.99 -7.33
C HIS D 241 -46.07 -2.12 -8.12
N ARG D 242 -47.24 -2.54 -7.64
CA ARG D 242 -48.03 -3.60 -8.31
C ARG D 242 -48.59 -3.09 -9.61
N GLN D 243 -48.53 -3.93 -10.62
CA GLN D 243 -48.98 -3.54 -11.97
C GLN D 243 -50.49 -3.45 -12.06
N ASP D 244 -51.20 -4.17 -11.20
CA ASP D 244 -52.66 -4.09 -11.09
C ASP D 244 -53.13 -2.97 -10.17
N GLY D 245 -52.18 -2.25 -9.58
CA GLY D 245 -52.49 -1.15 -8.66
C GLY D 245 -52.94 0.12 -9.36
N ALA D 246 -53.00 1.21 -8.61
CA ALA D 246 -53.41 2.49 -9.18
C ALA D 246 -52.33 3.00 -10.16
N LYS D 247 -52.77 3.64 -11.23
CA LYS D 247 -51.84 4.27 -12.20
C LYS D 247 -51.04 5.35 -11.48
N LYS D 248 -51.70 6.00 -10.54
CA LYS D 248 -51.10 7.08 -9.78
C LYS D 248 -51.11 6.83 -8.26
N SER D 249 -49.98 7.11 -7.64
CA SER D 249 -49.83 7.00 -6.18
C SER D 249 -49.07 8.20 -5.62
N LYS D 250 -48.98 8.26 -4.29
CA LYS D 250 -48.37 9.39 -3.60
C LYS D 250 -47.18 8.96 -2.76
N ILE D 251 -46.07 9.66 -2.96
CA ILE D 251 -44.89 9.49 -2.11
C ILE D 251 -44.65 10.78 -1.32
N THR D 252 -44.40 10.60 -0.04
CA THR D 252 -44.17 11.69 0.90
C THR D 252 -42.71 11.74 1.30
N VAL D 253 -42.06 12.88 1.03
CA VAL D 253 -40.67 13.11 1.43
C VAL D 253 -40.54 14.26 2.42
N THR D 254 -39.93 13.95 3.55
CA THR D 254 -39.77 14.91 4.64
C THR D 254 -38.29 15.22 4.90
N TYR D 255 -37.96 16.52 4.83
CA TYR D 255 -36.67 17.03 5.27
C TYR D 255 -36.86 17.84 6.53
N GLN D 256 -36.01 17.59 7.53
CA GLN D 256 -36.16 18.19 8.85
C GLN D 256 -34.83 18.45 9.54
N ARG D 257 -34.79 19.56 10.28
CA ARG D 257 -33.66 19.86 11.16
C ARG D 257 -34.08 20.06 12.62
N GLU D 258 -33.30 19.45 13.50
CA GLU D 258 -33.41 19.67 14.95
C GLU D 258 -32.30 20.59 15.36
N MET D 259 -32.68 21.73 15.91
CA MET D 259 -31.74 22.73 16.39
C MET D 259 -31.62 22.68 17.90
N ASP D 260 -30.39 22.60 18.38
CA ASP D 260 -30.12 22.57 19.82
C ASP D 260 -29.73 23.94 20.36
N LEU D 261 -30.18 24.18 21.58
CA LEU D 261 -29.82 25.40 22.31
C LEU D 261 -28.60 25.11 23.16
N TYR D 262 -27.45 25.64 22.72
CA TYR D 262 -26.24 25.58 23.52
C TYR D 262 -26.01 26.89 24.25
N GLN D 263 -25.89 26.78 25.57
CA GLN D 263 -25.70 27.95 26.41
C GLN D 263 -24.60 27.78 27.45
N ILE D 264 -23.94 28.89 27.77
CA ILE D 264 -22.89 28.95 28.78
C ILE D 264 -23.16 30.06 29.80
N CYS D 265 -22.59 29.90 30.99
CA CYS D 265 -22.74 30.91 32.06
C CYS D 265 -21.61 30.96 33.08
N TRP D 266 -21.40 32.17 33.60
CA TRP D 266 -20.34 32.47 34.58
C TRP D 266 -20.94 32.50 35.99
N ASN D 267 -20.50 31.55 36.82
CA ASN D 267 -21.03 31.42 38.20
C ASN D 267 -20.25 32.24 39.24
N GLY D 268 -19.22 32.92 38.77
CA GLY D 268 -18.37 33.76 39.62
C GLY D 268 -16.94 33.26 39.70
N PHE D 269 -16.79 31.95 39.55
CA PHE D 269 -15.48 31.28 39.67
C PHE D 269 -15.02 30.66 38.35
N TYR D 270 -15.94 29.95 37.71
CA TYR D 270 -15.67 29.28 36.42
C TYR D 270 -16.85 29.34 35.47
N TRP D 271 -16.59 28.95 34.22
CA TRP D 271 -17.63 28.83 33.20
C TRP D 271 -18.17 27.41 33.17
N ALA D 272 -19.47 27.31 32.98
CA ALA D 272 -20.14 26.03 32.75
C ALA D 272 -21.05 26.10 31.52
N GLY D 273 -21.29 24.94 30.92
CA GLY D 273 -22.12 24.85 29.72
C GLY D 273 -23.25 23.84 29.81
N ALA D 274 -24.26 24.03 28.95
CA ALA D 274 -25.40 23.12 28.85
C ALA D 274 -25.99 23.06 27.43
N ASN D 275 -26.31 21.86 26.97
CA ASN D 275 -26.95 21.66 25.66
C ASN D 275 -28.37 21.11 25.76
N TYR D 276 -29.32 21.90 25.27
CA TYR D 276 -30.74 21.52 25.25
C TYR D 276 -31.16 21.08 23.85
N LYS D 277 -31.54 19.82 23.72
CA LYS D 277 -31.76 19.18 22.43
C LYS D 277 -33.10 19.51 21.80
N ASN D 278 -33.06 19.68 20.48
CA ASN D 278 -34.25 19.92 19.68
C ASN D 278 -35.13 20.99 20.34
N PHE D 279 -34.46 22.05 20.80
CA PHE D 279 -35.14 23.19 21.42
C PHE D 279 -35.88 23.99 20.36
N LYS D 280 -35.41 23.83 19.14
CA LYS D 280 -36.09 24.31 17.95
C LYS D 280 -36.11 23.25 16.86
N THR D 281 -37.16 23.25 16.07
CA THR D 281 -37.35 22.27 14.98
C THR D 281 -37.95 22.94 13.77
N ARG D 282 -37.44 22.59 12.61
CA ARG D 282 -37.97 23.06 11.33
C ARG D 282 -38.13 21.87 10.40
N THR D 283 -39.34 21.71 9.87
CA THR D 283 -39.69 20.54 9.08
C THR D 283 -40.34 20.91 7.77
N PHE D 284 -39.85 20.27 6.70
CA PHE D 284 -40.37 20.48 5.36
C PHE D 284 -40.81 19.15 4.72
N LYS D 285 -42.11 18.98 4.71
CA LYS D 285 -42.77 17.80 4.17
C LYS D 285 -43.40 18.09 2.80
N SER D 286 -43.06 17.25 1.83
CA SER D 286 -43.62 17.38 0.48
C SER D 286 -44.14 16.05 -0.03
N THR D 287 -45.35 16.13 -0.61
CA THR D 287 -46.00 14.97 -1.20
C THR D 287 -45.98 15.09 -2.72
N TYR D 288 -45.54 14.02 -3.36
CA TYR D 288 -45.44 13.98 -4.83
C TYR D 288 -46.37 12.94 -5.43
N GLU D 289 -47.06 13.37 -6.48
CA GLU D 289 -47.88 12.47 -7.28
C GLU D 289 -46.98 11.70 -8.24
N ILE D 290 -46.96 10.39 -8.08
CA ILE D 290 -46.20 9.48 -8.95
C ILE D 290 -47.11 8.80 -9.97
N ASP D 291 -46.88 9.11 -11.24
CA ASP D 291 -47.62 8.48 -12.36
C ASP D 291 -46.82 7.32 -12.93
N TRP D 292 -47.15 6.13 -12.44
CA TRP D 292 -46.41 4.91 -12.76
C TRP D 292 -46.57 4.50 -14.22
N GLU D 293 -47.67 4.94 -14.84
CA GLU D 293 -47.96 4.57 -16.23
C GLU D 293 -47.15 5.38 -17.22
N ASN D 294 -47.17 6.69 -17.01
CA ASN D 294 -46.50 7.65 -17.93
C ASN D 294 -45.10 8.07 -17.47
N HIS D 295 -44.70 7.58 -16.30
CA HIS D 295 -43.36 7.83 -15.73
C HIS D 295 -43.11 9.32 -15.50
N LYS D 296 -44.15 10.00 -15.06
CA LYS D 296 -44.08 11.42 -14.67
C LYS D 296 -44.23 11.58 -13.17
N VAL D 297 -43.70 12.68 -12.65
CA VAL D 297 -43.81 13.02 -11.24
C VAL D 297 -44.12 14.51 -11.07
N LYS D 298 -45.00 14.79 -10.12
CA LYS D 298 -45.54 16.14 -9.94
C LYS D 298 -45.72 16.47 -8.46
N LEU D 299 -45.21 17.62 -8.05
CA LEU D 299 -45.34 18.05 -6.66
C LEU D 299 -46.79 18.38 -6.44
N LEU D 300 -47.34 17.81 -5.38
CA LEU D 300 -48.77 17.91 -5.11
C LEU D 300 -48.99 18.87 -3.94
N ASP D 301 -48.51 18.46 -2.77
CA ASP D 301 -48.73 19.20 -1.52
C ASP D 301 -47.43 19.48 -0.80
N THR D 302 -47.44 20.51 0.04
CA THR D 302 -46.32 20.81 0.92
C THR D 302 -46.79 21.21 2.30
N LYS D 303 -45.89 21.03 3.26
CA LYS D 303 -46.14 21.31 4.67
C LYS D 303 -44.88 21.86 5.32
N GLU D 304 -44.95 23.10 5.82
CA GLU D 304 -43.81 23.72 6.48
C GLU D 304 -44.18 23.95 7.94
N THR D 305 -43.53 23.19 8.81
CA THR D 305 -43.82 23.24 10.24
C THR D 305 -42.65 23.77 11.04
N GLU D 306 -42.96 24.82 11.79
CA GLU D 306 -42.00 25.46 12.67
C GLU D 306 -42.39 25.11 14.11
N ASN D 307 -41.54 24.36 14.78
CA ASN D 307 -41.68 24.13 16.22
C ASN D 307 -40.69 24.94 17.01
N ASN D 308 -41.15 25.45 18.15
CA ASN D 308 -40.28 26.13 19.11
C ASN D 308 -40.68 25.79 20.56
N LYS D 309 -39.68 25.55 21.40
CA LYS D 309 -39.89 25.30 22.84
C LYS D 309 -40.09 26.62 23.57
N ALA E 21 -2.90 4.61 -39.02
CA ALA E 21 -1.46 4.71 -38.66
C ALA E 21 -0.64 3.64 -39.38
N GLU E 22 0.65 3.94 -39.56
CA GLU E 22 1.62 3.02 -40.14
C GLU E 22 3.03 3.42 -39.74
N ILE E 23 3.83 2.42 -39.41
CA ILE E 23 5.21 2.60 -39.03
C ILE E 23 6.10 1.88 -40.02
N ILE E 24 7.21 2.51 -40.40
CA ILE E 24 8.25 1.88 -41.20
C ILE E 24 9.57 1.91 -40.44
N LYS E 25 10.02 0.73 -40.03
CA LYS E 25 11.17 0.61 -39.16
C LYS E 25 12.49 0.26 -39.88
N ARG E 26 13.55 0.89 -39.42
CA ARG E 26 14.92 0.58 -39.82
C ARG E 26 15.83 0.55 -38.60
N THR E 27 16.88 -0.26 -38.67
CA THR E 27 17.87 -0.31 -37.60
C THR E 27 19.27 -0.20 -38.15
N GLN E 28 20.12 0.39 -37.32
CA GLN E 28 21.55 0.46 -37.57
C GLN E 28 22.30 0.19 -36.27
N ASP E 29 23.43 -0.50 -36.40
CA ASP E 29 24.29 -0.83 -35.27
C ASP E 29 25.75 -0.69 -35.68
N ILE E 30 26.56 -0.12 -34.80
CA ILE E 30 27.97 0.07 -35.08
C ILE E 30 28.78 0.28 -33.80
N THR E 31 30.03 -0.15 -33.85
CA THR E 31 30.90 -0.10 -32.68
C THR E 31 32.19 0.61 -33.03
N SER E 32 32.64 1.43 -32.08
CA SER E 32 33.97 2.01 -32.15
C SER E 32 34.91 1.19 -31.30
N LYS E 33 35.70 0.38 -31.99
CA LYS E 33 36.75 -0.43 -31.36
C LYS E 33 37.60 0.43 -30.42
N ARG E 34 38.02 1.57 -30.95
CA ARG E 34 38.92 2.49 -30.24
C ARG E 34 38.42 2.85 -28.84
N LEU E 35 37.17 3.31 -28.78
CA LEU E 35 36.57 3.83 -27.55
C LEU E 35 35.68 2.83 -26.79
N ALA E 36 35.41 1.69 -27.43
CA ALA E 36 34.57 0.63 -26.83
C ALA E 36 33.18 1.17 -26.55
N ILE E 37 32.60 1.75 -27.59
CA ILE E 37 31.25 2.32 -27.56
C ILE E 37 30.45 1.71 -28.71
N THR E 38 29.22 1.31 -28.40
CA THR E 38 28.33 0.69 -29.38
C THR E 38 27.00 1.41 -29.46
N GLN E 39 26.69 1.88 -30.67
CA GLN E 39 25.43 2.55 -30.96
C GLN E 39 24.46 1.53 -31.53
N ASN E 40 23.31 1.42 -30.89
CA ASN E 40 22.19 0.60 -31.36
C ASN E 40 21.01 1.53 -31.58
N ILE E 41 20.76 1.85 -32.84
CA ILE E 41 19.80 2.89 -33.18
C ILE E 41 18.63 2.33 -33.96
N GLN E 42 17.45 2.62 -33.48
CA GLN E 42 16.23 2.30 -34.20
C GLN E 42 15.62 3.57 -34.78
N PHE E 43 15.29 3.49 -36.06
CA PHE E 43 14.65 4.57 -36.83
C PHE E 43 13.24 4.15 -37.25
N ASP E 44 12.25 4.82 -36.68
CA ASP E 44 10.85 4.53 -36.97
C ASP E 44 10.16 5.68 -37.70
N PHE E 45 10.03 5.50 -39.01
CA PHE E 45 9.27 6.46 -39.85
C PHE E 45 7.78 6.32 -39.56
N VAL E 46 7.19 7.42 -39.08
CA VAL E 46 5.78 7.46 -38.67
C VAL E 46 4.91 8.15 -39.71
N LYS E 47 4.06 7.36 -40.35
CA LYS E 47 3.17 7.88 -41.40
C LYS E 47 1.80 8.15 -40.81
N ASP E 48 1.73 9.24 -40.08
CA ASP E 48 0.47 9.71 -39.49
C ASP E 48 -0.25 10.61 -40.49
N LYS E 49 -1.36 10.12 -41.02
CA LYS E 49 -2.13 10.84 -42.06
C LYS E 49 -2.92 12.02 -41.51
N LYS E 50 -3.04 12.06 -40.19
CA LYS E 50 -3.63 13.22 -39.48
C LYS E 50 -2.59 14.33 -39.23
N TYR E 51 -1.34 14.05 -39.57
CA TYR E 51 -0.22 14.98 -39.32
C TYR E 51 0.30 15.64 -40.59
N ASN E 52 0.61 16.92 -40.43
CA ASN E 52 0.94 17.86 -41.53
C ASN E 52 2.27 17.61 -42.23
N LYS E 53 3.12 16.82 -41.59
CA LYS E 53 4.52 16.66 -42.03
C LYS E 53 4.99 15.22 -41.96
N ASP E 54 6.18 14.98 -42.52
CA ASP E 54 6.89 13.70 -42.31
C ASP E 54 7.34 13.64 -40.87
N ALA E 55 7.37 12.43 -40.33
CA ALA E 55 7.77 12.22 -38.92
C ALA E 55 8.72 11.05 -38.75
N LEU E 56 9.63 11.20 -37.80
CA LEU E 56 10.64 10.21 -37.52
C LEU E 56 10.89 10.13 -36.03
N VAL E 57 10.73 8.92 -35.50
CA VAL E 57 11.11 8.63 -34.12
C VAL E 57 12.42 7.91 -34.13
N VAL E 58 13.41 8.56 -33.52
CA VAL E 58 14.71 7.96 -33.34
C VAL E 58 14.91 7.45 -31.90
N LYS E 59 15.02 6.14 -31.78
CA LYS E 59 15.33 5.47 -30.52
C LYS E 59 16.84 5.18 -30.42
N MET E 60 17.47 5.91 -29.50
CA MET E 60 18.93 5.83 -29.29
C MET E 60 19.30 4.93 -28.12
N GLN E 61 19.76 3.73 -28.46
CA GLN E 61 20.23 2.74 -27.46
C GLN E 61 21.67 2.28 -27.71
N GLY E 62 22.13 1.36 -26.88
CA GLY E 62 23.41 0.69 -27.07
C GLY E 62 24.17 0.42 -25.79
N PHE E 63 25.48 0.41 -25.92
CA PHE E 63 26.38 0.16 -24.78
C PHE E 63 27.64 1.00 -24.85
N ILE E 64 27.86 1.77 -23.79
CA ILE E 64 29.08 2.56 -23.62
C ILE E 64 29.86 1.94 -22.47
N SER E 65 30.97 1.30 -22.79
CA SER E 65 31.83 0.71 -21.76
C SER E 65 32.31 1.78 -20.81
N SER E 66 32.47 1.40 -19.54
CA SER E 66 32.97 2.34 -18.53
C SER E 66 34.43 2.67 -18.81
N ARG E 67 35.14 1.71 -19.38
CA ARG E 67 36.59 1.81 -19.60
C ARG E 67 37.33 2.16 -18.30
N THR E 68 36.78 1.71 -17.19
CA THR E 68 37.46 1.85 -15.91
C THR E 68 38.76 1.06 -15.92
N THR E 69 39.86 1.76 -15.72
CA THR E 69 41.17 1.14 -15.69
C THR E 69 42.00 1.61 -14.50
N TYR E 70 42.90 0.72 -14.09
CA TYR E 70 43.79 0.93 -12.95
C TYR E 70 45.21 0.74 -13.43
N SER E 71 46.06 1.71 -13.11
CA SER E 71 47.46 1.66 -13.54
C SER E 71 48.43 2.37 -12.62
N ASP E 72 49.71 2.06 -12.84
CA ASP E 72 50.82 2.73 -12.16
C ASP E 72 51.23 3.92 -13.01
N LEU E 73 51.50 5.05 -12.35
CA LEU E 73 52.04 6.21 -13.08
C LEU E 73 53.43 5.87 -13.60
N LYS E 74 53.72 6.33 -14.81
CA LYS E 74 54.98 6.00 -15.50
C LYS E 74 56.18 6.58 -14.74
N LYS E 75 56.13 7.90 -14.54
CA LYS E 75 57.18 8.67 -13.85
C LYS E 75 57.31 8.29 -12.39
N TYR E 76 56.16 7.97 -11.80
CA TYR E 76 56.07 7.67 -10.36
C TYR E 76 55.25 6.38 -10.12
N PRO E 77 55.87 5.19 -10.29
CA PRO E 77 55.16 3.92 -10.17
C PRO E 77 54.51 3.68 -8.82
N TYR E 78 55.01 4.36 -7.80
CA TYR E 78 54.44 4.28 -6.44
C TYR E 78 53.07 4.95 -6.34
N ILE E 79 52.81 5.90 -7.23
CA ILE E 79 51.51 6.58 -7.30
C ILE E 79 50.50 5.78 -8.15
N LYS E 80 49.37 5.45 -7.54
CA LYS E 80 48.32 4.62 -8.17
C LYS E 80 47.12 5.42 -8.68
N ARG E 81 46.78 5.16 -9.93
CA ARG E 81 45.71 5.88 -10.63
C ARG E 81 44.53 5.00 -11.05
N MET E 82 43.34 5.40 -10.59
CA MET E 82 42.06 4.85 -11.08
C MET E 82 41.37 5.87 -11.99
N ILE E 83 41.19 5.48 -13.25
CA ILE E 83 40.42 6.29 -14.22
C ILE E 83 39.01 5.71 -14.39
N TRP E 84 38.02 6.58 -14.26
CA TRP E 84 36.61 6.15 -14.27
C TRP E 84 35.62 7.20 -14.80
N PRO E 85 34.47 6.73 -15.32
CA PRO E 85 33.57 7.62 -16.02
C PRO E 85 32.72 8.41 -15.05
N PHE E 86 32.95 9.72 -15.02
CA PHE E 86 32.14 10.56 -14.17
C PHE E 86 30.81 10.87 -14.85
N GLN E 87 30.89 11.01 -16.16
CA GLN E 87 29.73 11.39 -16.97
C GLN E 87 29.71 10.66 -18.29
N TYR E 88 28.51 10.28 -18.70
CA TYR E 88 28.27 9.74 -20.03
C TYR E 88 27.57 10.77 -20.92
N ASN E 89 28.07 10.90 -22.13
CA ASN E 89 27.61 11.92 -23.08
C ASN E 89 26.73 11.29 -24.15
N ILE E 90 25.59 11.92 -24.37
CA ILE E 90 24.65 11.50 -25.42
C ILE E 90 24.05 12.72 -26.10
N SER E 91 24.10 12.74 -27.43
CA SER E 91 23.44 13.79 -28.19
C SER E 91 23.02 13.39 -29.59
N LEU E 92 22.07 14.14 -30.10
CA LEU E 92 21.59 13.98 -31.47
C LEU E 92 21.42 15.37 -32.08
N LYS E 93 21.97 15.54 -33.27
CA LYS E 93 22.10 16.86 -33.93
C LYS E 93 21.85 16.74 -35.42
N THR E 94 21.36 17.83 -36.00
CA THR E 94 21.17 17.91 -37.45
C THR E 94 21.43 19.31 -37.98
N LYS E 95 21.75 19.36 -39.27
CA LYS E 95 21.99 20.62 -40.00
C LYS E 95 20.88 20.93 -40.99
N ASP E 96 20.02 19.95 -41.24
CA ASP E 96 18.92 20.09 -42.20
C ASP E 96 17.90 21.11 -41.71
N SER E 97 17.77 22.20 -42.45
CA SER E 97 16.83 23.28 -42.08
C SER E 97 15.38 22.84 -42.18
N ASN E 98 15.14 21.81 -43.00
CA ASN E 98 13.79 21.22 -43.17
C ASN E 98 13.33 20.38 -41.98
N VAL E 99 14.27 20.08 -41.08
CA VAL E 99 14.03 19.19 -39.94
C VAL E 99 13.89 19.96 -38.63
N ASP E 100 12.87 19.57 -37.87
CA ASP E 100 12.66 20.08 -36.51
C ASP E 100 12.63 18.95 -35.47
N LEU E 101 13.26 19.21 -34.33
CA LEU E 101 13.09 18.41 -33.12
C LEU E 101 11.77 18.82 -32.48
N ILE E 102 10.82 17.90 -32.43
CA ILE E 102 9.47 18.21 -31.91
C ILE E 102 9.13 17.53 -30.60
N ASN E 103 9.92 16.52 -30.23
CA ASN E 103 9.82 15.90 -28.90
C ASN E 103 11.07 15.13 -28.56
N TYR E 104 11.30 14.96 -27.26
CA TYR E 104 12.45 14.20 -26.75
C TYR E 104 12.23 13.75 -25.31
N LEU E 105 12.80 12.60 -24.98
CA LEU E 105 12.75 12.01 -23.62
C LEU E 105 14.10 11.38 -23.23
N PRO E 106 14.50 11.52 -21.95
CA PRO E 106 13.80 12.20 -20.89
C PRO E 106 14.05 13.70 -20.92
N LYS E 107 13.18 14.42 -20.22
CA LYS E 107 13.28 15.85 -20.04
C LYS E 107 13.65 16.18 -18.60
N ASN E 108 14.12 17.40 -18.38
CA ASN E 108 14.49 17.83 -17.03
C ASN E 108 13.23 18.05 -16.23
N LYS E 109 13.27 17.67 -14.96
CA LYS E 109 12.10 17.79 -14.08
C LYS E 109 12.42 18.44 -12.75
N ILE E 110 11.38 18.95 -12.14
CA ILE E 110 11.51 19.63 -10.86
C ILE E 110 11.54 18.55 -9.80
N ASP E 111 12.61 18.56 -9.02
CA ASP E 111 12.78 17.57 -7.95
C ASP E 111 11.72 17.75 -6.87
N SER E 112 11.30 16.64 -6.29
CA SER E 112 10.28 16.61 -5.25
C SER E 112 10.73 15.79 -4.06
N ALA E 113 10.25 16.19 -2.89
CA ALA E 113 10.61 15.51 -1.64
C ALA E 113 9.42 15.44 -0.70
N ASP E 114 9.32 14.33 0.02
CA ASP E 114 8.35 14.20 1.09
C ASP E 114 8.94 14.79 2.36
N VAL E 115 8.15 15.61 3.03
CA VAL E 115 8.57 16.25 4.26
C VAL E 115 7.61 15.93 5.37
N SER E 116 8.17 15.61 6.52
CA SER E 116 7.42 15.37 7.74
C SER E 116 8.01 16.22 8.86
N GLN E 117 7.16 17.04 9.47
CA GLN E 117 7.61 18.01 10.46
C GLN E 117 6.78 17.90 11.75
N LYS E 118 7.49 17.85 12.87
CA LYS E 118 6.88 17.60 14.17
C LYS E 118 7.25 18.64 15.22
N LEU E 119 6.23 19.14 15.90
CA LEU E 119 6.36 20.03 17.05
C LEU E 119 5.64 19.43 18.25
N GLY E 120 6.30 19.41 19.39
CA GLY E 120 5.72 18.85 20.60
C GLY E 120 6.14 19.49 21.90
N TYR E 121 5.33 19.25 22.92
CA TYR E 121 5.63 19.70 24.29
C TYR E 121 5.39 18.58 25.29
N ASN E 122 6.15 18.65 26.37
CA ASN E 122 5.96 17.79 27.53
C ASN E 122 5.84 18.60 28.82
N ILE E 123 4.85 18.25 29.64
CA ILE E 123 4.65 18.90 30.93
C ILE E 123 4.50 17.85 32.01
N GLY E 124 5.54 17.72 32.83
CA GLY E 124 5.59 16.75 33.91
C GLY E 124 5.46 17.32 35.32
N GLY E 125 4.90 16.49 36.19
CA GLY E 125 4.91 16.73 37.63
C GLY E 125 5.40 15.50 38.37
N ASN E 126 5.93 15.71 39.57
CA ASN E 126 6.40 14.59 40.40
C ASN E 126 6.42 14.89 41.89
N PHE E 127 6.30 13.82 42.67
CA PHE E 127 6.31 13.87 44.14
C PHE E 127 7.27 12.83 44.67
N GLN E 128 8.06 13.23 45.65
CA GLN E 128 9.09 12.39 46.27
C GLN E 128 8.99 12.38 47.77
N SER E 129 9.52 11.33 48.38
CA SER E 129 9.39 11.13 49.83
C SER E 129 10.54 11.73 50.65
N ALA E 130 11.34 12.57 50.00
CA ALA E 130 12.44 13.30 50.63
C ALA E 130 12.06 14.11 51.88
N PRO E 131 10.93 14.86 51.83
CA PRO E 131 10.02 14.97 50.71
C PRO E 131 10.30 16.12 49.76
N SER E 132 10.15 15.82 48.48
CA SER E 132 10.31 16.77 47.37
C SER E 132 9.02 16.82 46.56
N ILE E 133 8.62 18.03 46.15
CA ILE E 133 7.68 18.20 45.05
C ILE E 133 8.43 18.76 43.86
N GLY E 134 8.26 18.11 42.71
CA GLY E 134 8.99 18.45 41.49
C GLY E 134 8.11 18.77 40.28
N GLY E 135 8.63 19.67 39.45
CA GLY E 135 7.99 20.05 38.19
C GLY E 135 8.90 19.84 37.00
N SER E 136 8.30 19.78 35.81
CA SER E 136 9.07 19.61 34.57
C SER E 136 8.35 20.18 33.35
N GLY E 137 9.17 20.69 32.43
CA GLY E 137 8.68 21.34 31.21
C GLY E 137 9.64 21.14 30.06
N SER E 138 9.09 20.80 28.89
CA SER E 138 9.93 20.41 27.76
C SER E 138 9.31 20.69 26.40
N PHE E 139 10.18 20.93 25.42
CA PHE E 139 9.78 21.27 24.07
C PHE E 139 10.63 20.51 23.05
N ASN E 140 9.97 19.91 22.07
CA ASN E 140 10.67 19.17 20.99
C ASN E 140 10.27 19.55 19.56
N TYR E 141 11.27 19.58 18.70
CA TYR E 141 11.10 19.84 17.27
C TYR E 141 11.89 18.81 16.50
N SER E 142 11.30 18.32 15.41
CA SER E 142 12.00 17.46 14.46
C SER E 142 11.44 17.57 13.05
N LYS E 143 12.34 17.49 12.09
CA LYS E 143 11.98 17.50 10.68
C LYS E 143 12.68 16.37 9.94
N THR E 144 11.89 15.67 9.14
CA THR E 144 12.39 14.57 8.30
C THR E 144 12.06 14.88 6.85
N ILE E 145 13.10 14.85 6.02
CA ILE E 145 12.97 15.01 4.57
C ILE E 145 13.32 13.70 3.89
N SER E 146 12.51 13.32 2.92
CA SER E 146 12.61 12.00 2.31
C SER E 146 12.52 12.07 0.79
N TYR E 147 13.48 11.44 0.13
CA TYR E 147 13.64 11.58 -1.32
C TYR E 147 14.36 10.43 -1.98
N ASN E 148 14.21 10.38 -3.30
CA ASN E 148 14.82 9.34 -4.11
C ASN E 148 16.20 9.78 -4.61
N GLN E 149 17.11 8.81 -4.70
CA GLN E 149 18.44 9.04 -5.27
C GLN E 149 18.77 8.06 -6.36
N LYS E 150 19.50 8.55 -7.35
CA LYS E 150 20.02 7.71 -8.43
C LYS E 150 21.53 7.74 -8.36
N ASN E 151 22.17 6.65 -8.78
CA ASN E 151 23.62 6.60 -8.90
C ASN E 151 24.05 7.75 -9.81
N TYR E 152 23.43 7.79 -11.00
CA TYR E 152 23.71 8.81 -12.02
C TYR E 152 22.44 9.58 -12.38
N VAL E 153 22.54 10.90 -12.36
CA VAL E 153 21.41 11.77 -12.76
C VAL E 153 21.52 12.16 -14.22
N THR E 154 20.39 12.10 -14.92
CA THR E 154 20.31 12.44 -16.34
C THR E 154 19.76 13.86 -16.52
N GLU E 155 20.58 14.71 -17.14
CA GLU E 155 20.24 16.13 -17.36
C GLU E 155 20.31 16.54 -18.83
N VAL E 156 19.28 17.24 -19.28
CA VAL E 156 19.36 17.93 -20.58
C VAL E 156 20.32 19.12 -20.43
N GLU E 157 21.42 19.05 -21.18
CA GLU E 157 22.48 20.06 -21.10
C GLU E 157 22.32 21.15 -22.15
N SER E 158 21.67 20.80 -23.25
CA SER E 158 21.17 21.77 -24.22
C SER E 158 20.19 21.14 -25.19
N GLN E 159 19.24 21.93 -25.66
CA GLN E 159 18.36 21.47 -26.74
C GLN E 159 17.69 22.61 -27.48
N ASN E 160 17.52 22.37 -28.77
CA ASN E 160 16.88 23.34 -29.65
C ASN E 160 16.19 22.62 -30.80
N SER E 161 15.81 23.34 -31.85
CA SER E 161 15.00 22.75 -32.92
C SER E 161 15.80 21.79 -33.80
N LYS E 162 17.12 21.82 -33.65
CA LYS E 162 18.02 21.02 -34.51
C LYS E 162 18.73 19.92 -33.77
N GLY E 163 18.41 19.79 -32.48
CA GLY E 163 19.10 18.82 -31.66
C GLY E 163 18.97 18.96 -30.17
N VAL E 164 19.53 17.96 -29.50
CA VAL E 164 19.45 17.83 -28.05
C VAL E 164 20.66 17.07 -27.55
N LYS E 165 21.11 17.46 -26.37
CA LYS E 165 22.30 16.88 -25.74
C LYS E 165 22.07 16.64 -24.27
N TRP E 166 22.36 15.40 -23.87
CA TRP E 166 22.20 14.95 -22.49
C TRP E 166 23.55 14.65 -21.88
N GLY E 167 23.60 14.81 -20.57
CA GLY E 167 24.72 14.33 -19.76
C GLY E 167 24.20 13.48 -18.62
N VAL E 168 24.71 12.27 -18.55
CA VAL E 168 24.37 11.32 -17.46
C VAL E 168 25.52 11.34 -16.44
N LYS E 169 25.28 12.03 -15.32
CA LYS E 169 26.35 12.46 -14.39
C LYS E 169 26.35 11.68 -13.10
N ALA E 170 27.55 11.33 -12.66
CA ALA E 170 27.72 10.65 -11.39
C ALA E 170 27.16 11.53 -10.29
N ASN E 171 26.36 10.92 -9.42
CA ASN E 171 25.60 11.65 -8.40
C ASN E 171 25.92 11.18 -7.00
N SER E 172 25.47 9.98 -6.66
CA SER E 172 25.60 9.45 -5.30
C SER E 172 25.65 7.93 -5.26
N PHE E 173 26.34 7.41 -4.25
CA PHE E 173 26.63 5.98 -4.18
C PHE E 173 26.46 5.41 -2.79
N VAL E 174 25.94 4.18 -2.75
CA VAL E 174 25.77 3.44 -1.50
C VAL E 174 27.10 2.84 -1.08
N THR E 175 27.46 3.07 0.17
CA THR E 175 28.64 2.46 0.78
C THR E 175 28.35 2.09 2.22
N PRO E 176 29.22 1.26 2.83
CA PRO E 176 29.07 1.12 4.28
C PRO E 176 29.32 2.47 4.91
N ASN E 177 28.66 2.74 6.02
CA ASN E 177 28.72 4.08 6.64
C ASN E 177 28.07 5.21 5.83
N GLY E 178 27.07 4.86 5.01
CA GLY E 178 26.18 5.85 4.39
C GLY E 178 26.37 6.10 2.91
N GLN E 179 25.62 7.08 2.41
CA GLN E 179 25.78 7.52 1.02
C GLN E 179 26.96 8.46 0.89
N VAL E 180 27.66 8.36 -0.25
CA VAL E 180 28.78 9.26 -0.57
C VAL E 180 28.55 9.98 -1.89
N SER E 181 28.92 11.26 -1.92
CA SER E 181 28.80 12.07 -3.12
C SER E 181 29.88 11.72 -4.12
N ALA E 182 29.49 11.76 -5.40
CA ALA E 182 30.42 11.53 -6.51
C ALA E 182 31.57 12.55 -6.54
N TYR E 183 31.33 13.70 -5.91
CA TYR E 183 32.32 14.80 -5.88
C TYR E 183 33.27 14.70 -4.68
N ASP E 184 33.07 13.68 -3.85
CA ASP E 184 33.97 13.42 -2.73
C ASP E 184 35.30 12.93 -3.27
N GLN E 185 36.38 13.61 -2.88
CA GLN E 185 37.69 13.39 -3.49
C GLN E 185 38.33 12.06 -3.06
N TYR E 186 37.92 11.56 -1.90
CA TYR E 186 38.45 10.29 -1.37
C TYR E 186 37.69 9.07 -1.92
N LEU E 187 36.69 9.33 -2.77
CA LEU E 187 35.85 8.29 -3.36
C LEU E 187 36.65 7.15 -3.99
N PHE E 188 36.20 5.93 -3.70
CA PHE E 188 36.73 4.68 -4.27
C PHE E 188 38.12 4.28 -3.78
N ALA E 189 38.85 5.22 -3.21
CA ALA E 189 40.16 4.95 -2.65
C ALA E 189 40.02 4.06 -1.41
N GLN E 190 41.03 3.25 -1.15
CA GLN E 190 41.06 2.40 0.05
C GLN E 190 42.46 2.11 0.56
N ASP E 191 42.53 1.69 1.82
CA ASP E 191 43.78 1.25 2.43
C ASP E 191 44.30 0.05 1.64
N PRO E 192 45.50 0.17 1.05
CA PRO E 192 45.91 -0.86 0.11
C PRO E 192 45.97 -2.25 0.70
N THR E 193 45.49 -3.21 -0.08
CA THR E 193 45.43 -4.61 0.30
C THR E 193 46.50 -5.40 -0.45
N GLY E 194 47.45 -4.66 -1.04
CA GLY E 194 48.53 -5.25 -1.84
C GLY E 194 49.36 -4.20 -2.57
N PRO E 195 50.36 -4.64 -3.35
CA PRO E 195 51.26 -3.73 -4.05
C PRO E 195 50.74 -3.22 -5.39
N ALA E 196 49.82 -3.97 -6.00
CA ALA E 196 49.29 -3.61 -7.32
C ALA E 196 48.35 -2.40 -7.31
N ALA E 197 48.18 -1.80 -8.48
CA ALA E 197 47.34 -0.60 -8.66
C ALA E 197 45.90 -0.83 -8.19
N ARG E 198 45.35 -1.98 -8.54
CA ARG E 198 43.95 -2.32 -8.26
C ARG E 198 43.65 -2.35 -6.76
N ASP E 199 44.65 -2.76 -5.99
CA ASP E 199 44.50 -3.02 -4.55
C ASP E 199 44.36 -1.73 -3.74
N TYR E 200 44.74 -0.62 -4.35
CA TYR E 200 44.62 0.72 -3.72
C TYR E 200 43.21 1.28 -3.86
N PHE E 201 42.36 0.53 -4.54
CA PHE E 201 40.98 0.96 -4.80
C PHE E 201 39.94 -0.12 -4.48
N VAL E 202 38.75 0.35 -4.11
CA VAL E 202 37.64 -0.54 -3.68
C VAL E 202 37.33 -1.65 -4.69
N PRO E 203 36.89 -2.82 -4.20
CA PRO E 203 36.61 -3.95 -5.10
C PRO E 203 35.37 -3.75 -5.98
N ASP E 204 35.25 -4.60 -6.98
CA ASP E 204 34.17 -4.51 -7.98
C ASP E 204 32.80 -4.50 -7.34
N ASN E 205 32.63 -5.29 -6.29
CA ASN E 205 31.34 -5.42 -5.60
C ASN E 205 30.93 -4.18 -4.79
N GLN E 206 31.82 -3.20 -4.73
CA GLN E 206 31.49 -1.91 -4.12
C GLN E 206 31.36 -0.80 -5.15
N LEU E 207 31.45 -1.20 -6.41
CA LEU E 207 31.31 -0.26 -7.53
C LEU E 207 29.93 -0.42 -8.19
N PRO E 208 29.29 0.69 -8.55
CA PRO E 208 28.03 0.61 -9.27
C PRO E 208 28.23 0.06 -10.68
N PRO E 209 27.20 -0.58 -11.27
CA PRO E 209 27.30 -1.11 -12.63
C PRO E 209 27.79 -0.11 -13.67
N LEU E 210 27.47 1.17 -13.48
CA LEU E 210 27.84 2.21 -14.45
C LEU E 210 29.34 2.52 -14.44
N ILE E 211 30.03 2.01 -13.43
CA ILE E 211 31.49 2.10 -13.34
C ILE E 211 32.17 0.75 -13.52
N GLN E 212 31.56 -0.29 -12.94
CA GLN E 212 32.09 -1.64 -13.02
C GLN E 212 31.98 -2.23 -14.44
N SER E 213 30.92 -1.88 -15.15
CA SER E 213 30.66 -2.40 -16.50
C SER E 213 30.48 -1.30 -17.55
N GLY E 214 29.52 -0.42 -17.30
CA GLY E 214 29.22 0.67 -18.22
C GLY E 214 27.74 1.06 -18.26
N PHE E 215 27.43 1.88 -19.26
CA PHE E 215 26.11 2.51 -19.40
C PHE E 215 25.37 1.99 -20.63
N ASN E 216 24.07 1.72 -20.45
CA ASN E 216 23.17 1.28 -21.53
C ASN E 216 22.16 2.38 -21.83
N PRO E 217 22.50 3.29 -22.75
CA PRO E 217 21.63 4.45 -22.86
C PRO E 217 20.26 4.11 -23.41
N SER E 218 19.32 4.98 -23.08
CA SER E 218 17.95 4.85 -23.53
C SER E 218 17.37 6.24 -23.67
N PHE E 219 17.44 6.74 -24.90
CA PHE E 219 17.00 8.09 -25.24
C PHE E 219 16.14 8.08 -26.49
N ILE E 220 15.26 9.05 -26.57
CA ILE E 220 14.30 9.13 -27.66
C ILE E 220 14.13 10.55 -28.16
N THR E 221 14.07 10.68 -29.47
CA THR E 221 13.76 11.94 -30.11
C THR E 221 12.76 11.76 -31.25
N THR E 222 11.77 12.64 -31.28
CA THR E 222 10.84 12.70 -32.41
C THR E 222 11.21 13.92 -33.25
N LEU E 223 11.28 13.70 -34.56
CA LEU E 223 11.72 14.72 -35.50
C LEU E 223 10.71 14.85 -36.64
N SER E 224 10.38 16.09 -36.98
CA SER E 224 9.56 16.39 -38.14
C SER E 224 10.41 16.82 -39.32
N HIS E 225 9.82 16.72 -40.50
CA HIS E 225 10.50 17.05 -41.75
C HIS E 225 9.51 17.65 -42.75
N GLU E 226 9.83 18.87 -43.19
CA GLU E 226 9.00 19.62 -44.14
C GLU E 226 9.00 18.90 -45.49
N ARG E 227 7.86 18.95 -46.18
CA ARG E 227 7.71 18.22 -47.45
C ARG E 227 7.95 19.11 -48.67
N GLY E 228 8.43 18.48 -49.74
CA GLY E 228 8.66 19.13 -51.02
C GLY E 228 9.86 20.06 -51.10
N LYS E 229 10.82 19.90 -50.19
CA LYS E 229 12.02 20.76 -50.16
C LYS E 229 13.31 19.97 -50.09
N GLY E 230 13.24 18.69 -50.47
CA GLY E 230 14.40 17.80 -50.40
C GLY E 230 14.11 16.55 -49.60
N ASP E 231 14.69 15.44 -50.05
CA ASP E 231 14.38 14.11 -49.50
C ASP E 231 15.37 13.63 -48.44
N LYS E 232 16.57 14.20 -48.44
CA LYS E 232 17.65 13.68 -47.58
C LYS E 232 18.06 14.61 -46.44
N SER E 233 18.34 13.99 -45.29
CA SER E 233 18.93 14.69 -44.13
C SER E 233 20.06 13.88 -43.53
N GLU E 234 20.89 14.58 -42.78
CA GLU E 234 22.03 13.97 -42.10
C GLU E 234 21.88 14.17 -40.58
N PHE E 235 21.99 13.07 -39.85
CA PHE E 235 21.97 13.10 -38.37
C PHE E 235 23.30 12.68 -37.79
N GLU E 236 23.77 13.49 -36.85
CA GLU E 236 24.97 13.17 -36.06
C GLU E 236 24.56 12.74 -34.65
N ILE E 237 24.77 11.45 -34.37
CA ILE E 237 24.54 10.89 -33.03
C ILE E 237 25.88 10.64 -32.34
N THR E 238 26.07 11.31 -31.22
CA THR E 238 27.33 11.26 -30.46
C THR E 238 27.13 10.57 -29.10
N TYR E 239 27.79 9.43 -28.93
CA TYR E 239 27.93 8.78 -27.61
C TYR E 239 29.36 8.94 -27.09
N GLY E 240 29.51 8.97 -25.77
CA GLY E 240 30.83 9.19 -25.17
C GLY E 240 30.91 9.24 -23.65
N ARG E 241 32.08 9.64 -23.16
CA ARG E 241 32.36 9.69 -21.71
C ARG E 241 33.23 10.88 -21.32
N ASN E 242 33.06 11.33 -20.09
CA ASN E 242 34.02 12.22 -19.44
C ASN E 242 34.62 11.46 -18.26
N MET E 243 35.90 11.13 -18.39
CA MET E 243 36.62 10.37 -17.39
C MET E 243 37.22 11.27 -16.33
N ASP E 244 36.97 10.90 -15.07
CA ASP E 244 37.74 11.43 -13.95
C ASP E 244 38.91 10.50 -13.63
N ALA E 245 39.82 11.04 -12.83
CA ALA E 245 41.01 10.33 -12.39
C ALA E 245 41.21 10.47 -10.89
N THR E 246 41.33 9.33 -10.22
CA THR E 246 41.59 9.28 -8.77
C THR E 246 42.96 8.68 -8.48
N TYR E 247 43.75 9.44 -7.74
CA TYR E 247 45.13 9.05 -7.40
C TYR E 247 45.27 8.65 -5.93
N ALA E 248 46.05 7.61 -5.71
CA ALA E 248 46.37 7.14 -4.36
C ALA E 248 47.82 6.64 -4.23
N TYR E 249 48.46 7.01 -3.13
CA TYR E 249 49.81 6.53 -2.78
C TYR E 249 50.09 6.56 -1.28
N VAL E 250 51.08 5.80 -0.88
CA VAL E 250 51.43 5.68 0.54
C VAL E 250 52.67 6.50 0.90
N THR E 251 52.50 7.42 1.83
CA THR E 251 53.61 8.20 2.39
C THR E 251 53.53 8.37 3.92
N ARG E 252 54.69 8.18 4.56
CA ARG E 252 54.87 8.28 6.02
C ARG E 252 53.87 7.42 6.81
N HIS E 253 53.68 6.18 6.34
CA HIS E 253 52.80 5.19 6.98
C HIS E 253 51.33 5.62 6.93
N ARG E 254 51.02 6.48 5.96
CA ARG E 254 49.66 7.03 5.75
C ARG E 254 49.28 7.11 4.28
N LEU E 255 47.99 7.02 4.01
CA LEU E 255 47.49 7.06 2.63
C LEU E 255 47.10 8.48 2.20
N ALA E 256 47.74 8.93 1.13
CA ALA E 256 47.41 10.21 0.50
C ALA E 256 46.56 9.99 -0.75
N VAL E 257 45.38 10.59 -0.76
CA VAL E 257 44.47 10.50 -1.92
C VAL E 257 44.18 11.86 -2.53
N ASP E 258 44.22 11.90 -3.87
CA ASP E 258 43.86 13.11 -4.62
C ASP E 258 43.00 12.78 -5.85
N ARG E 259 42.37 13.81 -6.39
CA ARG E 259 41.35 13.67 -7.43
C ARG E 259 41.45 14.76 -8.48
N LYS E 260 41.46 14.33 -9.74
CA LYS E 260 41.38 15.24 -10.87
C LYS E 260 40.04 15.12 -11.61
N HIS E 261 39.21 16.15 -11.45
CA HIS E 261 37.93 16.23 -12.15
C HIS E 261 38.17 16.70 -13.58
N ASP E 262 37.44 16.11 -14.51
CA ASP E 262 37.59 16.38 -15.95
C ASP E 262 39.01 16.09 -16.46
N ALA E 263 39.57 14.98 -15.99
CA ALA E 263 40.91 14.54 -16.40
C ALA E 263 40.99 14.24 -17.89
N PHE E 264 39.95 13.56 -18.39
CA PHE E 264 39.83 13.25 -19.82
C PHE E 264 38.40 13.46 -20.27
N LYS E 265 38.17 14.61 -20.89
CA LYS E 265 36.84 15.05 -21.28
C LYS E 265 36.51 14.69 -22.74
N ASN E 266 35.21 14.57 -23.00
CA ASN E 266 34.67 14.36 -24.35
C ASN E 266 35.31 13.19 -25.11
N ARG E 267 35.58 12.11 -24.38
CA ARG E 267 36.02 10.85 -25.00
C ARG E 267 34.85 10.26 -25.81
N ASN E 268 34.58 10.90 -26.95
CA ASN E 268 33.33 10.68 -27.70
C ASN E 268 33.50 10.08 -29.09
N VAL E 269 32.55 9.23 -29.45
CA VAL E 269 32.41 8.75 -30.82
C VAL E 269 31.20 9.38 -31.49
N THR E 270 31.42 9.88 -32.70
CA THR E 270 30.37 10.49 -33.50
C THR E 270 30.06 9.68 -34.75
N VAL E 271 28.80 9.31 -34.89
CA VAL E 271 28.33 8.55 -36.05
C VAL E 271 27.34 9.36 -36.86
N LYS E 272 27.63 9.47 -38.15
CA LYS E 272 26.80 10.20 -39.09
C LYS E 272 25.86 9.26 -39.85
N TYR E 273 24.56 9.46 -39.66
CA TYR E 273 23.55 8.71 -40.39
C TYR E 273 22.88 9.57 -41.44
N GLU E 274 22.70 9.00 -42.63
CA GLU E 274 21.94 9.65 -43.68
C GLU E 274 20.55 9.06 -43.77
N VAL E 275 19.57 9.94 -43.70
CA VAL E 275 18.16 9.56 -43.74
C VAL E 275 17.49 10.07 -44.98
N ASN E 276 16.98 9.15 -45.78
CA ASN E 276 16.12 9.47 -46.91
C ASN E 276 14.66 9.34 -46.50
N TRP E 277 14.01 10.49 -46.39
CA TRP E 277 12.65 10.58 -45.87
C TRP E 277 11.58 10.03 -46.83
N LYS E 278 11.93 9.89 -48.11
CA LYS E 278 10.96 9.41 -49.12
C LYS E 278 11.06 7.91 -49.34
N THR E 279 12.28 7.42 -49.51
CA THR E 279 12.51 5.99 -49.71
C THR E 279 12.54 5.20 -48.39
N HIS E 280 12.59 5.93 -47.28
CA HIS E 280 12.58 5.36 -45.91
C HIS E 280 13.84 4.54 -45.68
N GLU E 281 14.90 5.02 -46.30
CA GLU E 281 16.21 4.38 -46.32
C GLU E 281 17.14 5.08 -45.33
N VAL E 282 17.92 4.28 -44.62
CA VAL E 282 18.86 4.81 -43.63
C VAL E 282 20.23 4.17 -43.78
N LYS E 283 21.22 5.01 -44.00
CA LYS E 283 22.60 4.57 -44.24
C LYS E 283 23.55 5.17 -43.21
N ILE E 284 24.56 4.39 -42.83
CA ILE E 284 25.68 4.91 -42.06
C ILE E 284 26.67 5.56 -43.04
N LYS E 285 26.96 6.83 -42.80
CA LYS E 285 27.88 7.60 -43.67
C LYS E 285 29.31 7.48 -43.18
N SER E 286 29.49 7.70 -41.89
CA SER E 286 30.82 7.71 -41.29
C SER E 286 30.83 7.53 -39.78
N ILE E 287 32.04 7.27 -39.29
CA ILE E 287 32.29 7.06 -37.86
C ILE E 287 33.65 7.62 -37.47
N THR E 288 33.67 8.40 -36.40
CA THR E 288 34.90 8.92 -35.81
C THR E 288 34.82 8.85 -34.28
N PRO E 289 35.76 8.14 -33.64
CA PRO E 289 36.82 7.30 -34.20
C PRO E 289 36.39 5.87 -34.45
N LYS E 290 37.29 5.11 -35.06
CA LYS E 290 37.01 3.74 -35.48
C LYS E 290 37.11 2.76 -34.31
N ALA F 21 -3.83 -22.52 -30.92
CA ALA F 21 -2.87 -23.43 -30.23
C ALA F 21 -3.60 -24.58 -29.55
N GLU F 22 -3.86 -25.63 -30.32
CA GLU F 22 -4.61 -26.78 -29.83
C GLU F 22 -3.83 -27.59 -28.78
N ILE F 23 -4.55 -27.99 -27.74
CA ILE F 23 -3.98 -28.81 -26.67
C ILE F 23 -4.70 -30.16 -26.63
N ILE F 24 -3.93 -31.22 -26.43
CA ILE F 24 -4.48 -32.54 -26.20
C ILE F 24 -4.00 -33.05 -24.84
N LYS F 25 -4.95 -33.17 -23.90
CA LYS F 25 -4.62 -33.57 -22.51
C LYS F 25 -4.85 -35.04 -22.20
N ARG F 26 -3.91 -35.56 -21.41
CA ARG F 26 -4.00 -36.87 -20.80
C ARG F 26 -3.59 -36.79 -19.33
N THR F 27 -4.16 -37.68 -18.52
CA THR F 27 -3.81 -37.74 -17.10
C THR F 27 -3.52 -39.16 -16.69
N GLN F 28 -2.63 -39.25 -15.72
CA GLN F 28 -2.30 -40.50 -15.04
C GLN F 28 -2.15 -40.25 -13.55
N ASP F 29 -2.61 -41.21 -12.76
CA ASP F 29 -2.51 -41.16 -11.30
C ASP F 29 -2.18 -42.53 -10.75
N ILE F 30 -1.30 -42.57 -9.77
CA ILE F 30 -0.86 -43.84 -9.16
C ILE F 30 -0.20 -43.63 -7.80
N THR F 31 -0.35 -44.62 -6.95
CA THR F 31 0.14 -44.54 -5.58
C THR F 31 1.03 -45.73 -5.28
N SER F 32 2.11 -45.45 -4.56
CA SER F 32 2.94 -46.49 -3.98
C SER F 32 2.52 -46.70 -2.54
N LYS F 33 1.78 -47.80 -2.33
CA LYS F 33 1.36 -48.22 -0.98
C LYS F 33 2.56 -48.24 -0.03
N ARG F 34 3.63 -48.86 -0.49
CA ARG F 34 4.85 -49.06 0.31
C ARG F 34 5.36 -47.75 0.93
N LEU F 35 5.53 -46.73 0.08
CA LEU F 35 6.16 -45.47 0.48
C LEU F 35 5.16 -44.34 0.80
N ALA F 36 3.90 -44.59 0.49
CA ALA F 36 2.84 -43.61 0.75
C ALA F 36 3.11 -42.34 -0.05
N ILE F 37 3.32 -42.53 -1.34
CA ILE F 37 3.58 -41.45 -2.30
C ILE F 37 2.59 -41.60 -3.45
N THR F 38 2.02 -40.47 -3.86
CA THR F 38 1.03 -40.44 -4.93
C THR F 38 1.42 -39.43 -6.02
N GLN F 39 1.57 -39.96 -7.24
CA GLN F 39 1.88 -39.15 -8.41
C GLN F 39 0.59 -38.83 -9.14
N ASN F 40 0.36 -37.54 -9.32
CA ASN F 40 -0.76 -37.00 -10.11
C ASN F 40 -0.18 -36.21 -11.25
N ILE F 41 -0.17 -36.83 -12.42
CA ILE F 41 0.54 -36.27 -13.56
C ILE F 41 -0.42 -35.89 -14.69
N GLN F 42 -0.30 -34.65 -15.14
CA GLN F 42 -0.99 -34.18 -16.32
C GLN F 42 -0.02 -34.04 -17.49
N PHE F 43 -0.41 -34.61 -18.62
CA PHE F 43 0.33 -34.57 -19.87
C PHE F 43 -0.44 -33.79 -20.91
N ASP F 44 0.09 -32.62 -21.29
CA ASP F 44 -0.54 -31.73 -22.28
C ASP F 44 0.27 -31.65 -23.58
N PHE F 45 -0.18 -32.39 -24.58
CA PHE F 45 0.39 -32.32 -25.93
C PHE F 45 0.00 -31.00 -26.60
N VAL F 46 1.02 -30.20 -26.93
CA VAL F 46 0.83 -28.87 -27.51
C VAL F 46 1.08 -28.89 -29.01
N LYS F 47 0.01 -28.68 -29.78
CA LYS F 47 0.11 -28.62 -31.25
C LYS F 47 0.22 -27.16 -31.69
N ASP F 48 1.40 -26.61 -31.52
CA ASP F 48 1.72 -25.25 -31.96
C ASP F 48 2.23 -25.28 -33.41
N LYS F 49 1.40 -24.77 -34.31
CA LYS F 49 1.70 -24.83 -35.76
C LYS F 49 2.78 -23.81 -36.17
N LYS F 50 3.07 -22.87 -35.27
CA LYS F 50 4.21 -21.94 -35.43
C LYS F 50 5.54 -22.58 -34.99
N TYR F 51 5.47 -23.77 -34.39
CA TYR F 51 6.65 -24.43 -33.79
C TYR F 51 7.15 -25.61 -34.62
N ASN F 52 8.46 -25.71 -34.68
CA ASN F 52 9.22 -26.62 -35.55
C ASN F 52 9.11 -28.10 -35.18
N LYS F 53 8.66 -28.37 -33.96
CA LYS F 53 8.73 -29.73 -33.38
C LYS F 53 7.46 -30.11 -32.63
N ASP F 54 7.37 -31.37 -32.25
CA ASP F 54 6.34 -31.82 -31.30
C ASP F 54 6.67 -31.21 -29.94
N ALA F 55 5.62 -30.94 -29.16
CA ALA F 55 5.78 -30.36 -27.83
C ALA F 55 4.89 -31.02 -26.78
N LEU F 56 5.42 -31.11 -25.57
CA LEU F 56 4.75 -31.73 -24.46
C LEU F 56 5.00 -30.96 -23.18
N VAL F 57 3.92 -30.55 -22.54
CA VAL F 57 3.98 -29.94 -21.21
C VAL F 57 3.56 -30.98 -20.18
N VAL F 58 4.52 -31.35 -19.33
CA VAL F 58 4.27 -32.28 -18.21
C VAL F 58 4.11 -31.52 -16.89
N LYS F 59 2.90 -31.59 -16.36
CA LYS F 59 2.57 -31.05 -15.05
C LYS F 59 2.64 -32.14 -13.97
N MET F 60 3.66 -32.04 -13.13
CA MET F 60 3.94 -33.00 -12.06
C MET F 60 3.38 -32.56 -10.72
N GLN F 61 2.27 -33.18 -10.33
CA GLN F 61 1.62 -32.94 -9.02
C GLN F 61 1.43 -34.21 -8.19
N GLY F 62 0.80 -34.06 -7.03
CA GLY F 62 0.39 -35.19 -6.20
C GLY F 62 0.55 -34.98 -4.71
N PHE F 63 0.84 -36.07 -4.01
CA PHE F 63 1.02 -36.04 -2.55
C PHE F 63 2.08 -37.03 -2.08
N ILE F 64 3.07 -36.49 -1.38
CA ILE F 64 4.12 -37.27 -0.76
C ILE F 64 3.94 -37.16 0.74
N SER F 65 3.52 -38.25 1.37
CA SER F 65 3.33 -38.26 2.81
C SER F 65 4.64 -37.95 3.50
N SER F 66 4.55 -37.27 4.63
CA SER F 66 5.76 -36.99 5.43
C SER F 66 6.33 -38.27 6.01
N ARG F 67 5.45 -39.23 6.30
CA ARG F 67 5.81 -40.49 6.98
C ARG F 67 6.55 -40.21 8.29
N THR F 68 6.21 -39.09 8.93
CA THR F 68 6.78 -38.78 10.24
C THR F 68 6.29 -39.80 11.25
N THR F 69 7.25 -40.48 11.86
CA THR F 69 6.95 -41.50 12.87
C THR F 69 7.81 -41.34 14.10
N TYR F 70 7.24 -41.80 15.22
CA TYR F 70 7.86 -41.75 16.54
C TYR F 70 7.92 -43.16 17.09
N SER F 71 9.10 -43.56 17.53
CA SER F 71 9.27 -44.91 18.07
C SER F 71 10.33 -45.03 19.16
N ASP F 72 10.28 -46.18 19.85
CA ASP F 72 11.29 -46.54 20.83
C ASP F 72 12.37 -47.33 20.11
N LEU F 73 13.63 -47.06 20.44
CA LEU F 73 14.73 -47.87 19.90
C LEU F 73 14.61 -49.30 20.43
N LYS F 74 14.90 -50.27 19.57
CA LYS F 74 14.74 -51.69 19.89
C LYS F 74 15.68 -52.08 21.03
N LYS F 75 16.96 -51.86 20.77
CA LYS F 75 18.03 -52.23 21.70
C LYS F 75 18.01 -51.37 22.97
N TYR F 76 17.57 -50.12 22.81
CA TYR F 76 17.52 -49.15 23.92
C TYR F 76 16.16 -48.44 23.98
N PRO F 77 15.15 -49.08 24.57
CA PRO F 77 13.78 -48.53 24.59
C PRO F 77 13.65 -47.18 25.27
N TYR F 78 14.61 -46.86 26.15
CA TYR F 78 14.65 -45.56 26.84
C TYR F 78 15.01 -44.41 25.89
N ILE F 79 15.70 -44.73 24.79
CA ILE F 79 16.02 -43.75 23.76
C ILE F 79 14.88 -43.57 22.75
N LYS F 80 14.43 -42.32 22.63
CA LYS F 80 13.29 -41.97 21.76
C LYS F 80 13.68 -41.34 20.42
N ARG F 81 13.12 -41.90 19.34
CA ARG F 81 13.46 -41.53 17.96
C ARG F 81 12.29 -40.92 17.19
N MET F 82 12.49 -39.70 16.70
CA MET F 82 11.59 -39.06 15.71
C MET F 82 12.23 -39.06 14.33
N ILE F 83 11.59 -39.76 13.40
CA ILE F 83 12.01 -39.78 11.98
C ILE F 83 11.11 -38.86 11.16
N TRP F 84 11.75 -37.98 10.40
CA TRP F 84 11.02 -36.90 9.67
C TRP F 84 11.70 -36.46 8.38
N PRO F 85 10.90 -35.95 7.42
CA PRO F 85 11.41 -35.65 6.11
C PRO F 85 12.19 -34.34 6.09
N PHE F 86 13.48 -34.44 5.88
CA PHE F 86 14.30 -33.25 5.77
C PHE F 86 14.18 -32.64 4.39
N GLN F 87 14.07 -33.54 3.41
CA GLN F 87 14.02 -33.15 2.01
C GLN F 87 13.07 -34.03 1.22
N TYR F 88 12.35 -33.38 0.30
CA TYR F 88 11.51 -34.06 -0.67
C TYR F 88 12.18 -34.05 -2.04
N ASN F 89 12.19 -35.22 -2.67
CA ASN F 89 12.87 -35.44 -3.94
C ASN F 89 11.88 -35.48 -5.09
N ILE F 90 12.18 -34.72 -6.14
CA ILE F 90 11.38 -34.70 -7.39
C ILE F 90 12.30 -34.65 -8.59
N SER F 91 12.05 -35.52 -9.55
CA SER F 91 12.77 -35.47 -10.82
C SER F 91 12.03 -36.08 -12.00
N LEU F 92 12.43 -35.63 -13.18
CA LEU F 92 11.89 -36.13 -14.43
C LEU F 92 13.03 -36.31 -15.40
N LYS F 93 13.07 -37.50 -16.01
CA LYS F 93 14.23 -37.94 -16.80
C LYS F 93 13.79 -38.75 -18.00
N THR F 94 14.63 -38.74 -19.02
CA THR F 94 14.37 -39.51 -20.23
C THR F 94 15.66 -40.00 -20.87
N LYS F 95 15.52 -41.06 -21.65
CA LYS F 95 16.64 -41.67 -22.40
C LYS F 95 16.49 -41.43 -23.90
N ASP F 96 15.32 -40.97 -24.32
CA ASP F 96 15.04 -40.75 -25.74
C ASP F 96 15.88 -39.60 -26.30
N SER F 97 16.76 -39.95 -27.25
CA SER F 97 17.66 -38.97 -27.87
C SER F 97 16.90 -37.93 -28.71
N ASN F 98 15.71 -38.31 -29.16
CA ASN F 98 14.82 -37.41 -29.93
C ASN F 98 14.14 -36.33 -29.06
N VAL F 99 14.25 -36.47 -27.75
CA VAL F 99 13.58 -35.58 -26.80
C VAL F 99 14.55 -34.59 -26.14
N ASP F 100 14.11 -33.34 -26.08
CA ASP F 100 14.82 -32.28 -25.34
C ASP F 100 13.93 -31.62 -24.27
N LEU F 101 14.54 -31.37 -23.12
CA LEU F 101 13.97 -30.50 -22.10
C LEU F 101 14.21 -29.06 -22.52
N ILE F 102 13.13 -28.33 -22.78
CA ILE F 102 13.25 -26.96 -23.30
C ILE F 102 12.78 -25.87 -22.35
N ASN F 103 12.07 -26.28 -21.31
CA ASN F 103 11.71 -25.36 -20.20
C ASN F 103 11.33 -26.14 -18.95
N TYR F 104 11.46 -25.47 -17.80
CA TYR F 104 11.08 -26.07 -16.51
C TYR F 104 10.88 -24.99 -15.45
N LEU F 105 9.95 -25.25 -14.54
CA LEU F 105 9.64 -24.36 -13.38
C LEU F 105 9.38 -25.17 -12.08
N PRO F 106 9.83 -24.66 -10.93
CA PRO F 106 10.60 -23.45 -10.76
C PRO F 106 12.08 -23.60 -11.06
N LYS F 107 12.74 -22.46 -11.26
CA LYS F 107 14.18 -22.38 -11.49
C LYS F 107 14.87 -21.74 -10.29
N ASN F 108 16.18 -21.92 -10.20
CA ASN F 108 16.95 -21.30 -9.13
C ASN F 108 17.05 -19.79 -9.37
N LYS F 109 16.97 -19.03 -8.30
CA LYS F 109 16.99 -17.56 -8.37
C LYS F 109 17.94 -16.91 -7.39
N ILE F 110 18.29 -15.68 -7.71
CA ILE F 110 19.20 -14.90 -6.87
C ILE F 110 18.36 -14.32 -5.74
N ASP F 111 18.79 -14.62 -4.52
CA ASP F 111 18.10 -14.10 -3.35
C ASP F 111 18.19 -12.58 -3.28
N SER F 112 17.14 -11.97 -2.75
CA SER F 112 17.05 -10.53 -2.59
C SER F 112 16.64 -10.15 -1.18
N ALA F 113 17.14 -9.01 -0.74
CA ALA F 113 16.88 -8.53 0.62
C ALA F 113 16.79 -7.02 0.67
N ASP F 114 15.84 -6.51 1.46
CA ASP F 114 15.75 -5.08 1.72
C ASP F 114 16.68 -4.70 2.86
N VAL F 115 17.44 -3.64 2.64
CA VAL F 115 18.38 -3.15 3.64
C VAL F 115 18.06 -1.71 3.98
N SER F 116 18.09 -1.44 5.27
CA SER F 116 17.91 -0.09 5.79
C SER F 116 19.07 0.20 6.74
N GLN F 117 19.79 1.29 6.46
CA GLN F 117 21.00 1.63 7.20
C GLN F 117 20.96 3.06 7.69
N LYS F 118 21.27 3.23 8.96
CA LYS F 118 21.13 4.52 9.64
C LYS F 118 22.41 4.96 10.36
N LEU F 119 22.78 6.20 10.11
CA LEU F 119 23.89 6.89 10.80
C LEU F 119 23.37 8.18 11.43
N GLY F 120 23.71 8.40 12.69
CA GLY F 120 23.28 9.59 13.41
C GLY F 120 24.23 10.12 14.47
N TYR F 121 24.02 11.37 14.83
CA TYR F 121 24.75 12.02 15.93
C TYR F 121 23.82 12.78 16.86
N ASN F 122 24.25 12.87 18.11
CA ASN F 122 23.62 13.74 19.11
C ASN F 122 24.64 14.64 19.78
N ILE F 123 24.29 15.92 19.92
CA ILE F 123 25.13 16.88 20.63
C ILE F 123 24.27 17.63 21.65
N GLY F 124 24.48 17.29 22.91
CA GLY F 124 23.71 17.84 24.03
C GLY F 124 24.46 18.73 25.00
N GLY F 125 23.73 19.69 25.56
CA GLY F 125 24.22 20.55 26.63
C GLY F 125 23.26 20.54 27.81
N ASN F 126 23.77 20.85 28.99
CA ASN F 126 22.93 20.92 30.19
C ASN F 126 23.49 21.80 31.31
N PHE F 127 22.57 22.31 32.11
CA PHE F 127 22.89 23.17 33.25
C PHE F 127 22.14 22.69 34.49
N GLN F 128 22.85 22.70 35.61
CA GLN F 128 22.27 22.34 36.91
C GLN F 128 22.55 23.42 37.96
N SER F 129 21.68 23.47 38.97
CA SER F 129 21.70 24.55 39.97
C SER F 129 22.58 24.18 41.17
N ALA F 130 23.47 23.20 40.97
CA ALA F 130 24.46 22.78 41.97
C ALA F 130 25.32 23.92 42.54
N PRO F 131 25.84 24.80 41.67
CA PRO F 131 25.66 24.81 40.24
C PRO F 131 26.74 24.07 39.46
N SER F 132 26.29 23.44 38.39
CA SER F 132 27.20 22.79 37.43
C SER F 132 26.74 22.90 35.97
N ILE F 133 27.72 22.84 35.07
CA ILE F 133 27.46 22.86 33.63
C ILE F 133 27.97 21.57 32.97
N GLY F 134 27.09 20.97 32.17
CA GLY F 134 27.34 19.67 31.54
C GLY F 134 27.28 19.67 30.03
N GLY F 135 28.11 18.84 29.43
CA GLY F 135 28.14 18.64 27.98
C GLY F 135 27.92 17.19 27.61
N SER F 136 27.54 16.97 26.36
CA SER F 136 27.26 15.62 25.87
C SER F 136 27.46 15.45 24.37
N GLY F 137 27.90 14.26 24.01
CA GLY F 137 28.22 13.92 22.62
C GLY F 137 27.98 12.46 22.35
N SER F 138 27.34 12.17 21.22
CA SER F 138 26.92 10.81 20.93
C SER F 138 26.82 10.48 19.44
N PHE F 139 27.08 9.22 19.14
CA PHE F 139 27.10 8.71 17.77
C PHE F 139 26.36 7.37 17.72
N ASN F 140 25.45 7.25 16.75
CA ASN F 140 24.70 6.01 16.57
C ASN F 140 24.71 5.43 15.15
N TYR F 141 24.83 4.11 15.10
CA TYR F 141 24.77 3.35 13.85
C TYR F 141 23.82 2.18 14.03
N SER F 142 23.03 1.93 13.00
CA SER F 142 22.17 0.75 12.96
C SER F 142 21.87 0.29 11.54
N LYS F 143 21.84 -1.03 11.38
CA LYS F 143 21.54 -1.65 10.10
C LYS F 143 20.49 -2.74 10.27
N THR F 144 19.48 -2.67 9.41
CA THR F 144 18.38 -3.63 9.41
C THR F 144 18.32 -4.29 8.05
N ILE F 145 18.34 -5.61 8.07
CA ILE F 145 18.17 -6.42 6.86
C ILE F 145 16.85 -7.16 6.95
N SER F 146 16.13 -7.16 5.84
CA SER F 146 14.74 -7.65 5.82
C SER F 146 14.48 -8.55 4.62
N TYR F 147 13.95 -9.73 4.90
CA TYR F 147 13.84 -10.78 3.88
C TYR F 147 12.76 -11.82 4.17
N ASN F 148 12.41 -12.52 3.11
CA ASN F 148 11.36 -13.53 3.14
C ASN F 148 11.95 -14.91 3.45
N GLN F 149 11.21 -15.71 4.22
CA GLN F 149 11.61 -17.09 4.53
C GLN F 149 10.52 -18.08 4.21
N LYS F 150 10.95 -19.25 3.77
CA LYS F 150 10.07 -20.37 3.51
C LYS F 150 10.44 -21.49 4.48
N ASN F 151 9.44 -22.29 4.88
CA ASN F 151 9.68 -23.49 5.68
C ASN F 151 10.70 -24.36 4.94
N TYR F 152 10.37 -24.64 3.67
CA TYR F 152 11.22 -25.46 2.78
C TYR F 152 11.63 -24.68 1.52
N VAL F 153 12.92 -24.71 1.22
CA VAL F 153 13.43 -24.06 -0.01
C VAL F 153 13.54 -25.06 -1.15
N THR F 154 13.11 -24.63 -2.33
CA THR F 154 13.14 -25.48 -3.53
C THR F 154 14.34 -25.12 -4.41
N GLU F 155 15.20 -26.12 -4.60
CA GLU F 155 16.43 -25.95 -5.39
C GLU F 155 16.54 -26.93 -6.56
N VAL F 156 16.92 -26.41 -7.72
CA VAL F 156 17.35 -27.27 -8.84
C VAL F 156 18.71 -27.87 -8.50
N GLU F 157 18.74 -29.19 -8.38
CA GLU F 157 19.96 -29.92 -7.98
C GLU F 157 20.75 -30.43 -9.15
N SER F 158 20.05 -30.65 -10.25
CA SER F 158 20.68 -30.88 -11.55
C SER F 158 19.68 -30.79 -12.67
N GLN F 159 20.15 -30.36 -13.84
CA GLN F 159 19.32 -30.38 -15.05
C GLN F 159 20.12 -30.29 -16.33
N ASN F 160 19.61 -30.99 -17.33
CA ASN F 160 20.21 -31.00 -18.66
C ASN F 160 19.13 -31.22 -19.71
N SER F 161 19.52 -31.56 -20.93
CA SER F 161 18.56 -31.66 -22.04
C SER F 161 17.64 -32.86 -21.92
N LYS F 162 18.00 -33.80 -21.05
CA LYS F 162 17.27 -35.08 -20.91
C LYS F 162 16.50 -35.18 -19.60
N GLY F 163 16.56 -34.12 -18.80
CA GLY F 163 15.93 -34.15 -17.50
C GLY F 163 16.34 -33.11 -16.51
N VAL F 164 15.63 -33.14 -15.39
CA VAL F 164 15.80 -32.17 -14.32
C VAL F 164 15.44 -32.80 -12.98
N LYS F 165 16.13 -32.36 -11.95
CA LYS F 165 15.94 -32.87 -10.59
C LYS F 165 15.95 -31.76 -9.58
N TRP F 166 14.92 -31.77 -8.74
CA TRP F 166 14.72 -30.80 -7.68
C TRP F 166 14.85 -31.46 -6.31
N GLY F 167 15.25 -30.64 -5.35
CA GLY F 167 15.21 -30.98 -3.94
C GLY F 167 14.51 -29.89 -3.18
N VAL F 168 13.47 -30.27 -2.46
CA VAL F 168 12.73 -29.37 -1.59
C VAL F 168 13.18 -29.59 -0.14
N LYS F 169 14.02 -28.66 0.35
CA LYS F 169 14.82 -28.85 1.56
C LYS F 169 14.33 -28.07 2.74
N ALA F 170 14.33 -28.72 3.90
CA ALA F 170 13.96 -28.07 5.15
C ALA F 170 14.89 -26.89 5.36
N ASN F 171 14.30 -25.75 5.71
CA ASN F 171 15.04 -24.49 5.80
C ASN F 171 14.92 -23.86 7.19
N SER F 172 13.74 -23.35 7.49
CA SER F 172 13.55 -22.58 8.71
C SER F 172 12.11 -22.66 9.23
N PHE F 173 11.96 -22.56 10.54
CA PHE F 173 10.66 -22.77 11.18
C PHE F 173 10.35 -21.76 12.26
N VAL F 174 9.07 -21.39 12.33
CA VAL F 174 8.59 -20.47 13.34
C VAL F 174 8.47 -21.22 14.66
N THR F 175 9.05 -20.63 15.69
CA THR F 175 9.08 -21.14 17.06
C THR F 175 8.70 -19.99 18.01
N PRO F 176 8.16 -20.29 19.20
CA PRO F 176 7.77 -19.15 20.07
C PRO F 176 8.93 -18.29 20.59
N ASN F 177 10.15 -18.76 20.43
CA ASN F 177 11.34 -17.98 20.84
C ASN F 177 12.20 -17.61 19.61
N GLY F 178 11.53 -17.26 18.52
CA GLY F 178 12.18 -16.88 17.25
C GLY F 178 12.16 -17.96 16.19
N GLN F 179 12.87 -17.70 15.09
CA GLN F 179 13.01 -18.70 14.03
C GLN F 179 14.13 -19.68 14.40
N VAL F 180 13.95 -20.92 13.99
CA VAL F 180 14.96 -21.96 14.20
C VAL F 180 15.35 -22.62 12.87
N SER F 181 16.65 -22.87 12.73
CA SER F 181 17.17 -23.51 11.54
C SER F 181 16.87 -25.00 11.54
N ALA F 182 16.57 -25.52 10.36
CA ALA F 182 16.33 -26.94 10.15
C ALA F 182 17.55 -27.79 10.53
N TYR F 183 18.73 -27.18 10.52
CA TYR F 183 20.00 -27.87 10.82
C TYR F 183 20.35 -27.82 12.32
N ASP F 184 19.50 -27.17 13.10
CA ASP F 184 19.65 -27.15 14.56
C ASP F 184 19.36 -28.55 15.10
N GLN F 185 20.33 -29.09 15.84
CA GLN F 185 20.30 -30.50 16.26
C GLN F 185 19.25 -30.77 17.33
N TYR F 186 18.91 -29.73 18.10
CA TYR F 186 17.91 -29.85 19.17
C TYR F 186 16.46 -29.68 18.66
N LEU F 187 16.33 -29.46 17.36
CA LEU F 187 15.03 -29.24 16.70
C LEU F 187 13.98 -30.29 17.05
N PHE F 188 12.78 -29.80 17.34
CA PHE F 188 11.59 -30.64 17.59
C PHE F 188 11.60 -31.39 18.92
N ALA F 189 12.78 -31.54 19.51
CA ALA F 189 12.90 -32.19 20.81
C ALA F 189 12.27 -31.31 21.88
N GLN F 190 11.76 -31.95 22.93
CA GLN F 190 11.18 -31.23 24.07
C GLN F 190 11.31 -31.99 25.38
N ASP F 191 11.18 -31.24 26.48
CA ASP F 191 11.14 -31.84 27.82
C ASP F 191 9.95 -32.79 27.90
N PRO F 192 10.21 -34.08 28.16
CA PRO F 192 9.14 -35.06 27.99
C PRO F 192 7.94 -34.78 28.89
N THR F 193 6.77 -34.95 28.30
CA THR F 193 5.49 -34.73 28.99
C THR F 193 4.84 -36.08 29.32
N GLY F 194 5.63 -37.14 29.21
CA GLY F 194 5.14 -38.51 29.43
C GLY F 194 6.19 -39.56 29.08
N PRO F 195 5.83 -40.85 29.24
CA PRO F 195 6.77 -41.94 29.01
C PRO F 195 6.87 -42.38 27.56
N ALA F 196 5.84 -42.10 26.77
CA ALA F 196 5.79 -42.53 25.35
C ALA F 196 6.76 -41.75 24.44
N ALA F 197 7.06 -42.35 23.30
CA ALA F 197 8.00 -41.79 22.31
C ALA F 197 7.56 -40.40 21.84
N ARG F 198 6.26 -40.26 21.58
CA ARG F 198 5.69 -39.01 21.05
C ARG F 198 5.87 -37.82 21.99
N ASP F 199 5.85 -38.11 23.29
CA ASP F 199 5.86 -37.08 24.33
C ASP F 199 7.22 -36.38 24.47
N TYR F 200 8.25 -37.03 23.94
CA TYR F 200 9.62 -36.48 23.94
C TYR F 200 9.82 -35.46 22.81
N PHE F 201 8.78 -35.27 22.00
CA PHE F 201 8.84 -34.37 20.85
C PHE F 201 7.64 -33.42 20.77
N VAL F 202 7.90 -32.26 20.18
CA VAL F 202 6.89 -31.17 20.10
C VAL F 202 5.56 -31.63 19.48
N PRO F 203 4.44 -31.03 19.92
CA PRO F 203 3.14 -31.46 19.41
C PRO F 203 2.89 -31.07 17.95
N ASP F 204 1.84 -31.66 17.38
CA ASP F 204 1.52 -31.46 15.97
C ASP F 204 1.36 -29.99 15.60
N ASN F 205 0.76 -29.23 16.50
CA ASN F 205 0.48 -27.81 16.26
C ASN F 205 1.73 -26.92 16.27
N GLN F 206 2.87 -27.50 16.57
CA GLN F 206 4.16 -26.81 16.48
C GLN F 206 5.00 -27.33 15.31
N LEU F 207 4.40 -28.21 14.52
CA LEU F 207 5.05 -28.78 13.34
C LEU F 207 4.47 -28.15 12.07
N PRO F 208 5.34 -27.85 11.09
CA PRO F 208 4.83 -27.34 9.82
C PRO F 208 4.07 -28.42 9.04
N PRO F 209 3.13 -28.03 8.17
CA PRO F 209 2.39 -28.99 7.36
C PRO F 209 3.24 -29.99 6.59
N LEU F 210 4.43 -29.58 6.18
CA LEU F 210 5.32 -30.44 5.38
C LEU F 210 5.96 -31.56 6.21
N ILE F 211 5.81 -31.46 7.53
CA ILE F 211 6.22 -32.53 8.45
C ILE F 211 5.03 -33.22 9.11
N GLN F 212 4.02 -32.44 9.45
CA GLN F 212 2.82 -32.95 10.12
C GLN F 212 1.94 -33.80 9.18
N SER F 213 1.91 -33.41 7.90
CA SER F 213 1.11 -34.12 6.90
C SER F 213 1.94 -34.62 5.71
N GLY F 214 2.64 -33.68 5.06
CA GLY F 214 3.41 -33.99 3.87
C GLY F 214 3.44 -32.89 2.83
N PHE F 215 3.95 -33.24 1.66
CA PHE F 215 4.24 -32.29 0.59
C PHE F 215 3.35 -32.54 -0.62
N ASN F 216 2.84 -31.44 -1.17
CA ASN F 216 2.03 -31.44 -2.40
C ASN F 216 2.82 -30.81 -3.55
N PRO F 217 3.61 -31.62 -4.27
CA PRO F 217 4.48 -30.98 -5.24
C PRO F 217 3.74 -30.29 -6.37
N SER F 218 4.43 -29.32 -6.96
CA SER F 218 3.90 -28.58 -8.10
C SER F 218 5.06 -28.16 -8.99
N PHE F 219 5.33 -28.99 -9.97
CA PHE F 219 6.48 -28.85 -10.86
C PHE F 219 6.05 -29.00 -12.31
N ILE F 220 6.78 -28.33 -13.20
CA ILE F 220 6.43 -28.28 -14.62
C ILE F 220 7.65 -28.39 -15.49
N THR F 221 7.48 -29.18 -16.55
CA THR F 221 8.52 -29.32 -17.57
C THR F 221 7.92 -29.30 -18.97
N THR F 222 8.55 -28.54 -19.85
CA THR F 222 8.20 -28.55 -21.27
C THR F 222 9.25 -29.30 -22.03
N LEU F 223 8.79 -30.20 -22.89
CA LEU F 223 9.68 -31.10 -23.62
C LEU F 223 9.36 -31.07 -25.10
N SER F 224 10.40 -31.00 -25.91
CA SER F 224 10.28 -31.10 -27.36
C SER F 224 10.65 -32.50 -27.83
N HIS F 225 10.21 -32.81 -29.04
CA HIS F 225 10.42 -34.12 -29.65
C HIS F 225 10.59 -33.97 -31.16
N GLU F 226 11.74 -34.46 -31.65
CA GLU F 226 12.09 -34.40 -33.08
C GLU F 226 11.13 -35.29 -33.87
N ARG F 227 10.80 -34.87 -35.08
CA ARG F 227 9.82 -35.59 -35.91
C ARG F 227 10.49 -36.51 -36.92
N GLY F 228 9.77 -37.59 -37.24
CA GLY F 228 10.20 -38.56 -38.25
C GLY F 228 11.33 -39.50 -37.85
N LYS F 229 11.55 -39.65 -36.56
CA LYS F 229 12.63 -40.53 -36.05
C LYS F 229 12.16 -41.52 -35.00
N GLY F 230 10.84 -41.74 -34.94
CA GLY F 230 10.24 -42.60 -33.93
C GLY F 230 9.14 -41.92 -33.16
N ASP F 231 8.11 -42.68 -32.81
CA ASP F 231 6.88 -42.14 -32.21
C ASP F 231 6.85 -42.23 -30.68
N LYS F 232 7.66 -43.12 -30.11
CA LYS F 232 7.56 -43.42 -28.67
C LYS F 232 8.75 -42.98 -27.83
N SER F 233 8.46 -42.49 -26.64
CA SER F 233 9.48 -42.18 -25.63
C SER F 233 9.07 -42.70 -24.26
N GLU F 234 10.06 -42.83 -23.39
CA GLU F 234 9.86 -43.28 -22.02
C GLU F 234 10.32 -42.20 -21.05
N PHE F 235 9.45 -41.87 -20.12
CA PHE F 235 9.75 -40.90 -19.06
C PHE F 235 9.77 -41.57 -17.69
N GLU F 236 10.82 -41.29 -16.94
CA GLU F 236 10.92 -41.71 -15.54
C GLU F 236 10.68 -40.51 -14.63
N ILE F 237 9.56 -40.52 -13.93
CA ILE F 237 9.24 -39.53 -12.90
C ILE F 237 9.43 -40.12 -11.49
N THR F 238 10.35 -39.53 -10.75
CA THR F 238 10.72 -40.02 -9.40
C THR F 238 10.31 -39.02 -8.32
N TYR F 239 9.36 -39.44 -7.46
CA TYR F 239 9.03 -38.71 -6.22
C TYR F 239 9.59 -39.45 -5.03
N GLY F 240 9.91 -38.73 -3.95
CA GLY F 240 10.56 -39.33 -2.78
C GLY F 240 10.91 -38.43 -1.62
N ARG F 241 11.63 -38.99 -0.66
CA ARG F 241 12.02 -38.29 0.58
C ARG F 241 13.40 -38.66 1.07
N ASN F 242 14.04 -37.71 1.75
CA ASN F 242 15.23 -37.98 2.54
C ASN F 242 14.88 -37.72 3.99
N MET F 243 14.83 -38.79 4.77
CA MET F 243 14.44 -38.73 6.18
C MET F 243 15.64 -38.47 7.06
N ASP F 244 15.49 -37.51 7.95
CA ASP F 244 16.38 -37.34 9.09
C ASP F 244 15.81 -38.07 10.31
N ALA F 245 16.68 -38.22 11.30
CA ALA F 245 16.34 -38.88 12.55
C ALA F 245 16.81 -38.04 13.74
N THR F 246 15.88 -37.77 14.64
CA THR F 246 16.17 -37.04 15.88
C THR F 246 15.94 -37.92 17.11
N TYR F 247 16.98 -38.01 17.92
CA TYR F 247 16.98 -38.84 19.12
C TYR F 247 16.92 -38.03 20.40
N ALA F 248 16.12 -38.52 21.34
CA ALA F 248 16.00 -37.93 22.67
C ALA F 248 15.89 -38.98 23.78
N TYR F 249 16.62 -38.74 24.87
CA TYR F 249 16.51 -39.56 26.09
C TYR F 249 16.90 -38.80 27.36
N VAL F 250 16.46 -39.33 28.49
CA VAL F 250 16.69 -38.68 29.79
C VAL F 250 17.82 -39.36 30.56
N THR F 251 18.84 -38.57 30.90
CA THR F 251 19.92 -39.01 31.77
C THR F 251 20.34 -37.95 32.80
N ARG F 252 20.49 -38.39 34.04
CA ARG F 252 20.99 -37.53 35.13
C ARG F 252 20.09 -36.30 35.39
N HIS F 253 18.78 -36.52 35.31
CA HIS F 253 17.78 -35.44 35.53
C HIS F 253 17.86 -34.39 34.42
N ARG F 254 18.42 -34.78 33.27
CA ARG F 254 18.62 -33.87 32.13
C ARG F 254 18.31 -34.55 30.80
N LEU F 255 17.89 -33.75 29.83
CA LEU F 255 17.55 -34.28 28.50
C LEU F 255 18.74 -34.19 27.55
N ALA F 256 19.12 -35.36 27.03
CA ALA F 256 20.16 -35.47 26.01
C ALA F 256 19.54 -35.65 24.62
N VAL F 257 19.87 -34.74 23.72
CA VAL F 257 19.33 -34.78 22.35
C VAL F 257 20.44 -34.90 21.32
N ASP F 258 20.23 -35.77 20.35
CA ASP F 258 21.14 -35.95 19.22
C ASP F 258 20.39 -36.08 17.89
N ARG F 259 21.15 -35.92 16.81
CA ARG F 259 20.58 -35.82 15.46
C ARG F 259 21.44 -36.53 14.42
N LYS F 260 20.78 -37.36 13.61
CA LYS F 260 21.41 -38.00 12.45
C LYS F 260 20.87 -37.44 11.14
N HIS F 261 21.70 -36.65 10.46
CA HIS F 261 21.36 -36.10 9.15
C HIS F 261 21.59 -37.18 8.11
N ASP F 262 20.67 -37.26 7.14
CA ASP F 262 20.70 -38.30 6.10
C ASP F 262 20.63 -39.73 6.67
N ALA F 263 19.77 -39.90 7.67
CA ALA F 263 19.55 -41.20 8.32
C ALA F 263 18.97 -42.23 7.34
N PHE F 264 18.01 -41.78 6.54
CA PHE F 264 17.40 -42.62 5.50
C PHE F 264 17.20 -41.81 4.22
N LYS F 265 18.12 -42.00 3.28
CA LYS F 265 18.18 -41.20 2.04
C LYS F 265 17.48 -41.89 0.89
N ASN F 266 17.03 -41.08 -0.06
CA ASN F 266 16.46 -41.56 -1.33
C ASN F 266 15.34 -42.59 -1.16
N ARG F 267 14.50 -42.37 -0.16
CA ARG F 267 13.27 -43.15 0.02
C ARG F 267 12.29 -42.81 -1.11
N ASN F 268 12.61 -43.31 -2.29
CA ASN F 268 11.98 -42.85 -3.55
C ASN F 268 11.17 -43.89 -4.29
N VAL F 269 10.08 -43.42 -4.90
CA VAL F 269 9.32 -44.21 -5.85
C VAL F 269 9.53 -43.68 -7.28
N THR F 270 9.80 -44.61 -8.19
CA THR F 270 10.01 -44.29 -9.60
C THR F 270 8.90 -44.88 -10.46
N VAL F 271 8.24 -44.02 -11.22
CA VAL F 271 7.19 -44.45 -12.15
C VAL F 271 7.61 -44.18 -13.60
N LYS F 272 7.54 -45.22 -14.42
CA LYS F 272 7.87 -45.16 -15.84
C LYS F 272 6.60 -44.94 -16.67
N TYR F 273 6.56 -43.82 -17.39
CA TYR F 273 5.47 -43.53 -18.33
C TYR F 273 5.95 -43.66 -19.77
N GLU F 274 5.13 -44.30 -20.60
CA GLU F 274 5.41 -44.38 -22.04
C GLU F 274 4.52 -43.40 -22.78
N VAL F 275 5.17 -42.56 -23.56
CA VAL F 275 4.49 -41.53 -24.33
C VAL F 275 4.59 -41.79 -25.82
N ASN F 276 3.43 -41.95 -26.43
CA ASN F 276 3.32 -42.00 -27.89
C ASN F 276 2.98 -40.62 -28.43
N TRP F 277 3.96 -40.01 -29.08
CA TRP F 277 3.87 -38.62 -29.55
C TRP F 277 2.92 -38.44 -30.74
N LYS F 278 2.61 -39.53 -31.44
CA LYS F 278 1.74 -39.46 -32.63
C LYS F 278 0.28 -39.74 -32.30
N THR F 279 0.03 -40.79 -31.54
CA THR F 279 -1.33 -41.16 -31.13
C THR F 279 -1.81 -40.37 -29.91
N HIS F 280 -0.88 -39.66 -29.27
CA HIS F 280 -1.15 -38.80 -28.09
C HIS F 280 -1.63 -39.63 -26.92
N GLU F 281 -1.05 -40.83 -26.87
CA GLU F 281 -1.39 -41.86 -25.92
C GLU F 281 -0.34 -41.90 -24.81
N VAL F 282 -0.78 -42.06 -23.58
CA VAL F 282 0.13 -42.14 -22.43
C VAL F 282 -0.23 -43.32 -21.53
N LYS F 283 0.74 -44.19 -21.34
CA LYS F 283 0.56 -45.43 -20.57
C LYS F 283 1.53 -45.48 -19.40
N ILE F 284 1.07 -46.03 -18.29
CA ILE F 284 1.97 -46.37 -17.19
C ILE F 284 2.60 -47.75 -17.49
N LYS F 285 3.93 -47.79 -17.50
CA LYS F 285 4.68 -49.00 -17.83
C LYS F 285 4.95 -49.79 -16.56
N SER F 286 5.45 -49.10 -15.56
CA SER F 286 5.90 -49.74 -14.33
C SER F 286 6.04 -48.80 -13.14
N ILE F 287 6.13 -49.40 -11.96
CA ILE F 287 6.25 -48.69 -10.70
C ILE F 287 7.15 -49.46 -9.73
N THR F 288 8.11 -48.75 -9.15
CA THR F 288 9.00 -49.30 -8.13
C THR F 288 9.24 -48.29 -7.03
N PRO F 289 8.90 -48.63 -5.77
CA PRO F 289 8.21 -49.83 -5.30
C PRO F 289 6.68 -49.69 -5.33
N LYS F 290 6.03 -50.79 -5.02
CA LYS F 290 4.56 -50.90 -5.11
C LYS F 290 3.88 -50.25 -3.89
N ALA G 21 -28.28 -17.61 -18.56
CA ALA G 21 -28.92 -18.08 -17.30
C ALA G 21 -30.06 -17.14 -16.92
N GLU G 22 -31.26 -17.45 -17.39
CA GLU G 22 -32.44 -16.61 -17.13
C GLU G 22 -32.85 -16.58 -15.66
N ILE G 23 -33.20 -15.39 -15.20
CA ILE G 23 -33.67 -15.17 -13.83
C ILE G 23 -35.10 -14.67 -13.86
N ILE G 24 -35.91 -15.18 -12.95
CA ILE G 24 -37.26 -14.66 -12.74
C ILE G 24 -37.39 -14.18 -11.30
N LYS G 25 -37.54 -12.86 -11.14
CA LYS G 25 -37.57 -12.26 -9.80
C LYS G 25 -38.95 -11.94 -9.27
N ARG G 26 -39.07 -12.16 -7.97
CA ARG G 26 -40.24 -11.76 -7.19
C ARG G 26 -39.78 -11.13 -5.88
N THR G 27 -40.59 -10.21 -5.37
CA THR G 27 -40.30 -9.59 -4.09
C THR G 27 -41.50 -9.60 -3.19
N GLN G 28 -41.23 -9.65 -1.90
CA GLN G 28 -42.21 -9.53 -0.86
C GLN G 28 -41.65 -8.70 0.28
N ASP G 29 -42.52 -7.89 0.88
CA ASP G 29 -42.16 -7.02 1.99
C ASP G 29 -43.30 -7.00 3.01
N ILE G 30 -42.94 -7.04 4.28
CA ILE G 30 -43.94 -7.03 5.35
C ILE G 30 -43.34 -6.63 6.70
N THR G 31 -44.16 -6.01 7.53
CA THR G 31 -43.72 -5.48 8.81
C THR G 31 -44.59 -6.00 9.92
N SER G 32 -43.95 -6.33 11.03
CA SER G 32 -44.63 -6.65 12.27
C SER G 32 -44.65 -5.42 13.14
N LYS G 33 -45.80 -4.76 13.16
CA LYS G 33 -46.04 -3.60 14.03
C LYS G 33 -45.60 -3.92 15.46
N ARG G 34 -46.05 -5.07 15.95
CA ARG G 34 -45.82 -5.49 17.34
C ARG G 34 -44.34 -5.43 17.73
N LEU G 35 -43.51 -6.08 16.91
CA LEU G 35 -42.08 -6.25 17.22
C LEU G 35 -41.16 -5.22 16.53
N ALA G 36 -41.72 -4.44 15.61
CA ALA G 36 -40.97 -3.42 14.88
C ALA G 36 -39.85 -4.08 14.08
N ILE G 37 -40.26 -5.08 13.30
CA ILE G 37 -39.37 -5.84 12.42
C ILE G 37 -39.95 -5.83 11.02
N THR G 38 -39.07 -5.61 10.04
CA THR G 38 -39.46 -5.56 8.63
C THR G 38 -38.64 -6.51 7.78
N GLN G 39 -39.35 -7.42 7.12
CA GLN G 39 -38.73 -8.38 6.21
C GLN G 39 -38.84 -7.84 4.79
N ASN G 40 -37.67 -7.73 4.15
CA ASN G 40 -37.57 -7.36 2.74
C ASN G 40 -36.92 -8.52 2.01
N ILE G 41 -37.72 -9.29 1.31
CA ILE G 41 -37.25 -10.57 0.74
C ILE G 41 -37.33 -10.57 -0.77
N GLN G 42 -36.21 -10.91 -1.38
CA GLN G 42 -36.16 -11.10 -2.82
C GLN G 42 -36.03 -12.59 -3.13
N PHE G 43 -36.88 -13.02 -4.05
CA PHE G 43 -36.93 -14.40 -4.55
C PHE G 43 -36.54 -14.43 -6.03
N ASP G 44 -35.39 -15.03 -6.31
CA ASP G 44 -34.88 -15.15 -7.68
C ASP G 44 -34.87 -16.61 -8.17
N PHE G 45 -35.88 -16.92 -8.98
CA PHE G 45 -35.94 -18.22 -9.66
C PHE G 45 -34.90 -18.31 -10.77
N VAL G 46 -33.99 -19.27 -10.64
CA VAL G 46 -32.86 -19.43 -11.58
C VAL G 46 -33.12 -20.58 -12.56
N LYS G 47 -33.28 -20.24 -13.83
CA LYS G 47 -33.46 -21.25 -14.90
C LYS G 47 -32.12 -21.55 -15.54
N ASP G 48 -31.31 -22.31 -14.82
CA ASP G 48 -30.02 -22.79 -15.35
C ASP G 48 -30.23 -24.11 -16.10
N LYS G 49 -30.10 -24.04 -17.42
CA LYS G 49 -30.36 -25.22 -18.28
C LYS G 49 -29.23 -26.25 -18.23
N LYS G 50 -28.10 -25.85 -17.66
CA LYS G 50 -27.00 -26.78 -17.35
C LYS G 50 -27.22 -27.53 -16.02
N TYR G 51 -28.26 -27.13 -15.30
CA TYR G 51 -28.54 -27.68 -13.96
C TYR G 51 -29.73 -28.65 -13.93
N ASN G 52 -29.55 -29.70 -13.15
CA ASN G 52 -30.43 -30.87 -13.07
C ASN G 52 -31.81 -30.64 -12.44
N LYS G 53 -31.94 -29.52 -11.73
CA LYS G 53 -33.11 -29.28 -10.88
C LYS G 53 -33.60 -27.85 -10.98
N ASP G 54 -34.76 -27.59 -10.39
CA ASP G 54 -35.21 -26.21 -10.17
C ASP G 54 -34.32 -25.55 -9.13
N ALA G 55 -34.11 -24.25 -9.28
CA ALA G 55 -33.27 -23.50 -8.36
C ALA G 55 -33.89 -22.16 -7.95
N LEU G 56 -33.63 -21.79 -6.70
CA LEU G 56 -34.15 -20.58 -6.11
C LEU G 56 -33.11 -19.92 -5.21
N VAL G 57 -32.81 -18.67 -5.53
CA VAL G 57 -31.97 -17.83 -4.67
C VAL G 57 -32.86 -16.90 -3.86
N VAL G 58 -32.82 -17.10 -2.55
CA VAL G 58 -33.53 -16.24 -1.62
C VAL G 58 -32.59 -15.24 -0.95
N LYS G 59 -32.82 -13.98 -1.27
CA LYS G 59 -32.11 -12.86 -0.64
C LYS G 59 -32.95 -12.28 0.52
N MET G 60 -32.46 -12.51 1.73
CA MET G 60 -33.11 -12.07 2.97
C MET G 60 -32.54 -10.75 3.50
N GLN G 61 -33.29 -9.68 3.29
CA GLN G 61 -32.94 -8.33 3.80
C GLN G 61 -34.06 -7.72 4.67
N GLY G 62 -33.81 -6.50 5.13
CA GLY G 62 -34.82 -5.71 5.81
C GLY G 62 -34.29 -4.87 6.94
N PHE G 63 -35.12 -4.66 7.94
CA PHE G 63 -34.76 -3.86 9.11
C PHE G 63 -35.37 -4.42 10.38
N ILE G 64 -34.51 -4.70 11.35
CA ILE G 64 -34.91 -5.14 12.68
C ILE G 64 -34.55 -4.03 13.65
N SER G 65 -35.56 -3.33 14.16
CA SER G 65 -35.33 -2.27 15.13
C SER G 65 -34.62 -2.82 16.35
N SER G 66 -33.77 -2.00 16.95
CA SER G 66 -33.08 -2.40 18.19
C SER G 66 -34.08 -2.54 19.33
N ARG G 67 -35.12 -1.71 19.28
CA ARG G 67 -36.10 -1.60 20.36
C ARG G 67 -35.41 -1.34 21.70
N THR G 68 -34.29 -0.63 21.66
CA THR G 68 -33.64 -0.19 22.88
C THR G 68 -34.54 0.78 23.63
N THR G 69 -34.86 0.42 24.86
CA THR G 69 -35.70 1.26 25.72
C THR G 69 -35.13 1.41 27.10
N TYR G 70 -35.48 2.54 27.71
CA TYR G 70 -35.03 2.90 29.05
C TYR G 70 -36.25 3.19 29.90
N SER G 71 -36.30 2.58 31.07
CA SER G 71 -37.45 2.76 31.97
C SER G 71 -37.13 2.61 33.45
N ASP G 72 -38.09 3.07 34.25
CA ASP G 72 -38.05 2.91 35.70
C ASP G 72 -38.72 1.58 36.03
N LEU G 73 -38.15 0.83 36.97
CA LEU G 73 -38.81 -0.39 37.47
C LEU G 73 -40.08 0.01 38.20
N LYS G 74 -41.13 -0.77 38.01
CA LYS G 74 -42.46 -0.47 38.56
C LYS G 74 -42.43 -0.49 40.07
N LYS G 75 -42.02 -1.64 40.60
CA LYS G 75 -41.97 -1.91 42.02
C LYS G 75 -40.88 -1.08 42.73
N TYR G 76 -39.80 -0.79 41.99
CA TYR G 76 -38.65 -0.01 42.51
C TYR G 76 -38.23 1.10 41.53
N PRO G 77 -38.94 2.25 41.54
CA PRO G 77 -38.69 3.32 40.57
C PRO G 77 -37.27 3.90 40.62
N TYR G 78 -36.61 3.73 41.75
CA TYR G 78 -35.22 4.18 41.93
C TYR G 78 -34.23 3.34 41.10
N ILE G 79 -34.62 2.11 40.81
CA ILE G 79 -33.82 1.21 39.95
C ILE G 79 -34.07 1.45 38.46
N LYS G 80 -33.00 1.76 37.74
CA LYS G 80 -33.07 2.09 36.30
C LYS G 80 -32.66 0.95 35.37
N ARG G 81 -33.52 0.67 34.39
CA ARG G 81 -33.34 -0.44 33.47
C ARG G 81 -33.16 -0.01 32.00
N MET G 82 -32.05 -0.44 31.42
CA MET G 82 -31.83 -0.37 29.96
C MET G 82 -31.98 -1.75 29.33
N ILE G 83 -32.96 -1.87 28.44
CA ILE G 83 -33.14 -3.10 27.64
C ILE G 83 -32.59 -2.90 26.22
N TRP G 84 -31.75 -3.84 25.79
CA TRP G 84 -31.04 -3.72 24.51
C TRP G 84 -30.72 -5.07 23.83
N PRO G 85 -30.56 -5.04 22.49
CA PRO G 85 -30.43 -6.27 21.74
C PRO G 85 -29.04 -6.83 21.80
N PHE G 86 -28.89 -7.96 22.47
CA PHE G 86 -27.59 -8.60 22.55
C PHE G 86 -27.31 -9.36 21.26
N GLN G 87 -28.37 -9.94 20.73
CA GLN G 87 -28.30 -10.79 19.55
C GLN G 87 -29.48 -10.60 18.64
N TYR G 88 -29.20 -10.64 17.34
CA TYR G 88 -30.24 -10.62 16.32
C TYR G 88 -30.33 -12.01 15.70
N ASN G 89 -31.58 -12.46 15.56
CA ASN G 89 -31.89 -13.80 15.07
C ASN G 89 -32.37 -13.78 13.64
N ILE G 90 -31.77 -14.65 12.83
CA ILE G 90 -32.17 -14.80 11.42
C ILE G 90 -32.16 -16.28 11.07
N SER G 91 -33.25 -16.76 10.46
CA SER G 91 -33.28 -18.13 9.94
C SER G 91 -34.26 -18.33 8.80
N LEU G 92 -33.97 -19.37 8.05
CA LEU G 92 -34.82 -19.78 6.94
C LEU G 92 -34.93 -21.30 6.95
N LYS G 93 -36.17 -21.77 6.88
CA LYS G 93 -36.50 -23.17 7.10
C LYS G 93 -37.59 -23.64 6.16
N THR G 94 -37.60 -24.94 5.93
CA THR G 94 -38.64 -25.54 5.12
C THR G 94 -38.97 -26.96 5.57
N LYS G 95 -40.17 -27.40 5.22
CA LYS G 95 -40.65 -28.75 5.52
C LYS G 95 -40.74 -29.60 4.26
N ASP G 96 -40.63 -28.96 3.09
CA ASP G 96 -40.76 -29.64 1.81
C ASP G 96 -39.59 -30.60 1.57
N SER G 97 -39.91 -31.88 1.50
CA SER G 97 -38.89 -32.93 1.31
C SER G 97 -38.23 -32.85 -0.06
N ASN G 98 -38.94 -32.24 -1.01
CA ASN G 98 -38.43 -32.02 -2.38
C ASN G 98 -37.36 -30.92 -2.47
N VAL G 99 -37.22 -30.16 -1.40
CA VAL G 99 -36.34 -29.00 -1.36
C VAL G 99 -35.06 -29.27 -0.58
N ASP G 100 -33.94 -28.83 -1.17
CA ASP G 100 -32.65 -28.85 -0.49
C ASP G 100 -32.01 -27.45 -0.41
N LEU G 101 -31.41 -27.16 0.73
CA LEU G 101 -30.49 -26.05 0.90
C LEU G 101 -29.14 -26.45 0.29
N ILE G 102 -28.74 -25.78 -0.79
CA ILE G 102 -27.50 -26.15 -1.51
C ILE G 102 -26.37 -25.11 -1.40
N ASN G 103 -26.71 -23.92 -0.93
CA ASN G 103 -25.71 -22.89 -0.59
C ASN G 103 -26.29 -21.83 0.32
N TYR G 104 -25.41 -21.17 1.06
CA TYR G 104 -25.80 -20.08 1.98
C TYR G 104 -24.60 -19.21 2.34
N LEU G 105 -24.88 -17.93 2.54
CA LEU G 105 -23.86 -16.93 2.96
C LEU G 105 -24.45 -15.96 4.01
N PRO G 106 -23.63 -15.55 5.00
CA PRO G 106 -22.26 -15.96 5.22
C PRO G 106 -22.15 -17.29 5.93
N LYS G 107 -20.96 -17.88 5.85
CA LYS G 107 -20.63 -19.12 6.53
C LYS G 107 -19.62 -18.85 7.65
N ASN G 108 -19.48 -19.81 8.56
CA ASN G 108 -18.51 -19.68 9.65
C ASN G 108 -17.11 -19.84 9.10
N LYS G 109 -16.18 -19.07 9.63
CA LYS G 109 -14.79 -19.10 9.15
C LYS G 109 -13.78 -19.24 10.26
N ILE G 110 -12.60 -19.67 9.87
CA ILE G 110 -11.50 -19.83 10.80
C ILE G 110 -10.88 -18.45 10.99
N ASP G 111 -10.82 -18.03 12.25
CA ASP G 111 -10.27 -16.71 12.57
C ASP G 111 -8.77 -16.64 12.25
N SER G 112 -8.34 -15.46 11.85
CA SER G 112 -6.95 -15.21 11.49
C SER G 112 -6.41 -13.95 12.17
N ALA G 113 -5.11 -13.95 12.44
CA ALA G 113 -4.45 -12.80 13.07
C ALA G 113 -3.00 -12.66 12.59
N ASP G 114 -2.56 -11.41 12.49
CA ASP G 114 -1.16 -11.11 12.19
C ASP G 114 -0.38 -11.11 13.48
N VAL G 115 0.76 -11.79 13.46
CA VAL G 115 1.62 -11.87 14.62
C VAL G 115 3.01 -11.37 14.29
N SER G 116 3.54 -10.58 15.20
CA SER G 116 4.91 -10.08 15.09
C SER G 116 5.63 -10.34 16.41
N GLN G 117 6.76 -11.02 16.34
CA GLN G 117 7.50 -11.45 17.53
C GLN G 117 8.97 -11.03 17.45
N LYS G 118 9.43 -10.44 18.55
CA LYS G 118 10.77 -9.85 18.59
C LYS G 118 11.60 -10.32 19.79
N LEU G 119 12.82 -10.73 19.48
CA LEU G 119 13.83 -11.10 20.48
C LEU G 119 15.08 -10.25 20.26
N GLY G 120 15.60 -9.71 21.34
CA GLY G 120 16.80 -8.88 21.26
C GLY G 120 17.72 -8.91 22.46
N TYR G 121 18.97 -8.52 22.22
CA TYR G 121 19.97 -8.37 23.27
C TYR G 121 20.70 -7.04 23.17
N ASN G 122 21.16 -6.56 24.32
CA ASN G 122 22.09 -5.43 24.40
C ASN G 122 23.31 -5.78 25.24
N ILE G 123 24.48 -5.41 24.73
CA ILE G 123 25.75 -5.62 25.46
C ILE G 123 26.54 -4.31 25.46
N GLY G 124 26.56 -3.69 26.63
CA GLY G 124 27.18 -2.38 26.81
C GLY G 124 28.43 -2.35 27.68
N GLY G 125 29.31 -1.41 27.36
CA GLY G 125 30.48 -1.11 28.18
C GLY G 125 30.55 0.38 28.48
N ASN G 126 31.22 0.73 29.57
CA ASN G 126 31.37 2.14 29.94
C ASN G 126 32.59 2.44 30.82
N PHE G 127 33.08 3.67 30.72
CA PHE G 127 34.24 4.16 31.49
C PHE G 127 33.88 5.53 32.09
N GLN G 128 34.23 5.69 33.36
CA GLN G 128 34.02 6.95 34.10
C GLN G 128 35.30 7.44 34.78
N SER G 129 35.35 8.75 35.02
CA SER G 129 36.56 9.42 35.54
C SER G 129 36.59 9.44 37.07
N ALA G 130 35.77 8.58 37.69
CA ALA G 130 35.72 8.42 39.15
C ALA G 130 37.08 8.13 39.81
N PRO G 131 37.90 7.24 39.24
CA PRO G 131 37.63 6.50 38.02
C PRO G 131 36.99 5.14 38.26
N SER G 132 36.10 4.79 37.34
CA SER G 132 35.49 3.46 37.33
C SER G 132 35.26 2.90 35.91
N ILE G 133 35.23 1.58 35.84
CA ILE G 133 34.92 0.86 34.61
C ILE G 133 33.68 0.01 34.80
N GLY G 134 32.75 0.17 33.86
CA GLY G 134 31.43 -0.46 33.94
C GLY G 134 31.10 -1.37 32.78
N GLY G 135 30.37 -2.44 33.09
CA GLY G 135 29.84 -3.36 32.08
C GLY G 135 28.33 -3.42 32.15
N SER G 136 27.72 -3.91 31.07
CA SER G 136 26.27 -3.99 30.98
C SER G 136 25.78 -5.09 30.05
N GLY G 137 24.63 -5.65 30.40
CA GLY G 137 24.02 -6.77 29.69
C GLY G 137 22.51 -6.75 29.80
N SER G 138 21.84 -6.98 28.68
CA SER G 138 20.38 -6.83 28.64
C SER G 138 19.71 -7.71 27.58
N PHE G 139 18.47 -8.08 27.89
CA PHE G 139 17.66 -8.97 27.05
C PHE G 139 16.22 -8.48 26.96
N ASN G 140 15.70 -8.44 25.74
CA ASN G 140 14.31 -8.03 25.50
C ASN G 140 13.49 -8.98 24.63
N TYR G 141 12.22 -9.13 25.02
CA TYR G 141 11.24 -9.91 24.28
C TYR G 141 9.96 -9.10 24.14
N SER G 142 9.35 -9.17 22.97
CA SER G 142 8.03 -8.61 22.75
C SER G 142 7.25 -9.34 21.66
N LYS G 143 5.95 -9.46 21.89
CA LYS G 143 5.05 -10.06 20.93
C LYS G 143 3.84 -9.18 20.72
N THR G 144 3.51 -8.97 19.45
CA THR G 144 2.36 -8.20 19.04
C THR G 144 1.44 -9.07 18.20
N ILE G 145 0.18 -9.13 18.61
CA ILE G 145 -0.86 -9.79 17.85
C ILE G 145 -1.84 -8.75 17.34
N SER G 146 -2.23 -8.90 16.10
CA SER G 146 -3.00 -7.86 15.41
C SER G 146 -4.17 -8.44 14.61
N TYR G 147 -5.35 -7.90 14.83
CA TYR G 147 -6.58 -8.50 14.31
C TYR G 147 -7.73 -7.50 14.18
N ASN G 148 -8.71 -7.91 13.39
CA ASN G 148 -9.90 -7.11 13.12
C ASN G 148 -11.02 -7.45 14.11
N GLN G 149 -11.80 -6.44 14.47
CA GLN G 149 -12.96 -6.63 15.34
C GLN G 149 -14.23 -6.05 14.73
N LYS G 150 -15.33 -6.72 14.99
CA LYS G 150 -16.65 -6.25 14.61
C LYS G 150 -17.44 -5.98 15.86
N ASN G 151 -18.34 -5.00 15.79
CA ASN G 151 -19.28 -4.72 16.89
C ASN G 151 -20.04 -6.01 17.19
N TYR G 152 -20.64 -6.57 16.14
CA TYR G 152 -21.40 -7.83 16.23
C TYR G 152 -20.81 -8.91 15.32
N VAL G 153 -20.61 -10.11 15.88
CA VAL G 153 -20.11 -11.24 15.09
C VAL G 153 -21.28 -12.09 14.59
N THR G 154 -21.20 -12.51 13.33
CA THR G 154 -22.21 -13.34 12.69
C THR G 154 -21.80 -14.82 12.67
N GLU G 155 -22.61 -15.65 13.32
CA GLU G 155 -22.34 -17.09 13.45
C GLU G 155 -23.49 -17.96 12.94
N VAL G 156 -23.14 -18.98 12.16
CA VAL G 156 -24.08 -20.05 11.81
C VAL G 156 -24.29 -20.91 13.06
N GLU G 157 -25.52 -20.90 13.56
CA GLU G 157 -25.87 -21.59 14.81
C GLU G 157 -26.40 -22.98 14.55
N SER G 158 -26.99 -23.16 13.37
CA SER G 158 -27.29 -24.49 12.86
C SER G 158 -27.62 -24.41 11.39
N GLN G 159 -27.32 -25.50 10.68
CA GLN G 159 -27.78 -25.65 9.29
C GLN G 159 -27.81 -27.08 8.82
N ASN G 160 -28.80 -27.37 7.99
CA ASN G 160 -28.94 -28.66 7.36
C ASN G 160 -29.61 -28.51 5.99
N SER G 161 -30.09 -29.61 5.42
CA SER G 161 -30.60 -29.57 4.05
C SER G 161 -31.93 -28.82 3.93
N LYS G 162 -32.57 -28.56 5.07
CA LYS G 162 -33.92 -27.97 5.10
C LYS G 162 -33.92 -26.58 5.66
N GLY G 163 -32.74 -26.08 5.98
CA GLY G 163 -32.67 -24.79 6.61
C GLY G 163 -31.39 -24.43 7.28
N VAL G 164 -31.35 -23.16 7.66
CA VAL G 164 -30.16 -22.57 8.25
C VAL G 164 -30.57 -21.44 9.18
N LYS G 165 -29.79 -21.29 10.24
CA LYS G 165 -30.07 -20.31 11.28
C LYS G 165 -28.80 -19.61 11.72
N TRP G 166 -28.89 -18.29 11.73
CA TRP G 166 -27.79 -17.43 12.13
C TRP G 166 -28.11 -16.68 13.38
N GLY G 167 -27.06 -16.35 14.10
CA GLY G 167 -27.13 -15.42 15.22
C GLY G 167 -26.07 -14.34 15.05
N VAL G 168 -26.54 -13.10 15.07
CA VAL G 168 -25.66 -11.94 15.01
C VAL G 168 -25.50 -11.41 16.44
N LYS G 169 -24.34 -11.69 17.03
CA LYS G 169 -24.11 -11.53 18.48
C LYS G 169 -23.24 -10.35 18.83
N ALA G 170 -23.62 -9.64 19.87
CA ALA G 170 -22.83 -8.53 20.39
C ALA G 170 -21.46 -9.06 20.78
N ASN G 171 -20.43 -8.34 20.35
CA ASN G 171 -19.05 -8.82 20.49
C ASN G 171 -18.19 -7.83 21.27
N SER G 172 -17.89 -6.70 20.64
CA SER G 172 -16.97 -5.72 21.21
C SER G 172 -17.26 -4.31 20.75
N PHE G 173 -16.95 -3.35 21.61
CA PHE G 173 -17.31 -1.95 21.35
C PHE G 173 -16.19 -0.98 21.67
N VAL G 174 -16.09 0.04 20.83
CA VAL G 174 -15.11 1.10 21.03
C VAL G 174 -15.60 2.05 22.11
N THR G 175 -14.74 2.27 23.08
CA THR G 175 -14.98 3.12 24.25
C THR G 175 -13.78 4.06 24.41
N PRO G 176 -13.95 5.24 25.03
CA PRO G 176 -12.79 6.14 25.12
C PRO G 176 -11.62 5.64 25.98
N ASN G 177 -11.85 4.57 26.74
CA ASN G 177 -10.78 3.98 27.56
C ASN G 177 -10.47 2.54 27.09
N GLY G 178 -10.46 2.34 25.78
CA GLY G 178 -10.19 1.04 25.16
C GLY G 178 -11.42 0.31 24.63
N GLN G 179 -11.21 -0.91 24.15
CA GLN G 179 -12.34 -1.76 23.74
C GLN G 179 -12.98 -2.40 24.97
N VAL G 180 -14.30 -2.56 24.91
CA VAL G 180 -15.06 -3.25 25.97
C VAL G 180 -15.83 -4.44 25.41
N SER G 181 -15.81 -5.54 26.15
CA SER G 181 -16.54 -6.73 25.77
C SER G 181 -18.03 -6.56 26.02
N ALA G 182 -18.83 -7.11 25.11
CA ALA G 182 -20.29 -7.11 25.22
C ALA G 182 -20.77 -7.83 26.49
N TYR G 183 -19.93 -8.72 27.03
CA TYR G 183 -20.27 -9.52 28.20
C TYR G 183 -19.85 -8.83 29.51
N ASP G 184 -19.26 -7.67 29.40
CA ASP G 184 -18.93 -6.85 30.57
C ASP G 184 -20.21 -6.33 31.20
N GLN G 185 -20.38 -6.61 32.49
CA GLN G 185 -21.66 -6.36 33.18
C GLN G 185 -21.93 -4.88 33.41
N TYR G 186 -20.86 -4.09 33.48
CA TYR G 186 -20.97 -2.64 33.71
C TYR G 186 -21.20 -1.85 32.41
N LEU G 187 -21.26 -2.58 31.29
CA LEU G 187 -21.46 -1.99 29.96
C LEU G 187 -22.63 -1.03 29.89
N PHE G 188 -22.37 0.11 29.24
CA PHE G 188 -23.37 1.15 28.94
C PHE G 188 -23.83 1.96 30.15
N ALA G 189 -23.61 1.44 31.35
CA ALA G 189 -23.95 2.16 32.57
C ALA G 189 -23.04 3.37 32.71
N GLN G 190 -23.56 4.41 33.36
CA GLN G 190 -22.76 5.61 33.66
C GLN G 190 -23.22 6.33 34.92
N ASP G 191 -22.31 7.15 35.43
CA ASP G 191 -22.59 8.00 36.59
C ASP G 191 -23.74 8.95 36.21
N PRO G 192 -24.89 8.85 36.92
CA PRO G 192 -26.08 9.53 36.43
C PRO G 192 -25.89 11.03 36.27
N THR G 193 -26.44 11.54 35.16
CA THR G 193 -26.36 12.97 34.83
C THR G 193 -27.71 13.62 35.04
N GLY G 194 -28.59 12.93 35.77
CA GLY G 194 -29.96 13.39 36.02
C GLY G 194 -30.81 12.33 36.71
N PRO G 195 -32.10 12.66 36.96
CA PRO G 195 -32.99 11.76 37.67
C PRO G 195 -33.68 10.72 36.79
N ALA G 196 -33.77 11.00 35.49
CA ALA G 196 -34.47 10.12 34.54
C ALA G 196 -33.71 8.83 34.25
N ALA G 197 -34.44 7.84 33.75
CA ALA G 197 -33.88 6.51 33.42
C ALA G 197 -32.74 6.59 32.42
N ARG G 198 -32.93 7.43 31.40
CA ARG G 198 -31.96 7.57 30.30
C ARG G 198 -30.60 8.06 30.77
N ASP G 199 -30.63 8.90 31.80
CA ASP G 199 -29.43 9.61 32.28
C ASP G 199 -28.45 8.69 33.01
N TYR G 200 -28.96 7.53 33.42
CA TYR G 200 -28.14 6.50 34.11
C TYR G 200 -27.35 5.66 33.11
N PHE G 201 -27.55 5.94 31.83
CA PHE G 201 -26.89 5.19 30.75
C PHE G 201 -26.25 6.10 29.70
N VAL G 202 -25.19 5.57 29.08
CA VAL G 202 -24.39 6.34 28.09
C VAL G 202 -25.24 6.95 26.98
N PRO G 203 -24.83 8.13 26.47
CA PRO G 203 -25.60 8.76 25.40
C PRO G 203 -25.55 8.03 24.06
N ASP G 204 -26.44 8.45 23.17
CA ASP G 204 -26.61 7.81 21.86
C ASP G 204 -25.31 7.75 21.07
N ASN G 205 -24.53 8.82 21.16
CA ASN G 205 -23.27 8.93 20.41
C ASN G 205 -22.16 8.01 20.91
N GLN G 206 -22.41 7.31 22.01
CA GLN G 206 -21.49 6.29 22.51
C GLN G 206 -22.04 4.88 22.30
N LEU G 207 -23.17 4.80 21.61
CA LEU G 207 -23.81 3.51 21.29
C LEU G 207 -23.60 3.16 19.82
N PRO G 208 -23.34 1.89 19.52
CA PRO G 208 -23.18 1.47 18.13
C PRO G 208 -24.52 1.50 17.42
N PRO G 209 -24.52 1.67 16.08
CA PRO G 209 -25.76 1.72 15.32
C PRO G 209 -26.69 0.54 15.56
N LEU G 210 -26.12 -0.63 15.84
CA LEU G 210 -26.91 -1.85 16.04
C LEU G 210 -27.69 -1.85 17.35
N ILE G 211 -27.37 -0.89 18.22
CA ILE G 211 -28.12 -0.66 19.45
C ILE G 211 -28.91 0.66 19.42
N GLN G 212 -28.30 1.67 18.84
CA GLN G 212 -28.91 3.00 18.75
C GLN G 212 -30.09 3.02 17.77
N SER G 213 -29.99 2.25 16.70
CA SER G 213 -31.02 2.19 15.66
C SER G 213 -31.55 0.77 15.41
N GLY G 214 -30.65 -0.12 15.07
CA GLY G 214 -31.01 -1.50 14.74
C GLY G 214 -30.15 -2.13 13.67
N PHE G 215 -30.61 -3.29 13.23
CA PHE G 215 -29.84 -4.18 12.33
C PHE G 215 -30.51 -4.30 10.96
N ASN G 216 -29.68 -4.22 9.92
CA ASN G 216 -30.11 -4.38 8.51
C ASN G 216 -29.57 -5.69 7.97
N PRO G 217 -30.32 -6.77 8.12
CA PRO G 217 -29.72 -8.04 7.76
C PRO G 217 -29.44 -8.18 6.28
N SER G 218 -28.50 -9.04 5.99
CA SER G 218 -28.12 -9.34 4.62
C SER G 218 -27.65 -10.77 4.58
N PHE G 219 -28.57 -11.63 4.22
CA PHE G 219 -28.33 -13.08 4.19
C PHE G 219 -28.86 -13.67 2.91
N ILE G 220 -28.24 -14.77 2.52
CA ILE G 220 -28.59 -15.38 1.25
C ILE G 220 -28.55 -16.90 1.33
N THR G 221 -29.54 -17.49 0.67
CA THR G 221 -29.65 -18.94 0.57
C THR G 221 -30.03 -19.36 -0.83
N THR G 222 -29.33 -20.39 -1.32
CA THR G 222 -29.71 -21.02 -2.59
C THR G 222 -30.36 -22.35 -2.29
N LEU G 223 -31.49 -22.58 -2.94
CA LEU G 223 -32.30 -23.77 -2.67
C LEU G 223 -32.60 -24.48 -3.98
N SER G 224 -32.45 -25.80 -3.96
CA SER G 224 -32.88 -26.66 -5.07
C SER G 224 -34.23 -27.30 -4.80
N HIS G 225 -34.86 -27.75 -5.87
CA HIS G 225 -36.19 -28.36 -5.82
C HIS G 225 -36.32 -29.45 -6.86
N GLU G 226 -36.62 -30.67 -6.39
CA GLU G 226 -36.77 -31.85 -7.25
C GLU G 226 -37.99 -31.67 -8.16
N ARG G 227 -37.89 -32.17 -9.38
CA ARG G 227 -38.96 -31.99 -10.37
C ARG G 227 -39.90 -33.19 -10.43
N GLY G 228 -41.15 -32.90 -10.79
CA GLY G 228 -42.18 -33.92 -11.00
C GLY G 228 -42.76 -34.55 -9.74
N LYS G 229 -42.60 -33.89 -8.60
CA LYS G 229 -43.10 -34.42 -7.32
C LYS G 229 -43.92 -33.40 -6.53
N GLY G 230 -44.43 -32.39 -7.24
CA GLY G 230 -45.20 -31.32 -6.61
C GLY G 230 -44.63 -29.96 -6.91
N ASP G 231 -45.53 -28.98 -7.05
CA ASP G 231 -45.17 -27.64 -7.50
C ASP G 231 -44.96 -26.64 -6.36
N LYS G 232 -45.53 -26.91 -5.19
CA LYS G 232 -45.56 -25.93 -4.10
C LYS G 232 -44.71 -26.29 -2.88
N SER G 233 -44.06 -25.27 -2.34
CA SER G 233 -43.33 -25.38 -1.05
C SER G 233 -43.64 -24.20 -0.14
N GLU G 234 -43.37 -24.41 1.14
CA GLU G 234 -43.58 -23.41 2.16
C GLU G 234 -42.27 -23.09 2.85
N PHE G 235 -41.95 -21.80 2.91
CA PHE G 235 -40.75 -21.32 3.60
C PHE G 235 -41.11 -20.48 4.80
N GLU G 236 -40.48 -20.79 5.92
CA GLU G 236 -40.57 -19.99 7.14
C GLU G 236 -39.29 -19.18 7.31
N ILE G 237 -39.44 -17.86 7.18
CA ILE G 237 -38.34 -16.91 7.46
C ILE G 237 -38.59 -16.18 8.77
N THR G 238 -37.68 -16.38 9.71
CA THR G 238 -37.80 -15.83 11.06
C THR G 238 -36.72 -14.78 11.34
N TYR G 239 -37.17 -13.53 11.54
CA TYR G 239 -36.31 -12.44 12.04
C TYR G 239 -36.66 -12.16 13.48
N GLY G 240 -35.68 -11.70 14.25
CA GLY G 240 -35.90 -11.45 15.68
C GLY G 240 -34.72 -10.94 16.50
N ARG G 241 -34.91 -10.90 17.81
CA ARG G 241 -33.91 -10.37 18.75
C ARG G 241 -33.87 -11.16 20.06
N ASN G 242 -32.71 -11.18 20.68
CA ASN G 242 -32.57 -11.58 22.08
C ASN G 242 -32.10 -10.38 22.87
N MET G 243 -32.99 -9.89 23.71
CA MET G 243 -32.75 -8.68 24.50
C MET G 243 -32.05 -9.02 25.81
N ASP G 244 -30.99 -8.29 26.10
CA ASP G 244 -30.43 -8.22 27.44
C ASP G 244 -31.01 -7.03 28.20
N ALA G 245 -30.79 -7.07 29.51
CA ALA G 245 -31.27 -6.04 30.43
C ALA G 245 -30.14 -5.60 31.35
N THR G 246 -29.90 -4.30 31.38
CA THR G 246 -28.90 -3.70 32.27
C THR G 246 -29.55 -2.78 33.30
N TYR G 247 -29.26 -3.06 34.56
CA TYR G 247 -29.83 -2.32 35.69
C TYR G 247 -28.81 -1.43 36.37
N ALA G 248 -29.26 -0.23 36.73
CA ALA G 248 -28.45 0.74 37.47
C ALA G 248 -29.26 1.52 38.51
N TYR G 249 -28.65 1.68 39.69
CA TYR G 249 -29.24 2.51 40.76
C TYR G 249 -28.17 3.05 41.72
N VAL G 250 -28.55 4.10 42.43
CA VAL G 250 -27.64 4.79 43.34
C VAL G 250 -27.90 4.41 44.80
N THR G 251 -26.87 3.86 45.45
CA THR G 251 -26.92 3.64 46.91
C THR G 251 -25.59 3.94 47.63
N ARG G 252 -25.73 4.57 48.78
CA ARG G 252 -24.62 4.94 49.69
C ARG G 252 -23.55 5.78 49.00
N HIS G 253 -23.97 6.74 48.20
CA HIS G 253 -23.05 7.65 47.49
C HIS G 253 -22.25 6.90 46.42
N ARG G 254 -22.77 5.78 45.96
CA ARG G 254 -22.12 4.99 44.89
C ARG G 254 -23.12 4.33 43.94
N LEU G 255 -22.64 4.05 42.73
CA LEU G 255 -23.47 3.44 41.70
C LEU G 255 -23.34 1.92 41.68
N ALA G 256 -24.48 1.27 41.84
CA ALA G 256 -24.58 -0.19 41.75
C ALA G 256 -25.14 -0.59 40.38
N VAL G 257 -24.36 -1.38 39.64
CA VAL G 257 -24.79 -1.87 38.33
C VAL G 257 -24.86 -3.39 38.27
N ASP G 258 -25.95 -3.88 37.68
CA ASP G 258 -26.14 -5.32 37.45
C ASP G 258 -26.69 -5.61 36.05
N ARG G 259 -26.58 -6.87 35.66
CA ARG G 259 -26.86 -7.30 34.29
C ARG G 259 -27.57 -8.65 34.24
N LYS G 260 -28.65 -8.70 33.48
CA LYS G 260 -29.36 -9.96 33.18
C LYS G 260 -29.19 -10.35 31.72
N HIS G 261 -28.39 -11.39 31.50
CA HIS G 261 -28.19 -11.96 30.17
C HIS G 261 -29.38 -12.85 29.83
N ASP G 262 -29.83 -12.77 28.59
CA ASP G 262 -31.02 -13.50 28.11
C ASP G 262 -32.29 -13.13 28.90
N ALA G 263 -32.44 -11.84 29.18
CA ALA G 263 -33.61 -11.33 29.90
C ALA G 263 -34.90 -11.55 29.12
N PHE G 264 -34.83 -11.32 27.81
CA PHE G 264 -35.97 -11.54 26.91
C PHE G 264 -35.48 -12.17 25.60
N LYS G 265 -35.63 -13.49 25.52
CA LYS G 265 -35.10 -14.29 24.41
C LYS G 265 -36.15 -14.54 23.33
N ASN G 266 -35.65 -14.76 22.12
CA ASN G 266 -36.48 -15.14 20.96
C ASN G 266 -37.67 -14.21 20.71
N ARG G 267 -37.43 -12.91 20.89
CA ARG G 267 -38.41 -11.89 20.49
C ARG G 267 -38.51 -11.85 18.96
N ASN G 268 -39.15 -12.89 18.42
CA ASN G 268 -39.08 -13.19 16.99
C ASN G 268 -40.41 -13.09 16.23
N VAL G 269 -40.31 -12.62 14.98
CA VAL G 269 -41.42 -12.67 14.03
C VAL G 269 -41.15 -13.72 12.98
N THR G 270 -42.16 -14.56 12.73
CA THR G 270 -42.09 -15.61 11.71
C THR G 270 -43.06 -15.34 10.58
N VAL G 271 -42.53 -15.27 9.37
CA VAL G 271 -43.34 -15.08 8.17
C VAL G 271 -43.28 -16.31 7.28
N LYS G 272 -44.46 -16.82 6.94
CA LYS G 272 -44.60 -17.99 6.06
C LYS G 272 -44.83 -17.55 4.63
N TYR G 273 -43.91 -17.93 3.75
CA TYR G 273 -44.07 -17.70 2.31
C TYR G 273 -44.37 -18.98 1.58
N GLU G 274 -45.33 -18.91 0.67
CA GLU G 274 -45.62 -20.03 -0.22
C GLU G 274 -45.01 -19.78 -1.58
N VAL G 275 -44.23 -20.76 -2.02
CA VAL G 275 -43.54 -20.69 -3.30
C VAL G 275 -44.07 -21.74 -4.25
N ASN G 276 -44.59 -21.27 -5.38
CA ASN G 276 -44.95 -22.13 -6.51
C ASN G 276 -43.80 -22.15 -7.51
N TRP G 277 -43.13 -23.29 -7.58
CA TRP G 277 -41.91 -23.47 -8.39
C TRP G 277 -42.19 -23.52 -9.89
N LYS G 278 -43.45 -23.77 -10.28
CA LYS G 278 -43.80 -23.87 -11.71
C LYS G 278 -44.31 -22.56 -12.29
N THR G 279 -45.23 -21.93 -11.56
CA THR G 279 -45.79 -20.63 -11.98
C THR G 279 -44.89 -19.45 -11.60
N HIS G 280 -43.88 -19.72 -10.77
CA HIS G 280 -42.89 -18.71 -10.31
C HIS G 280 -43.57 -17.63 -9.49
N GLU G 281 -44.58 -18.09 -8.77
CA GLU G 281 -45.46 -17.26 -7.96
C GLU G 281 -45.06 -17.35 -6.48
N VAL G 282 -45.08 -16.22 -5.80
CA VAL G 282 -44.73 -16.18 -4.37
C VAL G 282 -45.74 -15.37 -3.59
N LYS G 283 -46.33 -16.04 -2.61
CA LYS G 283 -47.38 -15.45 -1.77
C LYS G 283 -47.00 -15.45 -0.31
N ILE G 284 -47.41 -14.39 0.39
CA ILE G 284 -47.32 -14.38 1.85
C ILE G 284 -48.55 -15.12 2.42
N LYS G 285 -48.27 -16.13 3.22
CA LYS G 285 -49.29 -17.02 3.76
C LYS G 285 -49.78 -16.49 5.10
N SER G 286 -48.82 -16.16 5.96
CA SER G 286 -49.13 -15.68 7.32
C SER G 286 -47.96 -14.96 7.98
N ILE G 287 -48.29 -14.31 9.08
CA ILE G 287 -47.32 -13.58 9.91
C ILE G 287 -47.68 -13.70 11.40
N THR G 288 -46.67 -14.03 12.20
CA THR G 288 -46.81 -14.08 13.65
C THR G 288 -45.57 -13.50 14.31
N PRO G 289 -45.72 -12.45 15.13
CA PRO G 289 -46.93 -11.69 15.42
C PRO G 289 -47.14 -10.54 14.44
N LYS G 290 -48.28 -9.88 14.61
CA LYS G 290 -48.72 -8.81 13.70
C LYS G 290 -48.01 -7.49 14.01
N ALA H 21 -26.60 9.06 -25.80
CA ALA H 21 -27.02 10.37 -25.21
C ALA H 21 -26.25 11.52 -25.84
N GLU H 22 -26.87 12.16 -26.84
CA GLU H 22 -26.21 13.24 -27.59
C GLU H 22 -26.01 14.49 -26.72
N ILE H 23 -24.84 15.09 -26.90
CA ILE H 23 -24.46 16.32 -26.21
C ILE H 23 -24.29 17.43 -27.24
N ILE H 24 -24.78 18.62 -26.92
CA ILE H 24 -24.55 19.80 -27.74
C ILE H 24 -23.83 20.86 -26.89
N LYS H 25 -22.56 21.12 -27.23
CA LYS H 25 -21.73 22.03 -26.42
C LYS H 25 -21.64 23.45 -26.96
N ARG H 26 -21.63 24.38 -26.01
CA ARG H 26 -21.34 25.78 -26.25
C ARG H 26 -20.38 26.29 -25.18
N THR H 27 -19.57 27.27 -25.54
CA THR H 27 -18.66 27.89 -24.60
C THR H 27 -18.76 29.40 -24.66
N GLN H 28 -18.51 30.00 -23.52
CA GLN H 28 -18.40 31.45 -23.38
C GLN H 28 -17.25 31.77 -22.43
N ASP H 29 -16.53 32.84 -22.75
CA ASP H 29 -15.40 33.32 -21.95
C ASP H 29 -15.41 34.84 -21.89
N ILE H 30 -15.13 35.38 -20.72
CA ILE H 30 -15.13 36.83 -20.54
C ILE H 30 -14.35 37.24 -19.28
N THR H 31 -13.75 38.43 -19.35
CA THR H 31 -12.91 38.93 -18.27
C THR H 31 -13.41 40.29 -17.81
N SER H 32 -13.40 40.48 -16.50
CA SER H 32 -13.61 41.79 -15.92
C SER H 32 -12.26 42.42 -15.64
N LYS H 33 -11.87 43.35 -16.51
CA LYS H 33 -10.64 44.15 -16.34
C LYS H 33 -10.56 44.73 -14.93
N ARG H 34 -11.67 45.34 -14.51
CA ARG H 34 -11.75 46.03 -13.22
C ARG H 34 -11.30 45.15 -12.04
N LEU H 35 -11.87 43.95 -11.97
CA LEU H 35 -11.68 43.04 -10.82
C LEU H 35 -10.64 41.94 -11.07
N ALA H 36 -10.21 41.82 -12.31
CA ALA H 36 -9.22 40.80 -12.69
C ALA H 36 -9.77 39.41 -12.42
N ILE H 37 -10.97 39.17 -12.95
CA ILE H 37 -11.68 37.91 -12.84
C ILE H 37 -12.07 37.45 -14.22
N THR H 38 -11.85 36.17 -14.48
CA THR H 38 -12.15 35.57 -15.79
C THR H 38 -13.06 34.34 -15.66
N GLN H 39 -14.22 34.42 -16.31
CA GLN H 39 -15.18 33.34 -16.35
C GLN H 39 -14.97 32.53 -17.62
N ASN H 40 -14.75 31.25 -17.43
CA ASN H 40 -14.63 30.26 -18.53
C ASN H 40 -15.73 29.22 -18.35
N ILE H 41 -16.79 29.38 -19.13
CA ILE H 41 -18.00 28.62 -18.90
C ILE H 41 -18.28 27.69 -20.07
N GLN H 42 -18.48 26.42 -19.75
CA GLN H 42 -18.95 25.44 -20.73
C GLN H 42 -20.41 25.09 -20.47
N PHE H 43 -21.19 25.14 -21.54
CA PHE H 43 -22.62 24.81 -21.53
C PHE H 43 -22.87 23.56 -22.38
N ASP H 44 -23.25 22.47 -21.73
CA ASP H 44 -23.51 21.20 -22.41
C ASP H 44 -24.99 20.80 -22.35
N PHE H 45 -25.68 21.06 -23.46
CA PHE H 45 -27.08 20.62 -23.63
C PHE H 45 -27.13 19.09 -23.80
N VAL H 46 -27.81 18.44 -22.86
CA VAL H 46 -27.89 16.97 -22.80
C VAL H 46 -29.23 16.46 -23.32
N LYS H 47 -29.20 15.80 -24.47
CA LYS H 47 -30.41 15.30 -25.12
C LYS H 47 -30.57 13.83 -24.77
N ASP H 48 -31.01 13.61 -23.53
CA ASP H 48 -31.25 12.25 -23.00
C ASP H 48 -32.69 11.82 -23.31
N LYS H 49 -32.81 10.87 -24.22
CA LYS H 49 -34.13 10.42 -24.70
C LYS H 49 -34.87 9.56 -23.66
N LYS H 50 -34.14 9.11 -22.65
CA LYS H 50 -34.72 8.42 -21.49
C LYS H 50 -35.26 9.40 -20.44
N TYR H 51 -35.02 10.70 -20.66
CA TYR H 51 -35.36 11.76 -19.68
C TYR H 51 -36.54 12.64 -20.10
N ASN H 52 -37.35 12.96 -19.11
CA ASN H 52 -38.65 13.64 -19.26
C ASN H 52 -38.58 15.11 -19.68
N LYS H 53 -37.41 15.70 -19.54
CA LYS H 53 -37.25 17.17 -19.68
C LYS H 53 -36.01 17.54 -20.45
N ASP H 54 -35.89 18.82 -20.78
CA ASP H 54 -34.63 19.38 -21.30
C ASP H 54 -33.61 19.38 -20.18
N ALA H 55 -32.36 19.19 -20.54
CA ALA H 55 -31.27 19.16 -19.56
C ALA H 55 -30.04 19.97 -20.00
N LEU H 56 -29.41 20.59 -19.01
CA LEU H 56 -28.24 21.43 -19.23
C LEU H 56 -27.21 21.25 -18.13
N VAL H 57 -26.01 20.86 -18.54
CA VAL H 57 -24.86 20.77 -17.64
C VAL H 57 -23.99 21.99 -17.82
N VAL H 58 -23.93 22.81 -16.77
CA VAL H 58 -23.10 24.02 -16.77
C VAL H 58 -21.81 23.78 -15.98
N LYS H 59 -20.71 23.80 -16.72
CA LYS H 59 -19.36 23.68 -16.16
C LYS H 59 -18.76 25.08 -15.96
N MET H 60 -18.64 25.46 -14.69
CA MET H 60 -18.11 26.78 -14.28
C MET H 60 -16.63 26.76 -13.93
N GLN H 61 -15.82 27.24 -14.86
CA GLN H 61 -14.35 27.36 -14.66
C GLN H 61 -13.82 28.79 -14.86
N GLY H 62 -12.51 28.93 -14.74
CA GLY H 62 -11.84 30.19 -15.06
C GLY H 62 -10.69 30.53 -14.13
N PHE H 63 -10.48 31.83 -13.96
CA PHE H 63 -9.41 32.35 -13.08
C PHE H 63 -9.83 33.61 -12.35
N ILE H 64 -9.73 33.55 -11.04
CA ILE H 64 -9.98 34.69 -10.16
C ILE H 64 -8.65 35.08 -9.54
N SER H 65 -8.11 36.21 -9.97
CA SER H 65 -6.84 36.70 -9.42
C SER H 65 -6.98 36.92 -7.93
N SER H 66 -5.90 36.69 -7.20
CA SER H 66 -5.88 36.92 -5.76
C SER H 66 -6.00 38.41 -5.47
N ARG H 67 -5.45 39.22 -6.38
CA ARG H 67 -5.34 40.68 -6.20
C ARG H 67 -4.67 41.03 -4.88
N THR H 68 -3.75 40.17 -4.45
CA THR H 68 -2.96 40.46 -3.26
C THR H 68 -2.08 41.67 -3.53
N THR H 69 -2.26 42.69 -2.70
CA THR H 69 -1.48 43.91 -2.83
C THR H 69 -0.95 44.38 -1.48
N TYR H 70 0.18 45.08 -1.56
CA TYR H 70 0.88 45.62 -0.40
C TYR H 70 1.02 47.13 -0.59
N SER H 71 0.62 47.88 0.43
CA SER H 71 0.58 49.34 0.33
C SER H 71 0.88 50.04 1.66
N ASP H 72 1.28 51.31 1.55
CA ASP H 72 1.44 52.19 2.71
C ASP H 72 0.10 52.86 2.94
N LEU H 73 -0.29 52.97 4.20
CA LEU H 73 -1.51 53.72 4.52
C LEU H 73 -1.29 55.20 4.18
N LYS H 74 -2.33 55.83 3.65
CA LYS H 74 -2.25 57.22 3.16
C LYS H 74 -1.97 58.17 4.32
N LYS H 75 -2.87 58.12 5.30
CA LYS H 75 -2.83 58.99 6.49
C LYS H 75 -1.62 58.66 7.37
N TYR H 76 -1.24 57.39 7.39
CA TYR H 76 -0.15 56.88 8.23
C TYR H 76 0.82 55.99 7.43
N PRO H 77 1.75 56.60 6.69
CA PRO H 77 2.65 55.83 5.80
C PRO H 77 3.53 54.82 6.52
N TYR H 78 3.72 55.04 7.82
CA TYR H 78 4.50 54.10 8.67
C TYR H 78 3.77 52.77 8.90
N ILE H 79 2.44 52.81 8.81
CA ILE H 79 1.61 51.60 8.91
C ILE H 79 1.50 50.85 7.57
N LYS H 80 1.90 49.58 7.60
CA LYS H 80 1.92 48.72 6.39
C LYS H 80 0.76 47.74 6.29
N ARG H 81 0.12 47.77 5.12
CA ARG H 81 -1.11 46.98 4.87
C ARG H 81 -0.94 45.94 3.76
N MET H 82 -1.22 44.69 4.12
CA MET H 82 -1.38 43.59 3.15
C MET H 82 -2.85 43.24 2.99
N ILE H 83 -3.34 43.40 1.77
CA ILE H 83 -4.72 42.99 1.42
C ILE H 83 -4.68 41.66 0.65
N TRP H 84 -5.48 40.71 1.11
CA TRP H 84 -5.46 39.34 0.56
C TRP H 84 -6.80 38.60 0.63
N PRO H 85 -7.01 37.63 -0.29
CA PRO H 85 -8.31 37.00 -0.42
C PRO H 85 -8.53 35.95 0.63
N PHE H 86 -9.45 36.21 1.54
CA PHE H 86 -9.77 35.24 2.56
C PHE H 86 -10.69 34.17 2.01
N GLN H 87 -11.58 34.63 1.15
CA GLN H 87 -12.60 33.78 0.56
C GLN H 87 -12.83 34.11 -0.91
N TYR H 88 -13.04 33.06 -1.70
CA TYR H 88 -13.48 33.18 -3.10
C TYR H 88 -14.96 32.82 -3.21
N ASN H 89 -15.69 33.66 -3.93
CA ASN H 89 -17.14 33.53 -4.07
C ASN H 89 -17.50 32.99 -5.44
N ILE H 90 -18.36 31.99 -5.44
CA ILE H 90 -18.87 31.37 -6.67
C ILE H 90 -20.37 31.05 -6.50
N SER H 91 -21.17 31.47 -7.47
CA SER H 91 -22.60 31.11 -7.47
C SER H 91 -23.22 31.11 -8.86
N LEU H 92 -24.32 30.35 -8.96
CA LEU H 92 -25.12 30.29 -10.17
C LEU H 92 -26.57 30.32 -9.80
N LYS H 93 -27.31 31.20 -10.46
CA LYS H 93 -28.69 31.53 -10.08
C LYS H 93 -29.55 31.75 -11.30
N THR H 94 -30.85 31.55 -11.11
CA THR H 94 -31.81 31.80 -12.17
C THR H 94 -33.15 32.26 -11.62
N LYS H 95 -33.90 32.92 -12.48
CA LYS H 95 -35.25 33.42 -12.16
C LYS H 95 -36.33 32.70 -12.95
N ASP H 96 -35.91 31.90 -13.92
CA ASP H 96 -36.84 31.14 -14.77
C ASP H 96 -37.55 30.06 -13.96
N SER H 97 -38.86 30.20 -13.83
CA SER H 97 -39.67 29.25 -13.06
C SER H 97 -39.71 27.87 -13.71
N ASN H 98 -39.47 27.83 -15.02
CA ASN H 98 -39.41 26.57 -15.80
C ASN H 98 -38.13 25.75 -15.55
N VAL H 99 -37.17 26.36 -14.86
CA VAL H 99 -35.88 25.76 -14.63
C VAL H 99 -35.68 25.28 -13.20
N ASP H 100 -35.15 24.07 -13.08
CA ASP H 100 -34.76 23.49 -11.78
C ASP H 100 -33.30 23.09 -11.73
N LEU H 101 -32.68 23.36 -10.59
CA LEU H 101 -31.36 22.83 -10.24
C LEU H 101 -31.57 21.39 -9.77
N ILE H 102 -31.03 20.44 -10.51
CA ILE H 102 -31.25 19.01 -10.20
C ILE H 102 -30.00 18.28 -9.70
N ASN H 103 -28.85 18.89 -9.92
CA ASN H 103 -27.58 18.39 -9.35
C ASN H 103 -26.51 19.46 -9.33
N TYR H 104 -25.54 19.28 -8.43
CA TYR H 104 -24.41 20.21 -8.30
C TYR H 104 -23.25 19.57 -7.57
N LEU H 105 -22.03 19.95 -7.97
CA LEU H 105 -20.77 19.48 -7.34
C LEU H 105 -19.77 20.64 -7.18
N PRO H 106 -19.01 20.68 -6.07
CA PRO H 106 -19.05 19.72 -4.97
C PRO H 106 -20.15 20.04 -3.99
N LYS H 107 -20.47 19.04 -3.17
CA LYS H 107 -21.45 19.16 -2.09
C LYS H 107 -20.75 19.12 -0.74
N ASN H 108 -21.46 19.57 0.30
CA ASN H 108 -20.91 19.54 1.64
C ASN H 108 -20.87 18.09 2.13
N LYS H 109 -19.81 17.76 2.86
CA LYS H 109 -19.62 16.40 3.35
C LYS H 109 -19.26 16.35 4.83
N ILE H 110 -19.48 15.17 5.40
CA ILE H 110 -19.18 14.94 6.79
C ILE H 110 -17.69 14.65 6.87
N ASP H 111 -17.01 15.43 7.70
CA ASP H 111 -15.58 15.25 7.88
C ASP H 111 -15.27 13.88 8.53
N SER H 112 -14.14 13.32 8.14
CA SER H 112 -13.71 12.01 8.63
C SER H 112 -12.25 12.08 9.11
N ALA H 113 -11.94 11.25 10.10
CA ALA H 113 -10.61 11.23 10.70
C ALA H 113 -10.24 9.84 11.18
N ASP H 114 -8.98 9.47 10.98
CA ASP H 114 -8.44 8.24 11.53
C ASP H 114 -8.00 8.46 12.96
N VAL H 115 -8.41 7.55 13.84
CA VAL H 115 -8.07 7.62 15.25
C VAL H 115 -7.31 6.37 15.65
N SER H 116 -6.27 6.59 16.43
CA SER H 116 -5.52 5.50 17.04
C SER H 116 -5.40 5.80 18.53
N GLN H 117 -5.84 4.85 19.35
CA GLN H 117 -5.89 5.03 20.79
C GLN H 117 -5.21 3.88 21.51
N LYS H 118 -4.34 4.23 22.45
CA LYS H 118 -3.49 3.26 23.14
C LYS H 118 -3.57 3.36 24.65
N LEU H 119 -3.77 2.20 25.27
CA LEU H 119 -3.74 2.03 26.72
C LEU H 119 -2.70 0.97 27.08
N GLY H 120 -1.86 1.28 28.05
CA GLY H 120 -0.82 0.35 28.49
C GLY H 120 -0.44 0.41 29.96
N TYR H 121 0.19 -0.67 30.42
CA TYR H 121 0.74 -0.74 31.78
C TYR H 121 2.15 -1.29 31.77
N ASN H 122 2.92 -0.87 32.77
CA ASN H 122 4.24 -1.45 33.07
C ASN H 122 4.34 -1.87 34.53
N ILE H 123 4.88 -3.06 34.76
CA ILE H 123 5.15 -3.57 36.11
C ILE H 123 6.58 -4.05 36.20
N GLY H 124 7.39 -3.26 36.89
CA GLY H 124 8.82 -3.54 37.06
C GLY H 124 9.27 -3.97 38.45
N GLY H 125 10.32 -4.77 38.46
CA GLY H 125 11.05 -5.10 39.68
C GLY H 125 12.55 -4.87 39.49
N ASN H 126 13.25 -4.66 40.60
CA ASN H 126 14.70 -4.49 40.54
C ASN H 126 15.43 -4.82 41.84
N PHE H 127 16.69 -5.19 41.69
CA PHE H 127 17.55 -5.57 42.81
C PHE H 127 18.90 -4.87 42.69
N GLN H 128 19.40 -4.43 43.83
CA GLN H 128 20.73 -3.79 43.93
C GLN H 128 21.57 -4.41 45.05
N SER H 129 22.89 -4.30 44.88
CA SER H 129 23.86 -4.98 45.79
C SER H 129 24.25 -4.10 46.97
N ALA H 130 23.46 -3.05 47.20
CA ALA H 130 23.66 -2.13 48.33
C ALA H 130 23.72 -2.81 49.71
N PRO H 131 22.82 -3.78 49.99
CA PRO H 131 21.78 -4.26 49.11
C PRO H 131 20.44 -3.59 49.28
N SER H 132 19.75 -3.43 48.15
CA SER H 132 18.36 -2.96 48.13
C SER H 132 17.48 -3.70 47.13
N ILE H 133 16.19 -3.67 47.41
CA ILE H 133 15.17 -4.22 46.52
C ILE H 133 14.15 -3.14 46.14
N GLY H 134 13.92 -3.05 44.83
CA GLY H 134 13.05 -2.02 44.26
C GLY H 134 11.87 -2.55 43.46
N GLY H 135 10.77 -1.80 43.52
CA GLY H 135 9.57 -2.10 42.74
C GLY H 135 9.15 -0.93 41.87
N SER H 136 8.31 -1.22 40.88
CA SER H 136 7.81 -0.19 39.96
C SER H 136 6.45 -0.54 39.35
N GLY H 137 5.66 0.50 39.15
CA GLY H 137 4.32 0.37 38.58
C GLY H 137 3.97 1.60 37.74
N SER H 138 3.42 1.37 36.57
CA SER H 138 3.21 2.46 35.61
C SER H 138 2.04 2.25 34.67
N PHE H 139 1.45 3.36 34.26
CA PHE H 139 0.27 3.37 33.40
C PHE H 139 0.42 4.44 32.33
N ASN H 140 0.15 4.06 31.08
CA ASN H 140 0.23 5.00 29.95
C ASN H 140 -1.01 5.03 29.04
N TYR H 141 -1.35 6.25 28.63
CA TYR H 141 -2.45 6.51 27.70
C TYR H 141 -1.96 7.45 26.61
N SER H 142 -2.37 7.17 25.38
CA SER H 142 -2.14 8.08 24.25
C SER H 142 -3.20 7.95 23.17
N LYS H 143 -3.54 9.09 22.59
CA LYS H 143 -4.48 9.15 21.48
C LYS H 143 -3.93 9.99 20.34
N THR H 144 -4.01 9.44 19.15
CA THR H 144 -3.58 10.11 17.92
C THR H 144 -4.74 10.22 16.97
N ILE H 145 -4.98 11.44 16.51
CA ILE H 145 -6.00 11.71 15.51
C ILE H 145 -5.32 12.19 14.24
N SER H 146 -5.79 11.67 13.11
CA SER H 146 -5.10 11.86 11.83
C SER H 146 -6.08 12.21 10.72
N TYR H 147 -5.78 13.29 10.02
CA TYR H 147 -6.71 13.88 9.07
C TYR H 147 -6.04 14.74 7.99
N ASN H 148 -6.80 14.97 6.93
CA ASN H 148 -6.34 15.75 5.78
C ASN H 148 -6.73 17.21 5.95
N GLN H 149 -5.84 18.09 5.49
CA GLN H 149 -6.10 19.54 5.49
C GLN H 149 -5.92 20.12 4.11
N LYS H 150 -6.76 21.10 3.82
CA LYS H 150 -6.69 21.86 2.59
C LYS H 150 -6.35 23.29 2.97
N ASN H 151 -5.63 23.98 2.09
CA ASN H 151 -5.37 25.41 2.26
C ASN H 151 -6.70 26.12 2.39
N TYR H 152 -7.57 25.87 1.41
CA TYR H 152 -8.92 26.46 1.37
C TYR H 152 -10.00 25.39 1.37
N VAL H 153 -11.00 25.55 2.25
CA VAL H 153 -12.14 24.61 2.28
C VAL H 153 -13.30 25.15 1.46
N THR H 154 -13.92 24.27 0.68
CA THR H 154 -15.06 24.62 -0.18
C THR H 154 -16.38 24.22 0.49
N GLU H 155 -17.23 25.21 0.74
CA GLU H 155 -18.51 25.02 1.42
C GLU H 155 -19.68 25.52 0.60
N VAL H 156 -20.73 24.71 0.52
CA VAL H 156 -22.02 25.17 0.03
C VAL H 156 -22.66 26.09 1.07
N GLU H 157 -22.83 27.35 0.68
CA GLU H 157 -23.34 28.37 1.61
C GLU H 157 -24.83 28.54 1.50
N SER H 158 -25.35 28.24 0.32
CA SER H 158 -26.80 28.12 0.14
C SER H 158 -27.11 27.44 -1.18
N GLN H 159 -28.23 26.72 -1.21
CA GLN H 159 -28.74 26.16 -2.47
C GLN H 159 -30.20 25.79 -2.43
N ASN H 160 -30.84 25.99 -3.57
CA ASN H 160 -32.25 25.64 -3.75
C ASN H 160 -32.52 25.28 -5.20
N SER H 161 -33.78 25.24 -5.59
CA SER H 161 -34.13 24.77 -6.93
C SER H 161 -33.75 25.75 -8.04
N LYS H 162 -33.43 26.98 -7.66
CA LYS H 162 -33.14 28.06 -8.62
C LYS H 162 -31.69 28.47 -8.62
N GLY H 163 -30.88 27.79 -7.81
CA GLY H 163 -29.49 28.17 -7.68
C GLY H 163 -28.73 27.62 -6.52
N VAL H 164 -27.43 27.90 -6.57
CA VAL H 164 -26.49 27.43 -5.58
C VAL H 164 -25.32 28.40 -5.46
N LYS H 165 -24.79 28.50 -4.25
CA LYS H 165 -23.72 29.41 -3.92
C LYS H 165 -22.70 28.75 -3.03
N TRP H 166 -21.45 28.86 -3.47
CA TRP H 166 -20.29 28.32 -2.77
C TRP H 166 -19.40 29.43 -2.24
N GLY H 167 -18.71 29.10 -1.16
CA GLY H 167 -17.62 29.91 -0.63
C GLY H 167 -16.40 29.04 -0.45
N VAL H 168 -15.30 29.45 -1.07
CA VAL H 168 -14.00 28.79 -0.92
C VAL H 168 -13.16 29.60 0.08
N LYS H 169 -13.07 29.07 1.30
CA LYS H 169 -12.60 29.84 2.48
C LYS H 169 -11.23 29.44 2.94
N ALA H 170 -10.42 30.44 3.28
CA ALA H 170 -9.09 30.21 3.82
C ALA H 170 -9.23 29.38 5.08
N ASN H 171 -8.40 28.36 5.19
CA ASN H 171 -8.52 27.38 6.26
C ASN H 171 -7.24 27.27 7.06
N SER H 172 -6.21 26.70 6.45
CA SER H 172 -4.97 26.39 7.15
C SER H 172 -3.76 26.36 6.22
N PHE H 173 -2.61 26.71 6.78
CA PHE H 173 -1.38 26.88 5.97
C PHE H 173 -0.15 26.28 6.61
N VAL H 174 0.69 25.71 5.75
CA VAL H 174 1.94 25.13 6.18
C VAL H 174 2.97 26.24 6.36
N THR H 175 3.62 26.21 7.51
CA THR H 175 4.73 27.12 7.81
C THR H 175 5.79 26.39 8.60
N PRO H 176 7.01 26.98 8.69
CA PRO H 176 7.94 26.38 9.64
C PRO H 176 7.34 26.51 11.03
N ASN H 177 7.64 25.55 11.90
CA ASN H 177 7.02 25.43 13.21
C ASN H 177 5.50 25.20 13.21
N GLY H 178 5.04 24.49 12.19
CA GLY H 178 3.70 23.89 12.20
C GLY H 178 2.67 24.53 11.29
N GLN H 179 1.44 24.03 11.41
CA GLN H 179 0.32 24.60 10.67
C GLN H 179 -0.20 25.83 11.39
N VAL H 180 -0.65 26.81 10.61
CA VAL H 180 -1.27 28.03 11.14
C VAL H 180 -2.68 28.22 10.59
N SER H 181 -3.58 28.64 11.48
CA SER H 181 -4.95 28.92 11.09
C SER H 181 -5.06 30.24 10.33
N ALA H 182 -5.93 30.22 9.33
CA ALA H 182 -6.24 31.42 8.54
C ALA H 182 -6.77 32.57 9.40
N TYR H 183 -7.34 32.23 10.56
CA TYR H 183 -7.95 33.21 11.47
C TYR H 183 -6.95 33.77 12.49
N ASP H 184 -5.71 33.28 12.43
CA ASP H 184 -4.62 33.80 13.26
C ASP H 184 -4.29 35.23 12.80
N GLN H 185 -4.35 36.16 13.74
CA GLN H 185 -4.26 37.59 13.41
C GLN H 185 -2.86 38.03 13.00
N TYR H 186 -1.86 37.30 13.46
CA TYR H 186 -0.46 37.59 13.15
C TYR H 186 -0.01 36.97 11.81
N LEU H 187 -0.94 36.27 11.15
CA LEU H 187 -0.68 35.59 9.87
C LEU H 187 -0.01 36.47 8.82
N PHE H 188 0.99 35.90 8.17
CA PHE H 188 1.73 36.54 7.05
C PHE H 188 2.63 37.70 7.44
N ALA H 189 2.40 38.28 8.61
CA ALA H 189 3.25 39.36 9.11
C ALA H 189 4.64 38.82 9.44
N GLN H 190 5.64 39.68 9.30
CA GLN H 190 7.01 39.32 9.67
C GLN H 190 7.84 40.51 10.13
N ASP H 191 8.93 40.19 10.83
CA ASP H 191 9.91 41.22 11.26
C ASP H 191 10.48 41.88 10.00
N PRO H 192 10.29 43.19 9.86
CA PRO H 192 10.58 43.82 8.58
C PRO H 192 12.02 43.64 8.15
N THR H 193 12.19 43.37 6.86
CA THR H 193 13.49 43.14 6.24
C THR H 193 13.87 44.35 5.39
N GLY H 194 13.15 45.46 5.60
CA GLY H 194 13.35 46.69 4.84
C GLY H 194 12.28 47.74 5.14
N PRO H 195 12.36 48.90 4.47
CA PRO H 195 11.44 50.01 4.72
C PRO H 195 10.13 49.92 3.94
N ALA H 196 10.14 49.18 2.84
CA ALA H 196 8.96 49.08 1.96
C ALA H 196 7.82 48.23 2.56
N ALA H 197 6.62 48.42 2.03
CA ALA H 197 5.41 47.72 2.50
C ALA H 197 5.56 46.20 2.42
N ARG H 198 6.11 45.73 1.32
CA ARG H 198 6.25 44.29 1.03
C ARG H 198 7.12 43.57 2.07
N ASP H 199 8.11 44.30 2.58
CA ASP H 199 9.14 43.73 3.46
C ASP H 199 8.61 43.40 4.85
N TYR H 200 7.47 44.01 5.19
CA TYR H 200 6.79 43.76 6.48
C TYR H 200 5.97 42.47 6.46
N PHE H 201 5.95 41.81 5.31
CA PHE H 201 5.18 40.59 5.11
C PHE H 201 5.96 39.47 4.45
N VAL H 202 5.58 38.23 4.78
CA VAL H 202 6.30 37.03 4.33
C VAL H 202 6.48 36.98 2.80
N PRO H 203 7.60 36.40 2.33
CA PRO H 203 7.83 36.33 0.89
C PRO H 203 6.88 35.40 0.13
N ASP H 204 6.90 35.54 -1.19
CA ASP H 204 5.99 34.79 -2.07
C ASP H 204 6.08 33.28 -1.84
N ASN H 205 7.29 32.79 -1.62
CA ASN H 205 7.52 31.34 -1.44
C ASN H 205 6.97 30.77 -0.13
N GLN H 206 6.47 31.64 0.73
CA GLN H 206 5.78 31.22 1.96
C GLN H 206 4.28 31.46 1.87
N LEU H 207 3.82 31.87 0.69
CA LEU H 207 2.40 32.09 0.43
C LEU H 207 1.83 30.96 -0.44
N PRO H 208 0.60 30.51 -0.14
CA PRO H 208 -0.02 29.48 -0.96
C PRO H 208 -0.41 30.05 -2.32
N PRO H 209 -0.51 29.20 -3.35
CA PRO H 209 -0.90 29.66 -4.68
C PRO H 209 -2.17 30.48 -4.71
N LEU H 210 -3.11 30.16 -3.82
CA LEU H 210 -4.42 30.85 -3.82
C LEU H 210 -4.33 32.30 -3.32
N ILE H 211 -3.18 32.64 -2.75
CA ILE H 211 -2.88 34.01 -2.33
C ILE H 211 -1.81 34.67 -3.20
N GLN H 212 -0.80 33.87 -3.57
CA GLN H 212 0.30 34.34 -4.40
C GLN H 212 -0.12 34.61 -5.84
N SER H 213 -1.06 33.82 -6.35
CA SER H 213 -1.54 33.95 -7.73
C SER H 213 -3.05 34.13 -7.83
N GLY H 214 -3.78 33.17 -7.29
CA GLY H 214 -5.24 33.18 -7.34
C GLY H 214 -5.87 31.80 -7.44
N PHE H 215 -7.16 31.80 -7.71
CA PHE H 215 -8.01 30.62 -7.66
C PHE H 215 -8.53 30.25 -9.06
N ASN H 216 -8.47 28.95 -9.35
CA ASN H 216 -8.98 28.38 -10.60
C ASN H 216 -10.25 27.55 -10.30
N PRO H 217 -11.43 28.18 -10.31
CA PRO H 217 -12.58 27.43 -9.85
C PRO H 217 -12.93 26.25 -10.75
N SER H 218 -13.61 25.29 -10.16
CA SER H 218 -14.09 24.10 -10.86
C SER H 218 -15.37 23.64 -10.20
N PHE H 219 -16.47 24.09 -10.76
CA PHE H 219 -17.81 23.86 -10.22
C PHE H 219 -18.75 23.41 -11.32
N ILE H 220 -19.76 22.62 -10.94
CA ILE H 220 -20.67 22.02 -11.88
C ILE H 220 -22.09 22.06 -11.37
N THR H 221 -23.00 22.38 -12.29
CA THR H 221 -24.43 22.35 -12.01
C THR H 221 -25.20 21.74 -13.16
N THR H 222 -26.12 20.84 -12.81
CA THR H 222 -27.04 20.27 -13.80
C THR H 222 -28.39 20.90 -13.59
N LEU H 223 -28.98 21.33 -14.68
CA LEU H 223 -30.25 22.07 -14.65
C LEU H 223 -31.24 21.45 -15.61
N SER H 224 -32.47 21.27 -15.13
CA SER H 224 -33.59 20.84 -15.98
C SER H 224 -34.43 22.03 -16.41
N HIS H 225 -35.21 21.79 -17.46
CA HIS H 225 -36.07 22.82 -18.05
C HIS H 225 -37.36 22.19 -18.59
N GLU H 226 -38.48 22.68 -18.08
CA GLU H 226 -39.81 22.19 -18.48
C GLU H 226 -40.07 22.54 -19.94
N ARG H 227 -40.78 21.67 -20.64
CA ARG H 227 -41.01 21.86 -22.08
C ARG H 227 -42.37 22.48 -22.36
N GLY H 228 -42.43 23.22 -23.47
CA GLY H 228 -43.67 23.84 -23.96
C GLY H 228 -44.17 25.04 -23.18
N LYS H 229 -43.29 25.69 -22.43
CA LYS H 229 -43.67 26.87 -21.62
C LYS H 229 -42.73 28.06 -21.82
N GLY H 230 -42.00 28.03 -22.93
CA GLY H 230 -41.02 29.08 -23.22
C GLY H 230 -39.65 28.51 -23.49
N ASP H 231 -38.94 29.15 -24.42
CA ASP H 231 -37.65 28.64 -24.91
C ASP H 231 -36.44 29.25 -24.22
N LYS H 232 -36.60 30.42 -23.63
CA LYS H 232 -35.45 31.19 -23.11
C LYS H 232 -35.39 31.31 -21.59
N SER H 233 -34.16 31.21 -21.08
CA SER H 233 -33.87 31.48 -19.66
C SER H 233 -32.64 32.35 -19.50
N GLU H 234 -32.54 32.96 -18.33
CA GLU H 234 -31.42 33.81 -17.98
C GLU H 234 -30.69 33.24 -16.76
N PHE H 235 -29.38 33.09 -16.89
CA PHE H 235 -28.52 32.64 -15.79
C PHE H 235 -27.56 33.72 -15.35
N GLU H 236 -27.50 33.92 -14.04
CA GLU H 236 -26.53 34.83 -13.42
C GLU H 236 -25.43 34.02 -12.74
N ILE H 237 -24.23 34.07 -13.33
CA ILE H 237 -23.03 33.46 -12.74
C ILE H 237 -22.11 34.53 -12.13
N THR H 238 -21.93 34.44 -10.81
CA THR H 238 -21.16 35.42 -10.04
C THR H 238 -19.86 34.80 -9.49
N TYR H 239 -18.72 35.30 -9.99
CA TYR H 239 -17.40 35.01 -9.39
C TYR H 239 -16.88 36.24 -8.64
N GLY H 240 -16.08 36.01 -7.61
CA GLY H 240 -15.63 37.10 -6.74
C GLY H 240 -14.73 36.73 -5.56
N ARG H 241 -14.49 37.73 -4.71
CA ARG H 241 -13.58 37.59 -3.55
C ARG H 241 -14.04 38.37 -2.35
N ASN H 242 -13.68 37.86 -1.18
CA ASN H 242 -13.77 38.62 0.06
C ASN H 242 -12.37 38.83 0.59
N MET H 243 -11.93 40.07 0.53
CA MET H 243 -10.57 40.44 0.93
C MET H 243 -10.49 40.74 2.41
N ASP H 244 -9.51 40.13 3.06
CA ASP H 244 -9.07 40.57 4.38
C ASP H 244 -7.91 41.56 4.25
N ALA H 245 -7.66 42.23 5.37
CA ALA H 245 -6.60 43.21 5.48
C ALA H 245 -5.74 42.96 6.72
N THR H 246 -4.43 42.85 6.51
CA THR H 246 -3.47 42.68 7.61
C THR H 246 -2.52 43.87 7.70
N TYR H 247 -2.49 44.44 8.91
CA TYR H 247 -1.69 45.62 9.19
C TYR H 247 -0.47 45.32 10.05
N ALA H 248 0.64 45.95 9.69
CA ALA H 248 1.88 45.88 10.47
C ALA H 248 2.63 47.21 10.53
N TYR H 249 3.13 47.52 11.72
CA TYR H 249 4.00 48.70 11.92
C TYR H 249 4.93 48.53 13.12
N VAL H 250 5.99 49.34 13.13
CA VAL H 250 7.02 49.26 14.17
C VAL H 250 6.87 50.38 15.19
N THR H 251 6.70 49.99 16.45
CA THR H 251 6.71 50.93 17.57
C THR H 251 7.56 50.43 18.74
N ARG H 252 8.38 51.32 19.27
CA ARG H 252 9.20 51.05 20.46
C ARG H 252 10.15 49.86 20.26
N HIS H 253 10.72 49.77 19.06
CA HIS H 253 11.66 48.72 18.69
C HIS H 253 10.98 47.34 18.67
N ARG H 254 9.65 47.36 18.49
CA ARG H 254 8.83 46.15 18.48
C ARG H 254 7.74 46.21 17.42
N LEU H 255 7.34 45.03 16.92
CA LEU H 255 6.35 44.95 15.84
C LEU H 255 4.93 44.76 16.35
N ALA H 256 4.07 45.70 15.97
CA ALA H 256 2.64 45.64 16.27
C ALA H 256 1.86 45.18 15.04
N VAL H 257 1.15 44.05 15.18
CA VAL H 257 0.35 43.51 14.08
C VAL H 257 -1.14 43.46 14.42
N ASP H 258 -1.95 43.88 13.46
CA ASP H 258 -3.42 43.81 13.60
C ASP H 258 -4.09 43.31 12.31
N ARG H 259 -5.34 42.91 12.44
CA ARG H 259 -6.09 42.23 11.38
C ARG H 259 -7.55 42.68 11.30
N LYS H 260 -7.97 43.02 10.09
CA LYS H 260 -9.40 43.32 9.81
C LYS H 260 -10.01 42.24 8.93
N HIS H 261 -10.88 41.44 9.55
CA HIS H 261 -11.63 40.42 8.84
C HIS H 261 -12.81 41.08 8.12
N ASP H 262 -13.06 40.64 6.90
CA ASP H 262 -14.11 41.23 6.04
C ASP H 262 -13.88 42.72 5.76
N ALA H 263 -12.62 43.07 5.49
CA ALA H 263 -12.23 44.44 5.17
C ALA H 263 -12.88 44.93 3.87
N PHE H 264 -12.90 44.05 2.89
CA PHE H 264 -13.54 44.33 1.59
C PHE H 264 -14.29 43.09 1.10
N LYS H 265 -15.60 43.11 1.31
CA LYS H 265 -16.45 41.95 1.04
C LYS H 265 -17.12 42.05 -0.32
N ASN H 266 -17.46 40.89 -0.87
CA ASN H 266 -18.24 40.78 -2.10
C ASN H 266 -17.67 41.57 -3.27
N ARG H 267 -16.35 41.55 -3.37
CA ARG H 267 -15.66 42.08 -4.55
C ARG H 267 -15.95 41.18 -5.76
N ASN H 268 -17.17 41.28 -6.25
CA ASN H 268 -17.73 40.30 -7.20
C ASN H 268 -18.08 40.85 -8.58
N VAL H 269 -17.84 40.00 -9.57
CA VAL H 269 -18.32 40.25 -10.93
C VAL H 269 -19.48 39.31 -11.24
N THR H 270 -20.56 39.88 -11.76
CA THR H 270 -21.76 39.10 -12.17
C THR H 270 -21.97 39.15 -13.69
N VAL H 271 -22.04 37.97 -14.29
CA VAL H 271 -22.24 37.82 -15.73
C VAL H 271 -23.59 37.14 -16.01
N LYS H 272 -24.39 37.80 -16.82
CA LYS H 272 -25.71 37.32 -17.22
C LYS H 272 -25.61 36.60 -18.56
N TYR H 273 -25.93 35.31 -18.55
CA TYR H 273 -26.01 34.52 -19.79
C TYR H 273 -27.46 34.24 -20.15
N GLU H 274 -27.78 34.39 -21.43
CA GLU H 274 -29.09 34.00 -21.95
C GLU H 274 -29.01 32.69 -22.67
N VAL H 275 -29.85 31.76 -22.24
CA VAL H 275 -29.87 30.41 -22.79
C VAL H 275 -31.17 30.15 -23.53
N ASN H 276 -31.04 29.86 -24.82
CA ASN H 276 -32.16 29.37 -25.62
C ASN H 276 -32.13 27.84 -25.68
N TRP H 277 -33.09 27.25 -24.99
CA TRP H 277 -33.15 25.78 -24.82
C TRP H 277 -33.53 25.02 -26.08
N LYS H 278 -34.13 25.72 -27.05
CA LYS H 278 -34.57 25.07 -28.30
C LYS H 278 -33.53 25.15 -29.41
N THR H 279 -32.99 26.35 -29.60
CA THR H 279 -31.95 26.58 -30.62
C THR H 279 -30.55 26.18 -30.14
N HIS H 280 -30.43 25.93 -28.83
CA HIS H 280 -29.16 25.51 -28.18
C HIS H 280 -28.12 26.60 -28.29
N GLU H 281 -28.64 27.82 -28.23
CA GLU H 281 -27.86 29.04 -28.39
C GLU H 281 -27.59 29.66 -27.03
N VAL H 282 -26.38 30.16 -26.83
CA VAL H 282 -26.00 30.82 -25.58
C VAL H 282 -25.29 32.13 -25.85
N LYS H 283 -25.85 33.20 -25.30
CA LYS H 283 -25.31 34.56 -25.50
C LYS H 283 -24.99 35.22 -24.15
N ILE H 284 -23.93 36.02 -24.15
CA ILE H 284 -23.61 36.88 -23.01
C ILE H 284 -24.47 38.16 -23.12
N LYS H 285 -25.24 38.40 -22.07
CA LYS H 285 -26.21 39.48 -22.05
C LYS H 285 -25.58 40.74 -21.49
N SER H 286 -24.89 40.57 -20.38
CA SER H 286 -24.26 41.70 -19.67
C SER H 286 -23.18 41.26 -18.68
N ILE H 287 -22.38 42.24 -18.28
CA ILE H 287 -21.32 42.03 -17.28
C ILE H 287 -21.16 43.25 -16.40
N THR H 288 -21.09 43.00 -15.10
CA THR H 288 -20.90 44.05 -14.11
C THR H 288 -19.96 43.56 -13.00
N PRO H 289 -18.84 44.25 -12.77
CA PRO H 289 -18.30 45.38 -13.52
C PRO H 289 -17.43 44.96 -14.70
N LYS H 290 -17.02 45.96 -15.47
CA LYS H 290 -16.27 45.76 -16.71
C LYS H 290 -14.79 45.46 -16.44
C1 MPD I . 27.10 27.57 6.52
C2 MPD I . 25.93 27.48 5.55
O2 MPD I . 25.82 28.69 4.80
CM MPD I . 26.12 26.31 4.60
C3 MPD I . 24.65 27.27 6.34
C4 MPD I . 24.06 28.56 6.90
O4 MPD I . 23.08 29.09 6.01
C5 MPD I . 23.41 28.32 8.26
C1 MPD J . 34.28 -15.94 11.60
C2 MPD J . 33.06 -15.06 11.36
O2 MPD J . 33.28 -14.29 10.17
CM MPD J . 31.80 -15.90 11.17
C3 MPD J . 32.85 -14.12 12.54
C4 MPD J . 33.75 -12.89 12.51
O4 MPD J . 33.40 -11.98 11.45
C5 MPD J . 33.68 -12.15 13.84
C1 MPD K . -5.63 -19.48 34.10
C2 MPD K . -5.07 -18.67 32.94
O2 MPD K . -4.37 -19.55 32.07
CM MPD K . -6.19 -17.99 32.16
C3 MPD K . -4.13 -17.60 33.46
C4 MPD K . -2.71 -18.12 33.70
O4 MPD K . -2.03 -18.42 32.48
C5 MPD K . -1.90 -17.08 34.48
C1 MPD L . -13.02 25.30 27.49
C2 MPD L . -12.58 24.13 26.65
O2 MPD L . -13.63 23.15 26.63
CM MPD L . -12.28 24.56 25.22
C3 MPD L . -11.31 23.50 27.23
C4 MPD L . -11.57 22.59 28.42
O4 MPD L . -12.12 21.33 27.99
C5 MPD L . -10.30 22.35 29.21
#